data_9BPW
#
_entry.id   9BPW
#
_cell.length_a   243.865
_cell.length_b   108.891
_cell.length_c   109.023
_cell.angle_alpha   90.000
_cell.angle_beta   116.620
_cell.angle_gamma   90.000
#
_symmetry.space_group_name_H-M   'C 1 2 1'
#
loop_
_entity.id
_entity.type
_entity.pdbx_description
1 polymer 'Fumarate hydratase class II'
2 non-polymer 'FUMARIC ACID'
3 non-polymer 'FORMIC ACID'
4 non-polymer 'SULFATE ION'
5 non-polymer 'CHLORIDE ION'
6 water water
#
_entity_poly.entity_id   1
_entity_poly.type   'polypeptide(L)'
_entity_poly.pdbx_seq_one_letter_code
;MSVRIEHDTFGEIEVPADKYWGAQTERSKRNFPVGKERMPIEVVYGFAQLKRAAAIANFDLGKLSEAKKDAIVYACDQIL
SGELDEHFPLVVWQTGSGTQSNMNVNEVVSYVANMYLKDHQSDESIHPNDDVNKSQSSNDTFPTAMHVALYQEVETKLEP
ALKLLRNTLKEKEDKFDSIIKIGRTHLQDATPIKLGQEISGWRYMLDRCETMLSESKKHILNLAIGGTAVGTGINAHPEF
GDKVAHYISENTGYPFVSSENKFHALTAHDEVVQLHGTLKALAGDLMKIANDVRWLASGPRAGLAEISIPENEPGSSIMP
GKVNPTQCEMLTMVAVQVMGNDTVVGFASSQGNFELNVYKPVIMHNTLQSIYLLADGMETFNNNCAVGIEPIEENIDNYL
NQSLMLVTALNPHIGYEKAAQIAKKAHKEGLTLKESAIQTGYVTEEQFEAWIKPEDMVDPH
;
_entity_poly.pdbx_strand_id   A,B,C,D
#
# COMPACT_ATOMS: atom_id res chain seq x y z
N MET A 1 -14.45 41.95 -14.91
CA MET A 1 -13.10 41.62 -15.32
C MET A 1 -12.06 42.51 -14.60
N SER A 2 -12.54 43.31 -13.65
CA SER A 2 -11.69 44.27 -12.97
C SER A 2 -10.72 43.58 -12.00
N VAL A 3 -9.66 44.29 -11.67
CA VAL A 3 -8.62 43.76 -10.79
C VAL A 3 -8.27 44.81 -9.74
N ARG A 4 -7.62 44.34 -8.68
N ARG A 4 -7.59 44.34 -8.70
CA ARG A 4 -7.05 45.17 -7.63
CA ARG A 4 -7.05 45.19 -7.65
C ARG A 4 -5.54 44.91 -7.63
C ARG A 4 -5.55 44.91 -7.56
N ILE A 5 -4.74 45.96 -7.52
CA ILE A 5 -3.29 45.81 -7.52
C ILE A 5 -2.81 45.67 -6.08
N GLU A 6 -2.20 44.54 -5.77
CA GLU A 6 -1.52 44.30 -4.51
C GLU A 6 0.00 44.32 -4.75
N HIS A 7 0.76 44.36 -3.66
CA HIS A 7 2.21 44.44 -3.81
C HIS A 7 2.90 43.64 -2.71
N ASP A 8 4.08 43.13 -3.03
CA ASP A 8 4.98 42.51 -2.06
C ASP A 8 6.43 42.87 -2.38
N THR A 9 7.38 41.99 -2.02
CA THR A 9 8.78 42.27 -2.30
C THR A 9 9.15 42.03 -3.75
N PHE A 10 8.35 41.23 -4.47
CA PHE A 10 8.60 40.97 -5.88
C PHE A 10 7.97 41.99 -6.82
N GLY A 11 7.16 42.91 -6.30
CA GLY A 11 6.56 43.94 -7.12
C GLY A 11 5.05 44.03 -7.02
N GLU A 12 4.39 44.46 -8.08
CA GLU A 12 2.94 44.59 -8.11
C GLU A 12 2.32 43.36 -8.79
N ILE A 13 1.16 42.95 -8.29
CA ILE A 13 0.50 41.77 -8.82
C ILE A 13 -1.00 41.99 -8.76
N GLU A 14 -1.69 41.59 -9.84
CA GLU A 14 -3.13 41.76 -9.94
C GLU A 14 -3.87 40.69 -9.16
N VAL A 15 -4.81 41.12 -8.33
CA VAL A 15 -5.75 40.25 -7.65
C VAL A 15 -7.13 40.56 -8.24
N PRO A 16 -7.97 39.57 -8.50
CA PRO A 16 -9.32 39.87 -9.00
C PRO A 16 -10.06 40.77 -8.04
N ALA A 17 -10.74 41.79 -8.60
CA ALA A 17 -11.36 42.81 -7.77
C ALA A 17 -12.37 42.24 -6.78
N ASP A 18 -13.04 41.15 -7.14
CA ASP A 18 -14.06 40.54 -6.30
C ASP A 18 -13.49 39.50 -5.35
N LYS A 19 -12.17 39.41 -5.22
CA LYS A 19 -11.53 38.41 -4.39
C LYS A 19 -10.78 39.08 -3.26
N TYR A 20 -10.81 38.45 -2.09
CA TYR A 20 -10.36 39.07 -0.86
C TYR A 20 -8.96 38.67 -0.45
N TRP A 21 -8.26 37.85 -1.24
CA TRP A 21 -6.92 37.49 -0.84
C TRP A 21 -5.92 38.55 -1.31
N GLY A 22 -4.69 38.46 -0.81
CA GLY A 22 -3.68 39.45 -1.05
C GLY A 22 -2.57 38.96 -1.97
N ALA A 23 -1.46 39.71 -1.97
CA ALA A 23 -0.35 39.44 -2.87
C ALA A 23 0.27 38.07 -2.62
N GLN A 24 0.30 37.62 -1.37
CA GLN A 24 0.95 36.36 -1.08
C GLN A 24 0.13 35.19 -1.63
N THR A 25 -1.19 35.23 -1.47
CA THR A 25 -2.01 34.14 -1.99
C THR A 25 -1.95 34.11 -3.51
N GLU A 26 -1.91 35.29 -4.15
CA GLU A 26 -1.92 35.36 -5.59
C GLU A 26 -0.60 34.87 -6.18
N ARG A 27 0.53 35.26 -5.58
CA ARG A 27 1.80 34.70 -6.01
C ARG A 27 1.88 33.20 -5.72
N SER A 28 1.40 32.78 -4.55
CA SER A 28 1.43 31.34 -4.23
C SER A 28 0.58 30.55 -5.22
N LYS A 29 -0.59 31.09 -5.57
CA LYS A 29 -1.45 30.44 -6.56
C LYS A 29 -0.73 30.26 -7.88
N ARG A 30 0.00 31.27 -8.34
CA ARG A 30 0.68 31.17 -9.62
C ARG A 30 1.88 30.24 -9.57
N ASN A 31 2.50 30.10 -8.40
CA ASN A 31 3.73 29.33 -8.29
C ASN A 31 3.49 27.83 -8.15
N PHE A 32 2.28 27.41 -7.80
CA PHE A 32 1.95 25.98 -7.66
C PHE A 32 0.73 25.62 -8.49
N PRO A 33 0.83 25.71 -9.83
CA PRO A 33 -0.29 25.32 -10.69
C PRO A 33 -0.32 23.82 -10.92
N VAL A 34 -0.55 23.08 -9.84
CA VAL A 34 -0.33 21.64 -9.83
C VAL A 34 -1.64 20.94 -9.51
N GLY A 35 -2.11 20.13 -10.45
CA GLY A 35 -3.21 19.24 -10.16
C GLY A 35 -4.54 19.96 -10.14
N LYS A 36 -5.53 19.27 -9.58
CA LYS A 36 -6.90 19.73 -9.62
C LYS A 36 -7.54 19.70 -8.23
N GLU A 37 -6.76 19.48 -7.19
CA GLU A 37 -7.27 19.23 -5.83
C GLU A 37 -7.05 20.50 -5.02
N ARG A 38 -8.09 21.32 -4.90
CA ARG A 38 -8.00 22.50 -4.07
C ARG A 38 -7.83 22.10 -2.62
N MET A 39 -7.06 22.88 -1.87
CA MET A 39 -6.95 22.66 -0.44
C MET A 39 -8.35 22.61 0.17
N PRO A 40 -8.69 21.58 0.94
CA PRO A 40 -10.08 21.40 1.35
C PRO A 40 -10.61 22.55 2.20
N ILE A 41 -11.84 22.98 1.90
CA ILE A 41 -12.42 24.11 2.62
C ILE A 41 -12.56 23.79 4.10
N GLU A 42 -12.74 22.51 4.43
CA GLU A 42 -12.80 22.10 5.83
C GLU A 42 -11.55 22.54 6.60
N VAL A 43 -10.37 22.47 5.98
CA VAL A 43 -9.20 22.91 6.74
C VAL A 43 -9.12 24.43 6.81
N VAL A 44 -9.71 25.14 5.85
CA VAL A 44 -9.84 26.59 5.95
C VAL A 44 -10.71 26.94 7.16
N TYR A 45 -11.81 26.23 7.35
CA TYR A 45 -12.65 26.45 8.53
C TYR A 45 -11.89 26.11 9.82
N GLY A 46 -11.01 25.10 9.78
CA GLY A 46 -10.16 24.84 10.94
C GLY A 46 -9.26 26.02 11.26
N PHE A 47 -8.66 26.61 10.22
CA PHE A 47 -7.86 27.83 10.36
C PHE A 47 -8.69 28.98 10.92
N ALA A 48 -9.96 29.08 10.50
CA ALA A 48 -10.82 30.15 11.00
C ALA A 48 -11.11 30.00 12.48
N GLN A 49 -11.34 28.77 12.95
CA GLN A 49 -11.46 28.55 14.39
C GLN A 49 -10.18 28.97 15.11
N LEU A 50 -9.03 28.64 14.51
CA LEU A 50 -7.75 29.00 15.11
C LEU A 50 -7.55 30.51 15.16
N LYS A 51 -7.76 31.20 14.03
CA LYS A 51 -7.57 32.65 14.02
C LYS A 51 -8.56 33.35 14.95
N ARG A 52 -9.79 32.83 15.03
CA ARG A 52 -10.79 33.35 15.95
C ARG A 52 -10.31 33.22 17.39
N ALA A 53 -9.94 32.00 17.79
CA ALA A 53 -9.46 31.75 19.14
C ALA A 53 -8.20 32.54 19.45
N ALA A 54 -7.29 32.65 18.48
CA ALA A 54 -6.06 33.40 18.70
C ALA A 54 -6.33 34.89 18.90
N ALA A 55 -7.32 35.44 18.20
CA ALA A 55 -7.67 36.83 18.45
C ALA A 55 -8.13 37.03 19.88
N ILE A 56 -8.98 36.13 20.39
CA ILE A 56 -9.48 36.25 21.76
C ILE A 56 -8.35 36.03 22.76
N ALA A 57 -7.52 35.00 22.55
CA ALA A 57 -6.42 34.76 23.47
C ALA A 57 -5.46 35.94 23.52
N ASN A 58 -5.07 36.45 22.35
CA ASN A 58 -4.17 37.61 22.31
C ASN A 58 -4.81 38.82 22.98
N PHE A 59 -6.11 39.01 22.79
CA PHE A 59 -6.81 40.07 23.51
C PHE A 59 -6.72 39.87 25.01
N ASP A 60 -6.91 38.63 25.47
CA ASP A 60 -6.82 38.34 26.90
C ASP A 60 -5.44 38.66 27.45
N LEU A 61 -4.40 38.44 26.64
CA LEU A 61 -3.04 38.70 27.07
C LEU A 61 -2.63 40.15 26.93
N GLY A 62 -3.57 41.02 26.58
CA GLY A 62 -3.26 42.44 26.40
C GLY A 62 -2.38 42.70 25.19
N LYS A 63 -2.47 41.87 24.16
CA LYS A 63 -1.65 42.00 22.97
C LYS A 63 -2.42 42.46 21.75
N LEU A 64 -3.74 42.56 21.84
CA LEU A 64 -4.60 42.92 20.72
C LEU A 64 -5.71 43.81 21.26
N SER A 65 -6.01 44.89 20.53
CA SER A 65 -7.07 45.78 20.99
C SER A 65 -8.43 45.10 20.88
N GLU A 66 -9.42 45.67 21.57
CA GLU A 66 -10.75 45.10 21.50
C GLU A 66 -11.34 45.23 20.11
N ALA A 67 -11.17 46.39 19.47
CA ALA A 67 -11.73 46.59 18.14
C ALA A 67 -11.13 45.63 17.13
N LYS A 68 -9.80 45.44 17.18
CA LYS A 68 -9.18 44.48 16.29
C LYS A 68 -9.68 43.06 16.58
N LYS A 69 -9.85 42.73 17.86
CA LYS A 69 -10.35 41.41 18.23
C LYS A 69 -11.76 41.18 17.69
N ASP A 70 -12.67 42.13 17.95
CA ASP A 70 -14.04 41.99 17.46
C ASP A 70 -14.10 41.91 15.95
N ALA A 71 -13.22 42.64 15.26
CA ALA A 71 -13.22 42.64 13.81
C ALA A 71 -12.66 41.32 13.26
N ILE A 72 -11.63 40.78 13.91
CA ILE A 72 -11.10 39.48 13.49
C ILE A 72 -12.12 38.38 13.79
N VAL A 73 -12.74 38.40 14.97
CA VAL A 73 -13.75 37.40 15.30
C VAL A 73 -14.87 37.42 14.26
N TYR A 74 -15.40 38.61 13.97
CA TYR A 74 -16.43 38.76 12.96
C TYR A 74 -16.00 38.16 11.63
N ALA A 75 -14.80 38.52 11.17
CA ALA A 75 -14.30 38.00 9.90
C ALA A 75 -14.22 36.49 9.91
N CYS A 76 -13.74 35.91 11.03
CA CYS A 76 -13.66 34.46 11.12
C CYS A 76 -15.05 33.84 11.07
N ASP A 77 -16.04 34.51 11.68
CA ASP A 77 -17.40 33.97 11.66
C ASP A 77 -18.03 34.10 10.28
N GLN A 78 -17.61 35.11 9.50
CA GLN A 78 -17.99 35.15 8.09
C GLN A 78 -17.49 33.92 7.35
N ILE A 79 -16.23 33.54 7.59
CA ILE A 79 -15.71 32.32 6.97
C ILE A 79 -16.49 31.11 7.44
N LEU A 80 -16.67 30.98 8.75
CA LEU A 80 -17.30 29.77 9.29
C LEU A 80 -18.77 29.66 8.88
N SER A 81 -19.43 30.76 8.54
CA SER A 81 -20.80 30.67 8.09
C SER A 81 -20.93 30.31 6.61
N GLY A 82 -19.81 30.08 5.92
CA GLY A 82 -19.85 29.67 4.52
C GLY A 82 -19.99 30.78 3.50
N GLU A 83 -19.81 32.04 3.91
CA GLU A 83 -20.01 33.15 2.98
C GLU A 83 -18.79 33.44 2.11
N LEU A 84 -17.65 32.82 2.37
CA LEU A 84 -16.41 33.28 1.75
C LEU A 84 -15.61 32.14 1.11
N ASP A 85 -16.28 31.05 0.73
CA ASP A 85 -15.54 29.87 0.28
C ASP A 85 -14.74 30.14 -0.98
N GLU A 86 -15.17 31.10 -1.80
CA GLU A 86 -14.48 31.35 -3.06
C GLU A 86 -13.17 32.10 -2.88
N HIS A 87 -12.86 32.56 -1.67
CA HIS A 87 -11.66 33.36 -1.44
C HIS A 87 -10.45 32.52 -1.03
N PHE A 88 -10.52 31.20 -1.23
CA PHE A 88 -9.44 30.28 -0.85
C PHE A 88 -9.15 29.40 -2.06
N PRO A 89 -8.23 29.82 -2.92
CA PRO A 89 -8.02 29.15 -4.21
C PRO A 89 -6.83 28.22 -4.30
N LEU A 90 -6.08 28.04 -3.21
CA LEU A 90 -4.82 27.33 -3.30
C LEU A 90 -5.05 25.82 -3.30
N VAL A 91 -4.10 25.09 -3.90
CA VAL A 91 -4.24 23.66 -4.07
C VAL A 91 -3.58 22.91 -2.91
N VAL A 92 -3.86 21.60 -2.82
CA VAL A 92 -3.19 20.74 -1.85
C VAL A 92 -1.69 20.76 -2.07
N TRP A 93 -1.26 20.79 -3.33
CA TRP A 93 0.13 20.57 -3.71
C TRP A 93 0.95 21.86 -3.62
N GLN A 94 1.00 22.41 -2.40
CA GLN A 94 1.71 23.63 -2.07
C GLN A 94 2.92 23.31 -1.19
N THR A 95 3.35 24.27 -0.38
N THR A 95 3.36 24.28 -0.38
CA THR A 95 4.37 24.03 0.62
CA THR A 95 4.42 24.02 0.58
C THR A 95 3.95 22.90 1.54
C THR A 95 3.98 22.96 1.58
N GLY A 96 4.91 22.09 1.98
CA GLY A 96 4.60 20.95 2.84
C GLY A 96 4.20 21.32 4.25
N SER A 97 4.44 22.56 4.67
CA SER A 97 3.98 23.02 5.97
C SER A 97 2.58 23.62 5.92
N GLY A 98 2.00 23.78 4.74
CA GLY A 98 0.74 24.49 4.64
C GLY A 98 0.83 25.97 4.93
N THR A 99 2.03 26.55 4.88
CA THR A 99 2.19 27.99 5.14
C THR A 99 1.30 28.83 4.23
N GLN A 100 1.23 28.47 2.95
CA GLN A 100 0.51 29.33 2.01
C GLN A 100 -0.97 29.38 2.33
N SER A 101 -1.57 28.27 2.75
CA SER A 101 -2.97 28.36 3.13
C SER A 101 -3.13 29.12 4.45
N ASN A 102 -2.15 29.03 5.36
CA ASN A 102 -2.19 29.86 6.55
C ASN A 102 -2.25 31.33 6.18
N MET A 103 -1.40 31.76 5.24
N MET A 103 -1.39 31.76 5.25
CA MET A 103 -1.38 33.18 4.89
CA MET A 103 -1.35 33.16 4.85
C MET A 103 -2.60 33.56 4.05
C MET A 103 -2.59 33.55 4.07
N ASN A 104 -3.16 32.62 3.31
CA ASN A 104 -4.42 32.85 2.62
C ASN A 104 -5.51 33.25 3.61
N VAL A 105 -5.62 32.51 4.72
CA VAL A 105 -6.58 32.85 5.77
C VAL A 105 -6.20 34.19 6.42
N ASN A 106 -4.91 34.40 6.71
CA ASN A 106 -4.50 35.68 7.29
C ASN A 106 -4.92 36.85 6.41
N GLU A 107 -4.79 36.70 5.09
CA GLU A 107 -5.09 37.81 4.20
C GLU A 107 -6.60 38.04 4.09
N VAL A 108 -7.37 36.97 3.87
CA VAL A 108 -8.82 37.09 3.75
C VAL A 108 -9.42 37.63 5.04
N VAL A 109 -8.99 37.07 6.17
CA VAL A 109 -9.47 37.54 7.47
C VAL A 109 -9.14 39.02 7.65
N SER A 110 -7.91 39.41 7.33
CA SER A 110 -7.51 40.80 7.45
C SER A 110 -8.36 41.70 6.54
N TYR A 111 -8.67 41.22 5.33
CA TYR A 111 -9.45 42.03 4.39
C TYR A 111 -10.86 42.27 4.91
N VAL A 112 -11.52 41.21 5.37
CA VAL A 112 -12.88 41.34 5.87
C VAL A 112 -12.90 42.13 7.17
N ALA A 113 -11.88 41.91 8.02
CA ALA A 113 -11.80 42.62 9.30
C ALA A 113 -11.64 44.12 9.11
N ASN A 114 -10.79 44.53 8.17
CA ASN A 114 -10.64 45.96 7.92
C ASN A 114 -11.93 46.56 7.37
N MET A 115 -12.70 45.79 6.60
CA MET A 115 -14.01 46.29 6.18
C MET A 115 -14.91 46.54 7.39
N TYR A 116 -14.91 45.61 8.35
CA TYR A 116 -15.67 45.80 9.58
C TYR A 116 -15.23 47.07 10.29
N LEU A 117 -13.92 47.26 10.47
CA LEU A 117 -13.44 48.41 11.20
C LEU A 117 -13.86 49.72 10.53
N LYS A 118 -13.80 49.77 9.20
CA LYS A 118 -14.21 50.98 8.49
C LYS A 118 -15.72 51.16 8.53
N ASP A 119 -16.49 50.07 8.42
CA ASP A 119 -17.94 50.20 8.56
C ASP A 119 -18.36 50.65 9.95
N HIS A 120 -17.48 50.49 10.94
CA HIS A 120 -17.71 50.99 12.29
C HIS A 120 -16.93 52.26 12.58
N GLN A 121 -16.39 52.92 11.55
CA GLN A 121 -15.69 54.20 11.70
C GLN A 121 -14.57 54.10 12.72
N SER A 122 -13.78 53.04 12.63
CA SER A 122 -12.62 52.84 13.48
C SER A 122 -11.37 53.36 12.77
N ASP A 123 -10.48 53.97 13.55
CA ASP A 123 -9.18 54.42 13.02
C ASP A 123 -8.14 53.31 12.96
N GLU A 124 -8.43 52.12 13.48
CA GLU A 124 -7.45 51.05 13.53
C GLU A 124 -7.50 50.20 12.26
N SER A 125 -6.39 49.53 11.97
CA SER A 125 -6.28 48.70 10.77
C SER A 125 -5.66 47.34 11.11
N ILE A 126 -6.19 46.29 10.47
CA ILE A 126 -5.72 44.92 10.64
C ILE A 126 -4.62 44.63 9.63
N HIS A 127 -3.59 43.91 10.05
CA HIS A 127 -2.53 43.43 9.17
C HIS A 127 -2.45 41.92 9.23
N PRO A 128 -2.19 41.24 8.10
CA PRO A 128 -2.27 39.77 8.10
C PRO A 128 -1.28 39.11 9.06
N ASN A 129 -0.03 39.54 9.09
CA ASN A 129 0.95 38.88 9.95
C ASN A 129 0.95 39.45 11.36
N ASP A 130 1.06 40.77 11.48
CA ASP A 130 1.19 41.38 12.80
C ASP A 130 -0.05 41.16 13.66
N ASP A 131 -1.23 41.03 13.06
CA ASP A 131 -2.46 40.89 13.83
C ASP A 131 -3.09 39.52 13.70
N VAL A 132 -3.44 39.08 12.50
CA VAL A 132 -4.20 37.83 12.37
C VAL A 132 -3.32 36.63 12.71
N ASN A 133 -2.02 36.73 12.44
CA ASN A 133 -1.08 35.65 12.72
C ASN A 133 -0.26 35.90 13.99
N LYS A 134 -0.69 36.84 14.82
CA LYS A 134 0.06 37.20 16.02
C LYS A 134 0.16 36.01 16.98
N SER A 135 1.35 35.83 17.56
CA SER A 135 1.72 34.76 18.48
C SER A 135 1.76 33.40 17.81
N GLN A 136 1.52 33.32 16.51
CA GLN A 136 1.50 32.09 15.76
C GLN A 136 2.75 31.98 14.89
N SER A 137 2.89 30.82 14.28
CA SER A 137 3.95 30.60 13.30
C SER A 137 3.36 29.91 12.08
N SER A 138 4.14 29.92 11.01
CA SER A 138 3.74 29.18 9.82
C SER A 138 3.63 27.68 10.08
N ASN A 139 4.26 27.17 11.15
CA ASN A 139 4.45 25.74 11.30
C ASN A 139 3.50 25.09 12.30
N ASP A 140 3.05 25.80 13.34
CA ASP A 140 2.15 25.18 14.29
C ASP A 140 0.68 25.46 13.97
N THR A 141 0.38 26.27 12.95
CA THR A 141 -1.01 26.59 12.65
C THR A 141 -1.68 25.50 11.80
N PHE A 142 -1.06 25.08 10.71
CA PHE A 142 -1.69 24.09 9.86
C PHE A 142 -1.95 22.75 10.56
N PRO A 143 -1.04 22.20 11.38
CA PRO A 143 -1.41 20.97 12.10
C PRO A 143 -2.57 21.17 13.06
N THR A 144 -2.67 22.36 13.68
CA THR A 144 -3.83 22.68 14.51
C THR A 144 -5.11 22.71 13.68
N ALA A 145 -5.10 23.43 12.57
CA ALA A 145 -6.26 23.45 11.67
C ALA A 145 -6.62 22.05 11.22
N MET A 146 -5.61 21.25 10.85
CA MET A 146 -5.87 19.91 10.36
C MET A 146 -6.60 19.06 11.41
N HIS A 147 -6.08 19.05 12.64
CA HIS A 147 -6.71 18.26 13.69
C HIS A 147 -8.09 18.78 14.05
N VAL A 148 -8.26 20.10 14.06
CA VAL A 148 -9.59 20.65 14.29
C VAL A 148 -10.54 20.17 13.19
N ALA A 149 -10.11 20.30 11.94
CA ALA A 149 -11.01 19.95 10.84
C ALA A 149 -11.28 18.45 10.79
N LEU A 150 -10.26 17.62 11.06
CA LEU A 150 -10.46 16.18 10.99
C LEU A 150 -11.40 15.70 12.10
N TYR A 151 -11.20 16.19 13.32
CA TYR A 151 -12.06 15.78 14.42
C TYR A 151 -13.49 16.21 14.19
N GLN A 152 -13.69 17.43 13.70
CA GLN A 152 -15.05 17.87 13.42
C GLN A 152 -15.68 17.00 12.34
N GLU A 153 -14.89 16.63 11.32
CA GLU A 153 -15.42 15.79 10.26
C GLU A 153 -15.83 14.41 10.79
N VAL A 154 -15.09 13.89 11.76
CA VAL A 154 -15.50 12.64 12.39
C VAL A 154 -16.82 12.83 13.12
N GLU A 155 -16.93 13.93 13.86
CA GLU A 155 -18.12 14.17 14.68
C GLU A 155 -19.36 14.43 13.83
N THR A 156 -19.23 15.22 12.77
CA THR A 156 -20.42 15.70 12.05
C THR A 156 -20.82 14.83 10.87
N LYS A 157 -19.87 14.09 10.28
CA LYS A 157 -20.16 13.28 9.11
C LYS A 157 -20.04 11.79 9.40
N LEU A 158 -18.89 11.35 9.90
CA LEU A 158 -18.63 9.92 10.01
C LEU A 158 -19.49 9.28 11.11
N GLU A 159 -19.49 9.87 12.31
CA GLU A 159 -20.29 9.28 13.38
C GLU A 159 -21.76 9.15 13.03
N PRO A 160 -22.48 10.20 12.58
CA PRO A 160 -23.92 10.00 12.29
C PRO A 160 -24.17 8.97 11.21
N ALA A 161 -23.34 8.93 10.17
CA ALA A 161 -23.56 7.96 9.10
C ALA A 161 -23.30 6.53 9.58
N LEU A 162 -22.26 6.32 10.39
CA LEU A 162 -22.02 4.99 10.95
C LEU A 162 -23.20 4.53 11.80
N LYS A 163 -23.71 5.42 12.65
CA LYS A 163 -24.86 5.09 13.48
C LYS A 163 -26.10 4.83 12.63
N LEU A 164 -26.28 5.57 11.53
CA LEU A 164 -27.42 5.35 10.65
C LEU A 164 -27.37 3.95 10.04
N LEU A 165 -26.25 3.59 9.41
CA LEU A 165 -26.14 2.27 8.81
C LEU A 165 -26.19 1.17 9.87
N ARG A 166 -25.53 1.38 11.01
CA ARG A 166 -25.53 0.37 12.06
C ARG A 166 -26.93 0.14 12.60
N ASN A 167 -27.68 1.21 12.86
CA ASN A 167 -29.04 1.04 13.37
C ASN A 167 -29.91 0.29 12.36
N THR A 168 -29.76 0.57 11.07
CA THR A 168 -30.52 -0.17 10.06
C THR A 168 -30.18 -1.65 10.09
N LEU A 169 -28.88 -1.99 10.09
CA LEU A 169 -28.50 -3.40 10.13
C LEU A 169 -29.00 -4.08 11.40
N LYS A 170 -28.96 -3.37 12.53
CA LYS A 170 -29.53 -3.92 13.76
C LYS A 170 -31.01 -4.22 13.59
N GLU A 171 -31.74 -3.36 12.89
CA GLU A 171 -33.17 -3.58 12.71
C GLU A 171 -33.44 -4.79 11.82
N LYS A 172 -32.70 -4.91 10.71
CA LYS A 172 -32.84 -6.08 9.86
C LYS A 172 -32.47 -7.35 10.61
N GLU A 173 -31.46 -7.28 11.48
CA GLU A 173 -31.03 -8.42 12.28
C GLU A 173 -32.19 -8.93 13.15
N ASP A 174 -32.87 -8.01 13.83
CA ASP A 174 -33.97 -8.41 14.72
C ASP A 174 -35.18 -8.88 13.91
N LYS A 175 -35.46 -8.24 12.78
CA LYS A 175 -36.63 -8.63 11.99
C LYS A 175 -36.46 -10.00 11.36
N PHE A 176 -35.26 -10.29 10.84
CA PHE A 176 -34.98 -11.54 10.13
C PHE A 176 -34.37 -12.59 11.05
N ASP A 177 -34.47 -12.39 12.36
CA ASP A 177 -33.89 -13.36 13.27
C ASP A 177 -34.54 -14.73 13.17
N SER A 178 -35.83 -14.78 12.84
CA SER A 178 -36.56 -16.04 12.77
C SER A 178 -36.38 -16.76 11.43
N ILE A 179 -35.57 -16.21 10.51
CA ILE A 179 -35.40 -16.77 9.18
C ILE A 179 -34.13 -17.63 9.17
N ILE A 180 -34.29 -18.94 8.95
CA ILE A 180 -33.17 -19.88 8.97
C ILE A 180 -32.70 -20.13 7.55
N LYS A 181 -31.44 -19.81 7.26
CA LYS A 181 -30.81 -20.08 5.97
C LYS A 181 -29.65 -21.05 6.16
N ILE A 182 -28.94 -21.33 5.06
CA ILE A 182 -27.81 -22.26 5.04
C ILE A 182 -26.52 -21.46 5.03
N GLY A 183 -25.68 -21.66 6.04
CA GLY A 183 -24.40 -20.99 6.04
C GLY A 183 -23.49 -21.45 4.91
N ARG A 184 -22.49 -20.63 4.62
CA ARG A 184 -21.48 -20.95 3.63
C ARG A 184 -20.13 -20.56 4.19
N THR A 185 -19.20 -21.52 4.16
CA THR A 185 -17.80 -21.33 4.52
C THR A 185 -16.96 -21.89 3.37
N HIS A 186 -15.91 -21.18 2.98
CA HIS A 186 -15.13 -21.48 1.77
C HIS A 186 -15.98 -21.39 0.50
N LEU A 187 -17.16 -20.79 0.59
CA LEU A 187 -18.22 -20.74 -0.43
C LEU A 187 -18.96 -22.06 -0.56
N GLN A 188 -18.67 -23.04 0.31
CA GLN A 188 -19.32 -24.34 0.31
C GLN A 188 -20.47 -24.36 1.31
N ASP A 189 -21.49 -25.16 1.02
CA ASP A 189 -22.64 -25.31 1.91
C ASP A 189 -22.17 -25.70 3.31
N ALA A 190 -22.80 -25.11 4.33
CA ALA A 190 -22.47 -25.40 5.72
C ALA A 190 -23.78 -25.57 6.50
N THR A 191 -23.67 -25.63 7.83
CA THR A 191 -24.82 -25.82 8.71
C THR A 191 -25.73 -24.59 8.73
N PRO A 192 -26.96 -24.73 9.23
CA PRO A 192 -27.90 -23.59 9.23
C PRO A 192 -27.37 -22.39 10.01
N ILE A 193 -27.93 -21.24 9.67
CA ILE A 193 -27.66 -20.00 10.39
C ILE A 193 -28.86 -19.08 10.18
N LYS A 194 -29.26 -18.38 11.24
CA LYS A 194 -30.32 -17.39 11.10
C LYS A 194 -29.84 -16.28 10.16
N LEU A 195 -30.71 -15.85 9.25
CA LEU A 195 -30.37 -14.68 8.45
C LEU A 195 -30.02 -13.50 9.36
N GLY A 196 -30.76 -13.33 10.45
CA GLY A 196 -30.44 -12.28 11.39
C GLY A 196 -29.08 -12.45 12.03
N GLN A 197 -28.67 -13.70 12.28
CA GLN A 197 -27.34 -13.95 12.81
C GLN A 197 -26.25 -13.53 11.81
N GLU A 198 -26.42 -13.87 10.53
CA GLU A 198 -25.47 -13.41 9.52
C GLU A 198 -25.42 -11.89 9.46
N ILE A 199 -26.59 -11.24 9.53
CA ILE A 199 -26.59 -9.77 9.53
C ILE A 199 -25.94 -9.25 10.82
N SER A 200 -26.13 -9.96 11.94
CA SER A 200 -25.53 -9.53 13.19
C SER A 200 -24.01 -9.41 13.07
N GLY A 201 -23.40 -10.22 12.21
CA GLY A 201 -21.97 -10.09 11.96
C GLY A 201 -21.60 -8.76 11.34
N TRP A 202 -22.34 -8.34 10.32
CA TRP A 202 -22.16 -7.01 9.75
C TRP A 202 -22.36 -5.93 10.81
N ARG A 203 -23.45 -6.04 11.56
CA ARG A 203 -23.76 -5.04 12.57
C ARG A 203 -22.62 -4.91 13.58
N TYR A 204 -22.09 -6.05 14.05
CA TYR A 204 -21.07 -5.97 15.08
C TYR A 204 -19.75 -5.45 14.53
N MET A 205 -19.47 -5.70 13.25
CA MET A 205 -18.38 -5.01 12.57
C MET A 205 -18.48 -3.51 12.77
N LEU A 206 -19.68 -2.95 12.62
CA LEU A 206 -19.84 -1.50 12.75
C LEU A 206 -19.73 -1.07 14.21
N ASP A 207 -20.27 -1.89 15.14
CA ASP A 207 -20.04 -1.65 16.55
C ASP A 207 -18.55 -1.67 16.89
N ARG A 208 -17.79 -2.65 16.36
CA ARG A 208 -16.35 -2.70 16.64
C ARG A 208 -15.64 -1.47 16.11
N CYS A 209 -15.96 -1.06 14.88
CA CYS A 209 -15.35 0.15 14.33
C CYS A 209 -15.72 1.39 15.13
N GLU A 210 -16.90 1.42 15.74
CA GLU A 210 -17.29 2.56 16.56
C GLU A 210 -16.47 2.60 17.85
N THR A 211 -16.33 1.46 18.52
CA THR A 211 -15.45 1.36 19.68
C THR A 211 -14.04 1.80 19.33
N MET A 212 -13.49 1.30 18.21
CA MET A 212 -12.11 1.65 17.86
C MET A 212 -12.02 3.09 17.39
N LEU A 213 -13.06 3.63 16.77
CA LEU A 213 -13.05 5.03 16.38
C LEU A 213 -13.13 5.94 17.59
N SER A 214 -13.82 5.52 18.67
CA SER A 214 -13.84 6.36 19.86
C SER A 214 -12.47 6.46 20.49
N GLU A 215 -11.66 5.39 20.39
CA GLU A 215 -10.32 5.40 20.94
C GLU A 215 -9.38 6.27 20.11
N SER A 216 -9.38 6.08 18.79
CA SER A 216 -8.40 6.78 17.96
C SER A 216 -8.75 8.25 17.74
N LYS A 217 -10.04 8.61 17.68
CA LYS A 217 -10.39 10.01 17.43
C LYS A 217 -9.99 10.91 18.60
N LYS A 218 -9.87 10.34 19.80
CA LYS A 218 -9.52 11.13 20.98
C LYS A 218 -8.14 11.76 20.87
N HIS A 219 -7.22 11.10 20.17
CA HIS A 219 -5.85 11.61 20.05
C HIS A 219 -5.76 12.78 19.08
N ILE A 220 -6.76 12.92 18.21
CA ILE A 220 -6.86 14.07 17.30
C ILE A 220 -7.22 15.35 18.03
N LEU A 221 -7.64 15.26 19.30
CA LEU A 221 -7.93 16.43 20.10
C LEU A 221 -6.68 17.18 20.56
N ASN A 222 -5.49 16.59 20.38
CA ASN A 222 -4.23 17.21 20.79
C ASN A 222 -3.73 18.15 19.70
N LEU A 223 -3.65 19.45 20.01
CA LEU A 223 -3.31 20.48 19.03
C LEU A 223 -1.87 20.95 19.18
N ALA A 224 -1.26 21.30 18.05
CA ALA A 224 0.11 21.82 18.03
C ALA A 224 0.22 23.29 18.44
N ILE A 225 -0.89 24.04 18.43
CA ILE A 225 -0.81 25.48 18.63
C ILE A 225 -0.06 25.80 19.91
N GLY A 226 0.87 26.74 19.81
CA GLY A 226 1.72 27.14 20.92
C GLY A 226 3.16 26.73 20.78
N GLY A 227 3.47 25.77 19.90
CA GLY A 227 4.85 25.41 19.65
C GLY A 227 5.61 26.39 18.78
N THR A 228 4.89 27.23 18.03
CA THR A 228 5.42 28.22 17.08
C THR A 228 6.39 27.53 16.13
N ALA A 229 7.56 28.11 15.83
CA ALA A 229 8.31 27.72 14.64
C ALA A 229 8.91 26.31 14.77
N VAL A 230 9.59 26.02 15.89
CA VAL A 230 10.26 24.73 16.04
C VAL A 230 9.72 23.90 17.19
N GLY A 231 8.69 24.36 17.89
CA GLY A 231 8.14 23.64 19.02
C GLY A 231 8.52 24.22 20.37
N THR A 232 9.48 25.14 20.39
CA THR A 232 9.93 25.73 21.65
C THR A 232 8.96 26.76 22.19
N GLY A 233 8.05 27.27 21.36
CA GLY A 233 7.11 28.29 21.80
C GLY A 233 7.65 29.70 21.83
N ILE A 234 8.85 29.93 21.29
CA ILE A 234 9.42 31.26 21.29
C ILE A 234 8.51 32.16 20.48
N ASN A 235 8.46 33.44 20.86
CA ASN A 235 7.57 34.44 20.26
C ASN A 235 6.10 34.14 20.54
N ALA A 236 5.83 33.40 21.62
CA ALA A 236 4.47 33.21 22.09
C ALA A 236 4.45 33.24 23.61
N HIS A 237 3.35 33.75 24.15
CA HIS A 237 3.15 33.75 25.60
C HIS A 237 2.96 32.32 26.10
N PRO A 238 3.45 32.01 27.30
CA PRO A 238 3.34 30.63 27.81
C PRO A 238 1.92 30.13 27.92
N GLU A 239 0.94 31.02 28.06
CA GLU A 239 -0.46 30.63 28.12
C GLU A 239 -1.16 30.61 26.78
N PHE A 240 -0.51 31.10 25.72
CA PHE A 240 -1.21 31.31 24.45
C PHE A 240 -1.80 30.00 23.92
N GLY A 241 -0.96 28.97 23.77
CA GLY A 241 -1.45 27.71 23.22
C GLY A 241 -2.66 27.18 23.97
N ASP A 242 -2.57 27.14 25.31
CA ASP A 242 -3.68 26.60 26.10
C ASP A 242 -4.93 27.45 25.97
N LYS A 243 -4.77 28.77 25.91
CA LYS A 243 -5.92 29.65 25.72
C LYS A 243 -6.58 29.42 24.37
N VAL A 244 -5.77 29.26 23.31
CA VAL A 244 -6.32 29.00 21.99
C VAL A 244 -7.10 27.68 21.97
N ALA A 245 -6.49 26.61 22.49
CA ALA A 245 -7.21 25.34 22.55
C ALA A 245 -8.52 25.48 23.30
N HIS A 246 -8.52 26.25 24.39
CA HIS A 246 -9.74 26.46 25.16
C HIS A 246 -10.83 27.13 24.33
N TYR A 247 -10.48 28.17 23.57
CA TYR A 247 -11.50 28.90 22.81
C TYR A 247 -11.99 28.11 21.61
N ILE A 248 -11.12 27.34 20.96
CA ILE A 248 -11.59 26.43 19.92
C ILE A 248 -12.61 25.45 20.49
N SER A 249 -12.32 24.91 21.68
CA SER A 249 -13.27 24.04 22.37
C SER A 249 -14.58 24.76 22.64
N GLU A 250 -14.50 25.96 23.21
CA GLU A 250 -15.71 26.75 23.43
C GLU A 250 -16.52 26.90 22.16
N ASN A 251 -15.86 27.23 21.05
CA ASN A 251 -16.62 27.53 19.85
C ASN A 251 -17.10 26.29 19.11
N THR A 252 -16.43 25.15 19.29
CA THR A 252 -16.83 23.94 18.56
C THR A 252 -17.66 22.98 19.41
N GLY A 253 -17.53 23.04 20.73
CA GLY A 253 -18.10 22.02 21.58
C GLY A 253 -17.29 20.74 21.69
N TYR A 254 -16.07 20.69 21.13
CA TYR A 254 -15.21 19.52 21.22
C TYR A 254 -14.06 19.79 22.19
N PRO A 255 -13.61 18.80 22.96
CA PRO A 255 -12.66 19.11 24.04
C PRO A 255 -11.21 19.09 23.58
N PHE A 256 -10.83 20.07 22.76
CA PHE A 256 -9.46 20.16 22.30
C PHE A 256 -8.53 20.56 23.45
N VAL A 257 -7.27 20.14 23.36
CA VAL A 257 -6.24 20.52 24.31
C VAL A 257 -4.97 20.84 23.54
N SER A 258 -4.09 21.59 24.19
CA SER A 258 -2.76 21.85 23.64
C SER A 258 -1.88 20.64 23.94
N SER A 259 -1.14 20.19 22.94
CA SER A 259 -0.38 18.95 23.05
C SER A 259 0.63 19.01 24.18
N GLU A 260 0.81 17.86 24.85
CA GLU A 260 1.79 17.75 25.93
C GLU A 260 3.22 17.90 25.43
N ASN A 261 3.48 17.73 24.12
CA ASN A 261 4.83 17.80 23.58
C ASN A 261 4.77 18.43 22.19
N LYS A 262 5.12 19.72 22.11
CA LYS A 262 5.01 20.43 20.84
C LYS A 262 6.02 19.95 19.81
N PHE A 263 7.10 19.30 20.23
CA PHE A 263 8.06 18.77 19.27
C PHE A 263 7.47 17.57 18.55
N HIS A 264 6.84 16.65 19.29
CA HIS A 264 5.98 15.64 18.67
C HIS A 264 4.93 16.29 17.77
N ALA A 265 4.30 17.37 18.25
CA ALA A 265 3.15 17.96 17.55
C ALA A 265 3.53 18.49 16.18
N LEU A 266 4.78 18.91 15.97
CA LEU A 266 5.20 19.40 14.67
C LEU A 266 5.82 18.33 13.79
N THR A 267 6.37 17.26 14.38
CA THR A 267 7.19 16.32 13.65
C THR A 267 6.53 14.99 13.38
N ALA A 268 5.38 14.70 13.98
CA ALA A 268 4.79 13.37 13.93
C ALA A 268 3.35 13.43 13.45
N HIS A 269 2.90 12.37 12.79
CA HIS A 269 1.48 12.24 12.50
C HIS A 269 0.97 10.84 12.82
N ASP A 270 1.54 10.23 13.87
CA ASP A 270 1.16 8.88 14.27
C ASP A 270 -0.25 8.84 14.82
N GLU A 271 -0.74 9.93 15.42
CA GLU A 271 -2.13 9.97 15.85
C GLU A 271 -3.08 9.92 14.65
N VAL A 272 -2.70 10.57 13.54
CA VAL A 272 -3.49 10.49 12.33
C VAL A 272 -3.34 9.12 11.66
N VAL A 273 -2.13 8.55 11.70
CA VAL A 273 -1.94 7.20 11.17
C VAL A 273 -2.83 6.20 11.91
N GLN A 274 -2.91 6.31 13.23
N GLN A 274 -2.90 6.31 13.23
CA GLN A 274 -3.80 5.43 13.98
CA GLN A 274 -3.79 5.47 14.03
C GLN A 274 -5.26 5.64 13.58
C GLN A 274 -5.24 5.65 13.59
N LEU A 275 -5.70 6.90 13.50
CA LEU A 275 -7.07 7.16 13.07
C LEU A 275 -7.32 6.58 11.69
N HIS A 276 -6.37 6.77 10.77
CA HIS A 276 -6.59 6.23 9.45
C HIS A 276 -6.57 4.70 9.48
N GLY A 277 -5.89 4.12 10.46
CA GLY A 277 -5.99 2.68 10.68
C GLY A 277 -7.42 2.25 10.97
N THR A 278 -8.13 3.02 11.80
CA THR A 278 -9.53 2.73 12.04
C THR A 278 -10.36 2.86 10.76
N LEU A 279 -10.12 3.93 9.99
CA LEU A 279 -10.85 4.13 8.73
C LEU A 279 -10.63 2.98 7.77
N LYS A 280 -9.40 2.47 7.69
N LYS A 280 -9.38 2.50 7.69
CA LYS A 280 -9.15 1.29 6.84
CA LYS A 280 -9.02 1.31 6.93
C LYS A 280 -9.84 0.05 7.40
C LYS A 280 -9.81 0.10 7.42
N ALA A 281 -9.87 -0.10 8.73
CA ALA A 281 -10.62 -1.21 9.32
C ALA A 281 -12.08 -1.17 8.91
N LEU A 282 -12.71 0.02 9.02
CA LEU A 282 -14.09 0.19 8.59
C LEU A 282 -14.25 -0.06 7.10
N ALA A 283 -13.33 0.46 6.29
CA ALA A 283 -13.43 0.28 4.85
C ALA A 283 -13.44 -1.20 4.48
N GLY A 284 -12.56 -1.99 5.08
CA GLY A 284 -12.54 -3.40 4.77
C GLY A 284 -13.81 -4.10 5.20
N ASP A 285 -14.33 -3.73 6.37
CA ASP A 285 -15.60 -4.26 6.85
C ASP A 285 -16.74 -3.93 5.89
N LEU A 286 -16.81 -2.67 5.45
CA LEU A 286 -17.89 -2.27 4.55
C LEU A 286 -17.79 -2.98 3.23
N MET A 287 -16.56 -3.26 2.76
CA MET A 287 -16.42 -4.00 1.52
C MET A 287 -16.97 -5.42 1.66
N LYS A 288 -16.70 -6.07 2.79
CA LYS A 288 -17.22 -7.41 3.05
C LYS A 288 -18.74 -7.41 3.12
N ILE A 289 -19.30 -6.47 3.90
CA ILE A 289 -20.75 -6.31 3.97
C ILE A 289 -21.33 -6.13 2.57
N ALA A 290 -20.79 -5.16 1.82
CA ALA A 290 -21.32 -4.87 0.49
C ALA A 290 -21.22 -6.08 -0.43
N ASN A 291 -20.15 -6.88 -0.30
CA ASN A 291 -20.04 -8.10 -1.11
C ASN A 291 -21.06 -9.14 -0.70
N ASP A 292 -21.27 -9.33 0.60
CA ASP A 292 -22.32 -10.26 1.02
C ASP A 292 -23.67 -9.84 0.44
N VAL A 293 -23.97 -8.55 0.51
CA VAL A 293 -25.27 -8.08 0.02
C VAL A 293 -25.41 -8.35 -1.47
N ARG A 294 -24.40 -8.00 -2.27
CA ARG A 294 -24.60 -8.20 -3.70
C ARG A 294 -24.56 -9.67 -4.08
N TRP A 295 -23.83 -10.51 -3.33
CA TRP A 295 -23.89 -11.94 -3.60
C TRP A 295 -25.24 -12.52 -3.21
N LEU A 296 -25.76 -12.13 -2.04
CA LEU A 296 -27.09 -12.60 -1.64
C LEU A 296 -28.17 -12.11 -2.60
N ALA A 297 -27.96 -10.96 -3.23
CA ALA A 297 -28.95 -10.42 -4.13
C ALA A 297 -28.73 -10.85 -5.58
N SER A 298 -27.69 -11.66 -5.84
CA SER A 298 -27.39 -12.04 -7.21
C SER A 298 -28.52 -12.88 -7.81
N GLY A 299 -28.67 -12.79 -9.13
CA GLY A 299 -29.73 -13.46 -9.82
C GLY A 299 -30.19 -12.73 -11.07
N PRO A 300 -31.48 -12.83 -11.39
CA PRO A 300 -32.55 -13.46 -10.61
C PRO A 300 -32.58 -14.98 -10.65
N ARG A 301 -32.03 -15.63 -11.68
CA ARG A 301 -32.13 -17.08 -11.79
C ARG A 301 -30.80 -17.82 -11.74
N ALA A 302 -29.67 -17.16 -11.98
CA ALA A 302 -28.38 -17.86 -12.03
C ALA A 302 -27.48 -17.50 -10.85
N GLY A 303 -28.03 -16.90 -9.80
CA GLY A 303 -27.26 -16.50 -8.65
C GLY A 303 -27.81 -17.09 -7.37
N LEU A 304 -27.65 -16.41 -6.25
CA LEU A 304 -28.09 -16.98 -4.98
C LEU A 304 -29.51 -16.55 -4.63
N ALA A 305 -29.83 -15.28 -4.86
CA ALA A 305 -31.20 -14.76 -4.74
C ALA A 305 -31.82 -15.11 -3.39
N GLU A 306 -31.08 -14.87 -2.32
CA GLU A 306 -31.64 -14.96 -0.98
C GLU A 306 -32.32 -13.67 -0.53
N ILE A 307 -32.00 -12.53 -1.15
CA ILE A 307 -32.59 -11.24 -0.77
C ILE A 307 -32.91 -10.41 -2.01
N SER A 308 -33.79 -9.43 -1.82
CA SER A 308 -34.00 -8.37 -2.79
C SER A 308 -33.46 -7.06 -2.23
N ILE A 309 -32.96 -6.21 -3.13
CA ILE A 309 -32.56 -4.86 -2.76
C ILE A 309 -33.36 -3.90 -3.63
N PRO A 310 -33.53 -2.65 -3.19
CA PRO A 310 -34.31 -1.70 -3.99
C PRO A 310 -33.64 -1.41 -5.33
N GLU A 311 -34.48 -1.19 -6.34
CA GLU A 311 -34.02 -0.80 -7.67
C GLU A 311 -34.16 0.71 -7.82
N ASN A 312 -33.03 1.39 -8.03
CA ASN A 312 -33.01 2.84 -8.13
C ASN A 312 -32.80 3.34 -9.55
N GLU A 313 -32.14 2.56 -10.42
CA GLU A 313 -32.05 2.98 -11.81
C GLU A 313 -33.15 2.31 -12.62
N PRO A 314 -33.62 2.94 -13.68
CA PRO A 314 -34.67 2.32 -14.50
C PRO A 314 -34.16 1.05 -15.16
N GLY A 315 -34.95 -0.01 -15.06
CA GLY A 315 -34.61 -1.28 -15.66
C GLY A 315 -35.10 -1.38 -17.09
N SER A 316 -35.41 -2.61 -17.50
CA SER A 316 -35.91 -2.88 -18.84
C SER A 316 -37.18 -3.71 -18.74
N SER A 317 -38.20 -3.33 -19.50
CA SER A 317 -39.42 -4.13 -19.53
C SER A 317 -39.16 -5.50 -20.13
N ILE A 318 -38.16 -5.60 -21.02
CA ILE A 318 -37.77 -6.88 -21.60
C ILE A 318 -36.75 -7.63 -20.73
N MET A 319 -36.23 -7.01 -19.68
CA MET A 319 -35.34 -7.68 -18.74
C MET A 319 -35.86 -7.54 -17.32
N PRO A 320 -36.98 -8.20 -17.00
CA PRO A 320 -37.50 -8.14 -15.63
C PRO A 320 -36.70 -9.03 -14.68
N GLY A 321 -36.52 -8.54 -13.46
CA GLY A 321 -35.79 -9.23 -12.44
C GLY A 321 -34.36 -8.75 -12.25
N LYS A 322 -33.74 -8.21 -13.30
CA LYS A 322 -32.37 -7.73 -13.21
C LYS A 322 -32.31 -6.45 -12.39
N VAL A 323 -31.65 -6.50 -11.23
CA VAL A 323 -31.40 -5.31 -10.42
C VAL A 323 -29.90 -5.30 -10.15
N ASN A 324 -29.19 -4.34 -10.74
CA ASN A 324 -27.76 -4.26 -10.49
C ASN A 324 -27.52 -3.70 -9.10
N PRO A 325 -26.66 -4.34 -8.30
CA PRO A 325 -26.38 -3.82 -6.94
C PRO A 325 -25.50 -2.59 -6.99
N THR A 326 -26.00 -1.49 -7.54
CA THR A 326 -25.10 -0.38 -7.83
C THR A 326 -24.63 0.33 -6.58
N GLN A 327 -25.41 0.33 -5.51
CA GLN A 327 -24.95 0.93 -4.25
C GLN A 327 -23.81 0.11 -3.64
N CYS A 328 -23.87 -1.22 -3.79
CA CYS A 328 -22.75 -2.05 -3.35
C CYS A 328 -21.47 -1.68 -4.10
N GLU A 329 -21.59 -1.41 -5.40
CA GLU A 329 -20.40 -1.08 -6.18
C GLU A 329 -19.81 0.26 -5.75
N MET A 330 -20.67 1.28 -5.55
CA MET A 330 -20.18 2.54 -5.02
C MET A 330 -19.42 2.35 -3.72
N LEU A 331 -20.00 1.57 -2.80
CA LEU A 331 -19.39 1.43 -1.48
C LEU A 331 -18.08 0.66 -1.53
N THR A 332 -17.94 -0.31 -2.43
CA THR A 332 -16.67 -1.02 -2.53
C THR A 332 -15.60 -0.18 -3.20
N MET A 333 -15.98 0.71 -4.12
CA MET A 333 -14.99 1.63 -4.69
C MET A 333 -14.52 2.63 -3.65
N VAL A 334 -15.44 3.17 -2.85
CA VAL A 334 -15.04 3.99 -1.70
C VAL A 334 -14.07 3.20 -0.81
N ALA A 335 -14.37 1.93 -0.55
CA ALA A 335 -13.53 1.15 0.35
C ALA A 335 -12.09 1.05 -0.15
N VAL A 336 -11.91 0.76 -1.45
CA VAL A 336 -10.53 0.61 -1.94
C VAL A 336 -9.81 1.95 -2.03
N GLN A 337 -10.55 3.05 -2.27
CA GLN A 337 -9.93 4.36 -2.20
C GLN A 337 -9.33 4.61 -0.82
N VAL A 338 -10.08 4.31 0.23
CA VAL A 338 -9.60 4.49 1.60
C VAL A 338 -8.35 3.66 1.84
N MET A 339 -8.25 2.48 1.21
CA MET A 339 -7.07 1.65 1.43
C MET A 339 -5.85 2.28 0.78
N GLY A 340 -6.02 2.89 -0.40
CA GLY A 340 -4.90 3.61 -1.00
C GLY A 340 -4.55 4.86 -0.22
N ASN A 341 -5.56 5.61 0.21
CA ASN A 341 -5.32 6.77 1.07
C ASN A 341 -4.52 6.40 2.29
N ASP A 342 -4.77 5.21 2.84
CA ASP A 342 -4.05 4.72 4.01
C ASP A 342 -2.55 4.56 3.70
N THR A 343 -2.22 4.07 2.52
CA THR A 343 -0.83 4.00 2.08
C THR A 343 -0.15 5.37 2.13
N VAL A 344 -0.79 6.40 1.57
CA VAL A 344 -0.20 7.73 1.54
C VAL A 344 0.09 8.22 2.94
N VAL A 345 -0.91 8.12 3.82
CA VAL A 345 -0.81 8.70 5.14
C VAL A 345 0.30 8.00 5.93
N GLY A 346 0.36 6.67 5.85
CA GLY A 346 1.39 5.95 6.58
C GLY A 346 2.79 6.30 6.12
N PHE A 347 2.99 6.41 4.80
N PHE A 347 2.98 6.49 4.82
CA PHE A 347 4.26 6.83 4.23
CA PHE A 347 4.33 6.80 4.34
C PHE A 347 4.62 8.23 4.70
C PHE A 347 4.68 8.26 4.54
N ALA A 348 3.71 9.18 4.46
CA ALA A 348 3.99 10.58 4.69
C ALA A 348 4.35 10.85 6.14
N SER A 349 3.73 10.12 7.08
CA SER A 349 4.05 10.31 8.49
C SER A 349 5.45 9.85 8.85
N SER A 350 6.10 9.05 8.00
CA SER A 350 7.44 8.57 8.29
C SER A 350 8.55 9.50 7.78
N GLN A 351 8.21 10.55 7.04
CA GLN A 351 9.19 11.30 6.26
C GLN A 351 9.56 12.63 6.88
N GLY A 352 9.28 12.83 8.16
CA GLY A 352 9.65 14.07 8.80
C GLY A 352 11.16 14.19 8.96
N ASN A 353 11.62 15.44 9.04
CA ASN A 353 13.03 15.71 9.29
C ASN A 353 13.15 16.74 10.41
N PHE A 354 13.96 16.41 11.41
CA PHE A 354 14.29 17.32 12.49
C PHE A 354 13.05 17.96 13.11
N GLU A 355 12.90 19.28 13.01
CA GLU A 355 11.88 19.98 13.78
C GLU A 355 10.52 20.08 13.08
N LEU A 356 10.35 19.50 11.90
CA LEU A 356 9.06 19.66 11.22
C LEU A 356 8.87 18.56 10.19
N ASN A 357 7.68 17.97 10.18
CA ASN A 357 7.24 17.13 9.07
C ASN A 357 6.53 18.01 8.06
N VAL A 358 7.06 18.09 6.84
CA VAL A 358 6.49 18.94 5.81
C VAL A 358 5.79 18.08 4.76
N TYR A 359 4.87 17.22 5.21
CA TYR A 359 3.98 16.49 4.32
C TYR A 359 2.52 16.73 4.71
N LYS A 360 2.22 17.87 5.34
CA LYS A 360 0.95 18.00 6.03
C LYS A 360 -0.25 18.15 5.09
N PRO A 361 -0.16 18.92 4.00
CA PRO A 361 -1.34 19.01 3.12
C PRO A 361 -1.80 17.67 2.57
N VAL A 362 -0.88 16.86 2.02
CA VAL A 362 -1.29 15.58 1.45
C VAL A 362 -1.86 14.65 2.51
N ILE A 363 -1.36 14.74 3.75
CA ILE A 363 -1.91 13.94 4.84
C ILE A 363 -3.34 14.38 5.13
N MET A 364 -3.55 15.70 5.23
CA MET A 364 -4.89 16.26 5.43
C MET A 364 -5.83 15.87 4.30
N HIS A 365 -5.38 16.03 3.06
CA HIS A 365 -6.19 15.70 1.88
C HIS A 365 -6.71 14.28 1.95
N ASN A 366 -5.81 13.31 2.12
CA ASN A 366 -6.19 11.91 2.08
C ASN A 366 -7.07 11.51 3.25
N THR A 367 -6.72 11.96 4.46
CA THR A 367 -7.47 11.54 5.65
C THR A 367 -8.88 12.11 5.62
N LEU A 368 -9.01 13.41 5.32
CA LEU A 368 -10.33 14.02 5.21
C LEU A 368 -11.17 13.30 4.16
N GLN A 369 -10.60 13.07 2.97
CA GLN A 369 -11.34 12.37 1.93
C GLN A 369 -11.80 11.00 2.40
N SER A 370 -10.93 10.27 3.10
CA SER A 370 -11.33 8.99 3.66
C SER A 370 -12.52 9.14 4.60
N ILE A 371 -12.52 10.18 5.44
CA ILE A 371 -13.62 10.35 6.39
C ILE A 371 -14.94 10.60 5.65
N TYR A 372 -14.96 11.58 4.73
CA TYR A 372 -16.25 11.90 4.09
C TYR A 372 -16.66 10.89 3.03
N LEU A 373 -15.72 10.14 2.44
CA LEU A 373 -16.15 9.09 1.52
C LEU A 373 -16.82 7.94 2.27
N LEU A 374 -16.26 7.53 3.41
CA LEU A 374 -16.92 6.53 4.25
C LEU A 374 -18.27 7.06 4.77
N ALA A 375 -18.30 8.32 5.22
CA ALA A 375 -19.55 8.89 5.70
C ALA A 375 -20.61 8.96 4.61
N ASP A 376 -20.30 9.63 3.49
CA ASP A 376 -21.29 9.73 2.41
C ASP A 376 -21.63 8.34 1.87
N GLY A 377 -20.63 7.45 1.82
CA GLY A 377 -20.86 6.11 1.29
C GLY A 377 -21.82 5.32 2.17
N MET A 378 -21.60 5.36 3.49
CA MET A 378 -22.50 4.66 4.40
C MET A 378 -23.89 5.26 4.40
N GLU A 379 -24.00 6.59 4.39
CA GLU A 379 -25.32 7.22 4.43
C GLU A 379 -26.13 6.83 3.20
N THR A 380 -25.51 6.92 2.02
CA THR A 380 -26.21 6.64 0.77
C THR A 380 -26.52 5.16 0.63
N PHE A 381 -25.57 4.29 0.98
CA PHE A 381 -25.83 2.84 0.96
C PHE A 381 -26.97 2.48 1.91
N ASN A 382 -27.00 3.11 3.09
CA ASN A 382 -28.12 2.94 3.99
C ASN A 382 -29.44 3.33 3.32
N ASN A 383 -29.52 4.58 2.85
CA ASN A 383 -30.80 5.11 2.38
C ASN A 383 -31.26 4.41 1.11
N ASN A 384 -30.32 4.09 0.23
CA ASN A 384 -30.65 3.67 -1.13
C ASN A 384 -30.55 2.16 -1.33
N CYS A 385 -30.16 1.42 -0.31
CA CYS A 385 -30.01 -0.04 -0.43
C CYS A 385 -30.37 -0.74 0.87
N ALA A 386 -29.62 -0.47 1.94
CA ALA A 386 -29.71 -1.28 3.16
C ALA A 386 -31.11 -1.29 3.75
N VAL A 387 -31.79 -0.14 3.82
CA VAL A 387 -33.11 -0.13 4.43
C VAL A 387 -34.09 -0.98 3.63
N GLY A 388 -33.80 -1.25 2.35
CA GLY A 388 -34.66 -2.05 1.50
C GLY A 388 -34.28 -3.51 1.39
N ILE A 389 -33.31 -3.98 2.18
CA ILE A 389 -32.91 -5.39 2.15
C ILE A 389 -34.06 -6.23 2.68
N GLU A 390 -34.58 -7.13 1.85
CA GLU A 390 -35.69 -7.99 2.19
C GLU A 390 -35.37 -9.44 1.82
N PRO A 391 -35.80 -10.41 2.62
CA PRO A 391 -35.56 -11.81 2.27
C PRO A 391 -36.48 -12.26 1.14
N ILE A 392 -36.03 -13.27 0.40
CA ILE A 392 -36.90 -13.97 -0.53
C ILE A 392 -37.15 -15.36 0.06
N GLU A 393 -38.25 -15.52 0.81
CA GLU A 393 -38.38 -16.70 1.67
C GLU A 393 -38.46 -17.99 0.87
N GLU A 394 -39.06 -17.97 -0.32
CA GLU A 394 -39.13 -19.20 -1.11
C GLU A 394 -37.73 -19.72 -1.43
N ASN A 395 -36.82 -18.84 -1.80
CA ASN A 395 -35.47 -19.26 -2.14
C ASN A 395 -34.71 -19.68 -0.88
N ILE A 396 -34.86 -18.96 0.22
CA ILE A 396 -34.20 -19.36 1.46
C ILE A 396 -34.74 -20.69 1.97
N ASP A 397 -36.06 -20.88 1.93
CA ASP A 397 -36.64 -22.13 2.41
C ASP A 397 -36.17 -23.32 1.57
N ASN A 398 -36.06 -23.13 0.26
CA ASN A 398 -35.59 -24.23 -0.60
C ASN A 398 -34.14 -24.59 -0.27
N TYR A 399 -33.28 -23.60 -0.08
CA TYR A 399 -31.91 -23.91 0.32
C TYR A 399 -31.88 -24.78 1.58
N LEU A 400 -32.70 -24.41 2.58
CA LEU A 400 -32.72 -25.14 3.84
C LEU A 400 -33.26 -26.55 3.64
N ASN A 401 -34.37 -26.68 2.90
CA ASN A 401 -35.02 -27.99 2.73
C ASN A 401 -34.20 -28.92 1.84
N GLN A 402 -33.41 -28.36 0.92
CA GLN A 402 -32.62 -29.16 0.00
C GLN A 402 -31.22 -29.45 0.51
N SER A 403 -30.84 -28.95 1.68
CA SER A 403 -29.46 -29.04 2.12
C SER A 403 -29.15 -30.42 2.66
N LEU A 404 -27.98 -30.93 2.32
CA LEU A 404 -27.47 -32.14 2.94
C LEU A 404 -26.80 -31.86 4.28
N MET A 405 -26.53 -30.60 4.60
CA MET A 405 -25.72 -30.31 5.77
C MET A 405 -26.49 -30.44 7.08
N LEU A 406 -27.78 -30.79 7.04
CA LEU A 406 -28.55 -31.03 8.25
C LEU A 406 -28.42 -32.45 8.78
N VAL A 407 -27.75 -33.33 8.04
CA VAL A 407 -27.80 -34.77 8.35
C VAL A 407 -27.20 -35.07 9.73
N THR A 408 -26.25 -34.24 10.18
CA THR A 408 -25.58 -34.50 11.45
C THR A 408 -26.53 -34.53 12.64
N ALA A 409 -27.70 -33.90 12.52
CA ALA A 409 -28.69 -33.96 13.57
C ALA A 409 -29.30 -35.34 13.74
N LEU A 410 -29.11 -36.25 12.77
CA LEU A 410 -29.59 -37.62 12.91
C LEU A 410 -28.66 -38.47 13.76
N ASN A 411 -27.42 -38.03 13.98
CA ASN A 411 -26.42 -38.87 14.65
C ASN A 411 -26.83 -39.29 16.05
N PRO A 412 -27.35 -38.42 16.92
CA PRO A 412 -27.75 -38.89 18.25
C PRO A 412 -28.86 -39.94 18.22
N HIS A 413 -29.61 -40.04 17.12
CA HIS A 413 -30.77 -40.91 17.05
C HIS A 413 -30.47 -42.25 16.40
N ILE A 414 -29.96 -42.25 15.16
CA ILE A 414 -29.73 -43.49 14.44
C ILE A 414 -28.26 -43.87 14.33
N GLY A 415 -27.34 -42.99 14.67
CA GLY A 415 -25.92 -43.27 14.63
C GLY A 415 -25.25 -42.63 13.42
N TYR A 416 -23.91 -42.64 13.45
CA TYR A 416 -23.15 -41.99 12.39
C TYR A 416 -23.29 -42.74 11.07
N GLU A 417 -23.16 -44.07 11.11
CA GLU A 417 -23.23 -44.87 9.90
C GLU A 417 -24.59 -44.75 9.24
N LYS A 418 -25.66 -44.82 10.03
CA LYS A 418 -27.02 -44.73 9.49
C LYS A 418 -27.25 -43.38 8.81
N ALA A 419 -26.79 -42.29 9.44
CA ALA A 419 -26.94 -40.97 8.83
C ALA A 419 -26.07 -40.84 7.58
N ALA A 420 -24.86 -41.42 7.62
CA ALA A 420 -23.97 -41.33 6.46
C ALA A 420 -24.60 -41.98 5.23
N GLN A 421 -25.22 -43.16 5.40
CA GLN A 421 -25.97 -43.78 4.32
C GLN A 421 -27.02 -42.81 3.74
N ILE A 422 -27.81 -42.20 4.62
CA ILE A 422 -28.87 -41.31 4.16
C ILE A 422 -28.28 -40.13 3.40
N ALA A 423 -27.19 -39.55 3.91
CA ALA A 423 -26.57 -38.41 3.23
C ALA A 423 -25.98 -38.81 1.89
N LYS A 424 -25.31 -39.96 1.83
CA LYS A 424 -24.74 -40.43 0.56
C LYS A 424 -25.83 -40.77 -0.45
N LYS A 425 -26.86 -41.51 -0.01
CA LYS A 425 -27.99 -41.81 -0.89
C LYS A 425 -28.63 -40.52 -1.42
N ALA A 426 -28.86 -39.55 -0.54
CA ALA A 426 -29.51 -38.32 -0.99
C ALA A 426 -28.65 -37.60 -2.03
N HIS A 427 -27.33 -37.62 -1.85
CA HIS A 427 -26.46 -36.95 -2.80
C HIS A 427 -26.46 -37.68 -4.14
N LYS A 428 -26.41 -39.01 -4.10
CA LYS A 428 -26.35 -39.77 -5.35
C LYS A 428 -27.67 -39.70 -6.11
N GLU A 429 -28.79 -39.81 -5.41
CA GLU A 429 -30.09 -39.94 -6.04
C GLU A 429 -30.83 -38.62 -6.16
N GLY A 430 -30.18 -37.51 -5.82
CA GLY A 430 -30.83 -36.21 -5.95
C GLY A 430 -32.04 -36.04 -5.06
N LEU A 431 -32.02 -36.64 -3.88
CA LEU A 431 -33.12 -36.55 -2.93
C LEU A 431 -32.83 -35.49 -1.87
N THR A 432 -33.88 -35.10 -1.15
CA THR A 432 -33.70 -34.41 0.10
C THR A 432 -33.30 -35.41 1.19
N LEU A 433 -32.74 -34.88 2.28
CA LEU A 433 -32.50 -35.72 3.45
C LEU A 433 -33.78 -36.41 3.92
N LYS A 434 -34.89 -35.67 3.91
CA LYS A 434 -36.18 -36.25 4.28
C LYS A 434 -36.54 -37.43 3.37
N GLU A 435 -36.43 -37.23 2.05
CA GLU A 435 -36.74 -38.32 1.12
C GLU A 435 -35.80 -39.50 1.32
N SER A 436 -34.50 -39.23 1.48
CA SER A 436 -33.53 -40.31 1.64
C SER A 436 -33.75 -41.06 2.95
N ALA A 437 -34.05 -40.33 4.03
CA ALA A 437 -34.18 -40.96 5.33
C ALA A 437 -35.41 -41.86 5.42
N ILE A 438 -36.42 -41.62 4.60
CA ILE A 438 -37.62 -42.45 4.61
C ILE A 438 -37.46 -43.67 3.70
N GLN A 439 -36.80 -43.51 2.55
CA GLN A 439 -36.65 -44.63 1.61
C GLN A 439 -35.63 -45.67 2.09
N THR A 440 -34.80 -45.33 3.08
CA THR A 440 -33.91 -46.32 3.70
C THR A 440 -34.59 -47.07 4.84
N GLY A 441 -35.74 -46.60 5.31
CA GLY A 441 -36.40 -47.19 6.45
C GLY A 441 -35.79 -46.86 7.79
N TYR A 442 -34.75 -46.03 7.81
CA TYR A 442 -34.05 -45.73 9.06
C TYR A 442 -34.81 -44.75 9.94
N VAL A 443 -35.55 -43.83 9.34
CA VAL A 443 -36.30 -42.82 10.07
C VAL A 443 -37.70 -42.73 9.47
N THR A 444 -38.71 -42.61 10.33
CA THR A 444 -40.05 -42.40 9.83
C THR A 444 -40.27 -40.94 9.47
N GLU A 445 -41.43 -40.65 8.88
CA GLU A 445 -41.74 -39.26 8.53
C GLU A 445 -42.01 -38.42 9.78
N GLU A 446 -42.62 -39.02 10.80
CA GLU A 446 -42.85 -38.29 12.05
C GLU A 446 -41.55 -38.10 12.83
N GLN A 447 -40.67 -39.11 12.83
CA GLN A 447 -39.39 -38.97 13.51
C GLN A 447 -38.51 -37.90 12.85
N PHE A 448 -38.56 -37.82 11.51
CA PHE A 448 -37.74 -36.82 10.85
C PHE A 448 -38.20 -35.40 11.17
N GLU A 449 -39.51 -35.21 11.32
CA GLU A 449 -40.00 -33.88 11.69
C GLU A 449 -39.64 -33.53 13.13
N ALA A 450 -39.49 -34.53 14.00
CA ALA A 450 -39.13 -34.31 15.39
C ALA A 450 -37.62 -34.21 15.62
N TRP A 451 -36.82 -34.91 14.81
CA TRP A 451 -35.38 -34.99 15.01
C TRP A 451 -34.61 -33.89 14.29
N ILE A 452 -35.11 -33.43 13.14
CA ILE A 452 -34.44 -32.40 12.36
C ILE A 452 -35.20 -31.09 12.53
N LYS A 453 -34.82 -30.32 13.55
CA LYS A 453 -35.42 -29.01 13.79
C LYS A 453 -34.35 -27.95 13.54
N PRO A 454 -34.33 -27.31 12.38
CA PRO A 454 -33.27 -26.32 12.10
C PRO A 454 -33.21 -25.22 13.15
N GLU A 455 -34.34 -24.89 13.79
CA GLU A 455 -34.33 -23.85 14.81
C GLU A 455 -33.57 -24.28 16.06
N ASP A 456 -33.24 -25.56 16.20
CA ASP A 456 -32.36 -26.03 17.25
C ASP A 456 -30.92 -26.21 16.78
N MET A 457 -30.64 -25.91 15.51
CA MET A 457 -29.31 -26.09 14.93
C MET A 457 -28.53 -24.77 14.80
N VAL A 458 -29.03 -23.71 15.39
CA VAL A 458 -28.39 -22.40 15.28
C VAL A 458 -28.00 -21.85 16.65
N ASP A 459 -27.86 -22.72 17.64
CA ASP A 459 -27.49 -22.32 18.98
C ASP A 459 -26.70 -23.45 19.63
N PRO A 460 -25.84 -23.13 20.60
CA PRO A 460 -25.22 -24.19 21.40
C PRO A 460 -26.25 -24.88 22.28
N HIS A 461 -26.04 -26.16 22.50
CA HIS A 461 -26.93 -26.93 23.36
C HIS A 461 -26.17 -28.03 24.09
N MET B 1 16.75 -43.14 7.98
CA MET B 1 15.83 -43.03 6.85
C MET B 1 14.50 -43.73 7.11
N SER B 2 14.28 -44.15 8.35
CA SER B 2 13.12 -44.97 8.67
C SER B 2 11.83 -44.16 8.59
N VAL B 3 10.75 -44.86 8.26
CA VAL B 3 9.44 -44.26 8.11
C VAL B 3 8.42 -45.08 8.88
N ARG B 4 7.31 -44.42 9.22
CA ARG B 4 6.16 -45.04 9.84
C ARG B 4 5.01 -44.89 8.86
N ILE B 5 4.26 -45.97 8.63
CA ILE B 5 3.19 -45.94 7.64
C ILE B 5 1.90 -45.49 8.33
N GLU B 6 1.39 -44.34 7.94
CA GLU B 6 0.07 -43.88 8.32
C GLU B 6 -0.92 -44.10 7.17
N HIS B 7 -2.20 -43.89 7.46
CA HIS B 7 -3.23 -44.07 6.44
C HIS B 7 -4.40 -43.12 6.69
N ASP B 8 -5.05 -42.74 5.58
CA ASP B 8 -6.33 -42.04 5.61
C ASP B 8 -7.24 -42.65 4.56
N THR B 9 -8.20 -41.88 4.05
CA THR B 9 -9.11 -42.42 3.03
C THR B 9 -8.51 -42.40 1.63
N PHE B 10 -7.31 -41.84 1.45
CA PHE B 10 -6.62 -41.89 0.17
C PHE B 10 -5.64 -43.06 0.04
N GLY B 11 -5.26 -43.70 1.16
CA GLY B 11 -4.40 -44.85 1.14
C GLY B 11 -3.32 -44.75 2.21
N GLU B 12 -2.19 -45.40 1.94
CA GLU B 12 -1.06 -45.39 2.86
C GLU B 12 -0.08 -44.28 2.49
N ILE B 13 0.55 -43.71 3.50
CA ILE B 13 1.48 -42.62 3.29
C ILE B 13 2.57 -42.70 4.35
N GLU B 14 3.82 -42.50 3.93
CA GLU B 14 4.97 -42.58 4.81
C GLU B 14 5.16 -41.29 5.58
N VAL B 15 5.27 -41.42 6.90
CA VAL B 15 5.67 -40.32 7.78
C VAL B 15 7.07 -40.65 8.28
N PRO B 16 7.99 -39.69 8.36
CA PRO B 16 9.31 -39.99 8.92
C PRO B 16 9.17 -40.54 10.33
N ALA B 17 9.93 -41.60 10.62
CA ALA B 17 9.76 -42.35 11.87
C ALA B 17 9.93 -41.47 13.10
N ASP B 18 10.77 -40.44 13.02
CA ASP B 18 11.08 -39.56 14.13
C ASP B 18 10.15 -38.37 14.23
N LYS B 19 9.10 -38.34 13.41
CA LYS B 19 8.16 -37.23 13.36
C LYS B 19 6.81 -37.67 13.90
N TYR B 20 6.18 -36.79 14.66
CA TYR B 20 4.99 -37.12 15.43
C TYR B 20 3.68 -36.76 14.74
N TRP B 21 3.74 -36.18 13.53
CA TRP B 21 2.48 -35.86 12.87
C TRP B 21 1.93 -37.09 12.15
N GLY B 22 0.69 -36.98 11.67
CA GLY B 22 -0.03 -38.09 11.10
C GLY B 22 -0.23 -37.96 9.60
N ALA B 23 -1.13 -38.80 9.09
CA ALA B 23 -1.36 -38.88 7.64
C ALA B 23 -1.88 -37.56 7.07
N GLN B 24 -2.74 -36.87 7.81
CA GLN B 24 -3.31 -35.65 7.25
C GLN B 24 -2.27 -34.54 7.17
N THR B 25 -1.41 -34.43 8.18
CA THR B 25 -0.34 -33.43 8.09
C THR B 25 0.63 -33.77 6.96
N GLU B 26 0.97 -35.06 6.81
CA GLU B 26 1.87 -35.46 5.75
C GLU B 26 1.26 -35.19 4.38
N ARG B 27 -0.04 -35.46 4.23
CA ARG B 27 -0.69 -35.21 2.95
C ARG B 27 -0.84 -33.72 2.70
N SER B 28 -1.19 -32.95 3.74
CA SER B 28 -1.28 -31.50 3.57
C SER B 28 0.06 -30.92 3.18
N LYS B 29 1.14 -31.41 3.79
CA LYS B 29 2.48 -30.93 3.47
C LYS B 29 2.82 -31.13 2.00
N ARG B 30 2.44 -32.30 1.45
CA ARG B 30 2.74 -32.57 0.05
C ARG B 30 1.85 -31.78 -0.89
N ASN B 31 0.63 -31.44 -0.47
CA ASN B 31 -0.32 -30.78 -1.35
C ASN B 31 -0.09 -29.27 -1.48
N PHE B 32 0.67 -28.67 -0.57
CA PHE B 32 0.97 -27.24 -0.62
C PHE B 32 2.48 -27.00 -0.53
N PRO B 33 3.24 -27.43 -1.55
CA PRO B 33 4.68 -27.13 -1.59
C PRO B 33 4.94 -25.72 -2.12
N VAL B 34 4.59 -24.73 -1.32
CA VAL B 34 4.52 -23.35 -1.78
C VAL B 34 5.39 -22.49 -0.88
N GLY B 35 6.39 -21.84 -1.48
CA GLY B 35 7.15 -20.84 -0.78
C GLY B 35 8.09 -21.42 0.26
N LYS B 36 8.58 -20.52 1.10
CA LYS B 36 9.63 -20.82 2.05
C LYS B 36 9.26 -20.43 3.47
N GLU B 37 7.99 -20.12 3.72
CA GLU B 37 7.54 -19.51 4.98
C GLU B 37 6.74 -20.55 5.74
N ARG B 38 7.40 -21.21 6.70
CA ARG B 38 6.69 -22.14 7.55
C ARG B 38 5.67 -21.38 8.40
N MET B 39 4.53 -22.01 8.61
CA MET B 39 3.53 -21.44 9.52
C MET B 39 4.19 -21.15 10.86
N PRO B 40 4.11 -19.92 11.38
CA PRO B 40 4.93 -19.55 12.54
C PRO B 40 4.67 -20.42 13.76
N ILE B 41 5.75 -20.84 14.41
CA ILE B 41 5.63 -21.69 15.60
C ILE B 41 4.86 -20.99 16.70
N GLU B 42 4.87 -19.64 16.71
CA GLU B 42 4.08 -18.93 17.72
C GLU B 42 2.60 -19.25 17.59
N VAL B 43 2.09 -19.46 16.37
CA VAL B 43 0.67 -19.79 16.30
C VAL B 43 0.44 -21.25 16.69
N VAL B 44 1.44 -22.12 16.50
CA VAL B 44 1.35 -23.48 17.02
C VAL B 44 1.20 -23.45 18.54
N TYR B 45 2.00 -22.62 19.21
CA TYR B 45 1.86 -22.48 20.66
C TYR B 45 0.48 -21.94 21.03
N GLY B 46 -0.07 -21.04 20.21
CA GLY B 46 -1.42 -20.57 20.45
C GLY B 46 -2.41 -21.73 20.41
N PHE B 47 -2.28 -22.60 19.40
CA PHE B 47 -3.10 -23.81 19.33
C PHE B 47 -2.89 -24.69 20.56
N ALA B 48 -1.65 -24.82 21.04
CA ALA B 48 -1.40 -25.66 22.20
C ALA B 48 -2.10 -25.12 23.44
N GLN B 49 -2.05 -23.79 23.65
CA GLN B 49 -2.83 -23.20 24.73
C GLN B 49 -4.31 -23.52 24.57
N LEU B 50 -4.80 -23.48 23.34
CA LEU B 50 -6.21 -23.75 23.07
C LEU B 50 -6.58 -25.20 23.34
N LYS B 51 -5.79 -26.14 22.79
CA LYS B 51 -6.08 -27.54 23.02
C LYS B 51 -5.95 -27.91 24.49
N ARG B 52 -5.00 -27.29 25.19
CA ARG B 52 -4.87 -27.50 26.64
C ARG B 52 -6.13 -27.08 27.36
N ALA B 53 -6.56 -25.83 27.12
CA ALA B 53 -7.76 -25.30 27.76
C ALA B 53 -9.00 -26.09 27.36
N ALA B 54 -9.08 -26.49 26.09
CA ALA B 54 -10.23 -27.27 25.62
C ALA B 54 -10.31 -28.62 26.34
N ALA B 55 -9.16 -29.24 26.58
CA ALA B 55 -9.16 -30.52 27.29
C ALA B 55 -9.75 -30.36 28.69
N ILE B 56 -9.30 -29.33 29.41
CA ILE B 56 -9.81 -29.09 30.77
C ILE B 56 -11.29 -28.75 30.73
N ALA B 57 -11.69 -27.86 29.81
CA ALA B 57 -13.09 -27.47 29.70
C ALA B 57 -13.98 -28.67 29.38
N ASN B 58 -13.55 -29.49 28.42
CA ASN B 58 -14.31 -30.69 28.10
C ASN B 58 -14.36 -31.65 29.27
N PHE B 59 -13.27 -31.73 30.03
CA PHE B 59 -13.29 -32.56 31.23
C PHE B 59 -14.29 -32.02 32.25
N ASP B 60 -14.33 -30.70 32.40
CA ASP B 60 -15.29 -30.09 33.32
C ASP B 60 -16.73 -30.37 32.90
N LEU B 61 -16.98 -30.49 31.60
CA LEU B 61 -18.32 -30.74 31.10
C LEU B 61 -18.68 -32.21 31.07
N GLY B 62 -17.82 -33.07 31.62
CA GLY B 62 -18.09 -34.50 31.61
C GLY B 62 -18.01 -35.13 30.24
N LYS B 63 -17.23 -34.54 29.34
CA LYS B 63 -17.11 -35.03 27.98
C LYS B 63 -15.79 -35.71 27.69
N LEU B 64 -14.83 -35.62 28.60
CA LEU B 64 -13.50 -36.18 28.42
C LEU B 64 -13.04 -36.74 29.76
N SER B 65 -12.49 -37.95 29.74
CA SER B 65 -12.06 -38.58 30.98
C SER B 65 -10.87 -37.82 31.58
N GLU B 66 -10.62 -38.10 32.86
CA GLU B 66 -9.50 -37.43 33.54
C GLU B 66 -8.18 -37.82 32.93
N ALA B 67 -7.98 -39.11 32.65
CA ALA B 67 -6.70 -39.57 32.12
C ALA B 67 -6.44 -39.00 30.73
N LYS B 68 -7.45 -39.00 29.87
CA LYS B 68 -7.29 -38.34 28.57
C LYS B 68 -6.96 -36.87 28.75
N LYS B 69 -7.66 -36.19 29.65
CA LYS B 69 -7.39 -34.78 29.90
C LYS B 69 -5.96 -34.58 30.39
N ASP B 70 -5.53 -35.38 31.36
CA ASP B 70 -4.17 -35.26 31.88
C ASP B 70 -3.15 -35.50 30.79
N ALA B 71 -3.39 -36.49 29.92
CA ALA B 71 -2.44 -36.79 28.86
C ALA B 71 -2.41 -35.70 27.81
N ILE B 72 -3.57 -35.11 27.48
CA ILE B 72 -3.59 -34.02 26.51
C ILE B 72 -2.90 -32.78 27.07
N VAL B 73 -3.16 -32.45 28.34
CA VAL B 73 -2.49 -31.32 28.96
C VAL B 73 -0.98 -31.50 28.91
N TYR B 74 -0.50 -32.69 29.31
CA TYR B 74 0.92 -33.00 29.27
C TYR B 74 1.49 -32.79 27.87
N ALA B 75 0.83 -33.35 26.84
CA ALA B 75 1.30 -33.19 25.48
C ALA B 75 1.35 -31.72 25.08
N CYS B 76 0.32 -30.96 25.46
CA CYS B 76 0.32 -29.54 25.15
C CYS B 76 1.47 -28.83 25.86
N ASP B 77 1.78 -29.24 27.09
CA ASP B 77 2.89 -28.61 27.81
C ASP B 77 4.23 -29.01 27.22
N GLN B 78 4.33 -30.22 26.66
CA GLN B 78 5.49 -30.57 25.86
C GLN B 78 5.69 -29.59 24.71
N ILE B 79 4.62 -29.29 23.98
CA ILE B 79 4.71 -28.33 22.89
C ILE B 79 5.13 -26.96 23.41
N LEU B 80 4.45 -26.46 24.44
CA LEU B 80 4.71 -25.10 24.92
C LEU B 80 6.10 -24.95 25.53
N SER B 81 6.72 -26.04 25.98
CA SER B 81 8.08 -25.93 26.48
C SER B 81 9.12 -25.97 25.38
N GLY B 82 8.72 -25.91 24.11
CA GLY B 82 9.68 -25.90 23.01
C GLY B 82 10.35 -27.22 22.70
N GLU B 83 9.79 -28.35 23.13
CA GLU B 83 10.41 -29.64 22.89
C GLU B 83 10.04 -30.25 21.54
N LEU B 84 9.06 -29.70 20.84
CA LEU B 84 8.47 -30.39 19.69
C LEU B 84 8.37 -29.50 18.46
N ASP B 85 9.22 -28.46 18.35
CA ASP B 85 9.06 -27.49 17.27
C ASP B 85 9.21 -28.14 15.90
N GLU B 86 9.98 -29.21 15.78
CA GLU B 86 10.23 -29.83 14.48
C GLU B 86 9.07 -30.68 13.99
N HIS B 87 8.01 -30.85 14.79
CA HIS B 87 6.87 -31.65 14.38
C HIS B 87 5.77 -30.81 13.74
N PHE B 88 6.08 -29.60 13.28
CA PHE B 88 5.10 -28.71 12.65
C PHE B 88 5.70 -28.17 11.36
N PRO B 89 5.47 -28.85 10.24
CA PRO B 89 6.22 -28.56 9.02
C PRO B 89 5.44 -27.80 7.97
N LEU B 90 4.20 -27.42 8.26
CA LEU B 90 3.32 -26.86 7.23
C LEU B 90 3.62 -25.39 7.00
N VAL B 91 3.35 -24.93 5.78
CA VAL B 91 3.68 -23.56 5.40
C VAL B 91 2.53 -22.62 5.71
N VAL B 92 2.78 -21.32 5.56
CA VAL B 92 1.73 -20.32 5.66
C VAL B 92 0.71 -20.53 4.54
N TRP B 93 1.18 -20.91 3.36
CA TRP B 93 0.36 -20.89 2.15
C TRP B 93 -0.45 -22.19 2.00
N GLN B 94 -1.27 -22.46 3.01
CA GLN B 94 -2.14 -23.62 3.10
C GLN B 94 -3.58 -23.20 2.84
N THR B 95 -4.56 -23.91 3.42
N THR B 95 -4.56 -23.91 3.42
CA THR B 95 -5.94 -23.49 3.28
CA THR B 95 -5.96 -23.52 3.33
C THR B 95 -6.16 -22.18 4.04
C THR B 95 -6.17 -22.19 4.07
N GLY B 96 -7.16 -21.42 3.59
CA GLY B 96 -7.39 -20.10 4.14
C GLY B 96 -7.92 -20.07 5.57
N SER B 97 -8.42 -21.21 6.07
CA SER B 97 -8.94 -21.27 7.43
C SER B 97 -7.88 -21.71 8.44
N GLY B 98 -6.70 -22.13 7.99
CA GLY B 98 -5.73 -22.69 8.91
C GLY B 98 -6.06 -24.08 9.42
N THR B 99 -7.00 -24.76 8.76
CA THR B 99 -7.42 -26.10 9.19
C THR B 99 -6.26 -27.07 9.25
N GLN B 100 -5.37 -27.02 8.26
CA GLN B 100 -4.31 -28.02 8.21
C GLN B 100 -3.36 -27.89 9.40
N SER B 101 -3.04 -26.66 9.80
CA SER B 101 -2.24 -26.52 11.01
C SER B 101 -3.04 -26.90 12.26
N ASN B 102 -4.35 -26.66 12.28
CA ASN B 102 -5.17 -27.17 13.38
C ASN B 102 -4.97 -28.67 13.54
N MET B 103 -5.13 -29.43 12.46
N MET B 103 -5.11 -29.42 12.45
CA MET B 103 -5.02 -30.88 12.56
CA MET B 103 -5.02 -30.87 12.50
C MET B 103 -3.59 -31.32 12.80
C MET B 103 -3.60 -31.33 12.76
N ASN B 104 -2.61 -30.53 12.36
CA ASN B 104 -1.21 -30.81 12.70
C ASN B 104 -1.04 -30.83 14.22
N VAL B 105 -1.60 -29.84 14.91
CA VAL B 105 -1.57 -29.84 16.37
C VAL B 105 -2.38 -30.99 16.94
N ASN B 106 -3.56 -31.26 16.36
CA ASN B 106 -4.36 -32.38 16.82
C ASN B 106 -3.58 -33.69 16.75
N GLU B 107 -2.82 -33.89 15.67
CA GLU B 107 -2.12 -35.16 15.49
C GLU B 107 -0.90 -35.28 16.42
N VAL B 108 -0.07 -34.22 16.48
CA VAL B 108 1.10 -34.25 17.37
C VAL B 108 0.65 -34.41 18.82
N VAL B 109 -0.35 -33.62 19.24
CA VAL B 109 -0.87 -33.75 20.59
C VAL B 109 -1.34 -35.17 20.86
N SER B 110 -2.11 -35.73 19.92
CA SER B 110 -2.61 -37.09 20.06
C SER B 110 -1.46 -38.10 20.12
N TYR B 111 -0.42 -37.89 19.32
CA TYR B 111 0.71 -38.81 19.32
C TYR B 111 1.42 -38.80 20.66
N VAL B 112 1.77 -37.60 21.16
CA VAL B 112 2.46 -37.49 22.44
C VAL B 112 1.56 -37.92 23.59
N ALA B 113 0.25 -37.67 23.48
CA ALA B 113 -0.67 -38.02 24.56
C ALA B 113 -0.80 -39.53 24.71
N ASN B 114 -0.89 -40.26 23.59
CA ASN B 114 -0.96 -41.70 23.67
C ASN B 114 0.34 -42.30 24.21
N MET B 115 1.47 -41.65 23.96
CA MET B 115 2.71 -42.08 24.60
C MET B 115 2.62 -41.93 26.11
N TYR B 116 2.01 -40.83 26.57
CA TYR B 116 1.80 -40.62 28.00
C TYR B 116 0.91 -41.71 28.58
N LEU B 117 -0.23 -41.97 27.93
CA LEU B 117 -1.15 -42.97 28.46
C LEU B 117 -0.50 -44.36 28.51
N LYS B 118 0.19 -44.74 27.43
CA LYS B 118 0.90 -46.02 27.42
C LYS B 118 1.97 -46.04 28.50
N ASP B 119 2.70 -44.93 28.67
CA ASP B 119 3.75 -44.87 29.68
C ASP B 119 3.17 -44.98 31.09
N HIS B 120 1.90 -44.60 31.26
CA HIS B 120 1.21 -44.75 32.53
C HIS B 120 0.31 -45.97 32.57
N GLN B 121 0.51 -46.92 31.64
CA GLN B 121 -0.21 -48.18 31.64
C GLN B 121 -1.72 -47.98 31.60
N SER B 122 -2.18 -46.98 30.86
CA SER B 122 -3.60 -46.76 30.67
C SER B 122 -4.11 -47.58 29.49
N ASP B 123 -5.38 -47.94 29.56
CA ASP B 123 -6.02 -48.66 28.47
C ASP B 123 -6.71 -47.75 27.45
N GLU B 124 -6.93 -46.48 27.76
CA GLU B 124 -7.61 -45.60 26.82
C GLU B 124 -6.63 -45.06 25.77
N SER B 125 -7.19 -44.49 24.71
CA SER B 125 -6.39 -43.96 23.61
C SER B 125 -6.97 -42.63 23.11
N ILE B 126 -6.07 -41.70 22.81
CA ILE B 126 -6.44 -40.37 22.30
C ILE B 126 -6.60 -40.44 20.79
N HIS B 127 -7.62 -39.75 20.29
CA HIS B 127 -7.82 -39.60 18.86
C HIS B 127 -7.76 -38.13 18.50
N PRO B 128 -7.12 -37.77 17.38
CA PRO B 128 -6.92 -36.34 17.08
C PRO B 128 -8.21 -35.56 17.00
N ASN B 129 -9.20 -36.08 16.28
CA ASN B 129 -10.43 -35.31 16.10
C ASN B 129 -11.41 -35.53 17.24
N ASP B 130 -11.71 -36.80 17.56
CA ASP B 130 -12.71 -37.07 18.58
C ASP B 130 -12.31 -36.55 19.95
N ASP B 131 -11.01 -36.49 20.26
CA ASP B 131 -10.57 -36.07 21.59
C ASP B 131 -9.88 -34.72 21.60
N VAL B 132 -8.82 -34.54 20.81
CA VAL B 132 -8.07 -33.28 20.88
C VAL B 132 -8.87 -32.13 20.29
N ASN B 133 -9.74 -32.40 19.32
CA ASN B 133 -10.54 -31.37 18.67
C ASN B 133 -11.98 -31.35 19.16
N LYS B 134 -12.28 -32.07 20.24
CA LYS B 134 -13.64 -32.15 20.75
C LYS B 134 -14.22 -30.77 21.03
N SER B 135 -15.48 -30.57 20.67
CA SER B 135 -16.24 -29.33 20.85
C SER B 135 -15.72 -28.17 20.03
N GLN B 136 -14.76 -28.40 19.15
CA GLN B 136 -14.12 -27.39 18.32
C GLN B 136 -14.50 -27.59 16.86
N SER B 137 -14.04 -26.67 16.02
CA SER B 137 -14.22 -26.81 14.58
C SER B 137 -12.94 -26.39 13.88
N SER B 138 -12.87 -26.68 12.58
CA SER B 138 -11.77 -26.18 11.78
C SER B 138 -11.71 -24.65 11.76
N ASN B 139 -12.83 -23.97 12.02
CA ASN B 139 -12.94 -22.56 11.69
C ASN B 139 -12.77 -21.62 12.87
N ASP B 140 -13.12 -22.04 14.09
CA ASP B 140 -12.97 -21.13 15.22
C ASP B 140 -11.67 -21.34 15.99
N THR B 141 -10.89 -22.37 15.65
CA THR B 141 -9.66 -22.62 16.38
C THR B 141 -8.52 -21.72 15.91
N PHE B 142 -8.29 -21.64 14.59
CA PHE B 142 -7.18 -20.84 14.12
C PHE B 142 -7.29 -19.37 14.48
N PRO B 143 -8.45 -18.69 14.34
CA PRO B 143 -8.52 -17.30 14.82
C PRO B 143 -8.24 -17.18 16.30
N THR B 144 -8.63 -18.18 17.10
CA THR B 144 -8.32 -18.19 18.53
C THR B 144 -6.80 -18.26 18.75
N ALA B 145 -6.15 -19.24 18.12
CA ALA B 145 -4.70 -19.36 18.21
C ALA B 145 -4.00 -18.10 17.71
N MET B 146 -4.53 -17.52 16.63
CA MET B 146 -3.92 -16.30 16.10
C MET B 146 -3.97 -15.18 17.14
N HIS B 147 -5.14 -14.94 17.73
CA HIS B 147 -5.25 -13.86 18.70
C HIS B 147 -4.45 -14.15 19.96
N VAL B 148 -4.44 -15.42 20.41
CA VAL B 148 -3.62 -15.77 21.56
C VAL B 148 -2.16 -15.46 21.25
N ALA B 149 -1.67 -15.93 20.11
CA ALA B 149 -0.26 -15.76 19.79
C ALA B 149 0.10 -14.29 19.56
N LEU B 150 -0.78 -13.52 18.89
CA LEU B 150 -0.45 -12.12 18.61
C LEU B 150 -0.38 -11.31 19.90
N TYR B 151 -1.35 -11.51 20.79
CA TYR B 151 -1.36 -10.75 22.04
C TYR B 151 -0.14 -11.07 22.88
N GLN B 152 0.21 -12.36 22.99
CA GLN B 152 1.41 -12.73 23.75
C GLN B 152 2.66 -12.11 23.12
N GLU B 153 2.72 -12.08 21.78
CA GLU B 153 3.86 -11.46 21.12
C GLU B 153 3.96 -9.98 21.46
N VAL B 154 2.83 -9.30 21.54
CA VAL B 154 2.85 -7.90 21.97
C VAL B 154 3.38 -7.78 23.39
N GLU B 155 2.92 -8.68 24.28
CA GLU B 155 3.29 -8.58 25.69
C GLU B 155 4.75 -8.96 25.92
N THR B 156 5.21 -10.05 25.31
CA THR B 156 6.53 -10.59 25.65
C THR B 156 7.65 -9.97 24.82
N LYS B 157 7.38 -9.51 23.59
CA LYS B 157 8.41 -8.98 22.72
C LYS B 157 8.27 -7.48 22.50
N LEU B 158 7.13 -7.02 21.97
CA LEU B 158 7.02 -5.62 21.57
C LEU B 158 7.04 -4.68 22.77
N GLU B 159 6.26 -4.99 23.82
CA GLU B 159 6.21 -4.07 24.96
C GLU B 159 7.56 -3.90 25.65
N PRO B 160 8.31 -4.95 26.00
CA PRO B 160 9.61 -4.71 26.64
C PRO B 160 10.58 -3.95 25.75
N ALA B 161 10.56 -4.22 24.44
CA ALA B 161 11.47 -3.52 23.53
C ALA B 161 11.12 -2.05 23.38
N LEU B 162 9.81 -1.73 23.31
CA LEU B 162 9.41 -0.33 23.22
C LEU B 162 9.82 0.44 24.47
N LYS B 163 9.63 -0.16 25.65
CA LYS B 163 10.01 0.50 26.89
C LYS B 163 11.51 0.67 27.01
N LEU B 164 12.28 -0.32 26.52
CA LEU B 164 13.73 -0.23 26.58
C LEU B 164 14.24 0.97 25.77
N LEU B 165 13.80 1.08 24.51
CA LEU B 165 14.21 2.19 23.68
C LEU B 165 13.66 3.52 24.21
N ARG B 166 12.39 3.52 24.63
CA ARG B 166 11.81 4.75 25.16
C ARG B 166 12.59 5.24 26.38
N ASN B 167 12.94 4.33 27.30
CA ASN B 167 13.67 4.75 28.49
C ASN B 167 15.05 5.28 28.13
N THR B 168 15.72 4.71 27.12
CA THR B 168 17.01 5.23 26.69
C THR B 168 16.88 6.64 26.12
N LEU B 169 15.91 6.87 25.23
CA LEU B 169 15.74 8.21 24.68
C LEU B 169 15.39 9.22 25.77
N LYS B 170 14.55 8.80 26.73
CA LYS B 170 14.24 9.67 27.86
C LYS B 170 15.49 10.06 28.62
N GLU B 171 16.42 9.10 28.81
CA GLU B 171 17.65 9.40 29.55
C GLU B 171 18.56 10.35 28.79
N LYS B 172 18.69 10.15 27.48
CA LYS B 172 19.43 11.08 26.64
C LYS B 172 18.78 12.46 26.66
N GLU B 173 17.45 12.50 26.60
CA GLU B 173 16.72 13.76 26.62
C GLU B 173 17.04 14.56 27.89
N ASP B 174 17.12 13.89 29.03
CA ASP B 174 17.42 14.58 30.28
C ASP B 174 18.89 14.98 30.36
N LYS B 175 19.80 14.14 29.86
CA LYS B 175 21.23 14.45 29.95
C LYS B 175 21.61 15.59 29.01
N PHE B 176 21.01 15.64 27.82
CA PHE B 176 21.35 16.62 26.81
C PHE B 176 20.40 17.81 26.82
N ASP B 177 19.67 18.00 27.92
CA ASP B 177 18.72 19.11 27.99
C ASP B 177 19.43 20.46 28.02
N SER B 178 20.65 20.53 28.56
CA SER B 178 21.37 21.79 28.62
C SER B 178 22.13 22.12 27.33
N ILE B 179 22.08 21.26 26.32
CA ILE B 179 22.83 21.47 25.09
C ILE B 179 21.94 22.18 24.08
N ILE B 180 22.32 23.40 23.72
CA ILE B 180 21.54 24.22 22.80
C ILE B 180 22.11 24.05 21.39
N LYS B 181 21.29 23.53 20.49
CA LYS B 181 21.63 23.40 19.07
C LYS B 181 20.72 24.33 18.26
N ILE B 182 20.84 24.24 16.94
CA ILE B 182 20.07 25.05 16.01
C ILE B 182 19.01 24.17 15.35
N GLY B 183 17.75 24.60 15.44
CA GLY B 183 16.69 23.85 14.82
C GLY B 183 16.73 23.93 13.30
N ARG B 184 16.12 22.93 12.66
CA ARG B 184 15.98 22.91 11.21
C ARG B 184 14.55 22.58 10.86
N THR B 185 13.93 23.43 10.04
CA THR B 185 12.61 23.23 9.46
C THR B 185 12.75 23.37 7.95
N HIS B 186 12.14 22.47 7.19
CA HIS B 186 12.34 22.38 5.73
C HIS B 186 13.80 22.09 5.37
N LEU B 187 14.60 21.63 6.32
CA LEU B 187 16.06 21.43 6.22
C LEU B 187 16.84 22.74 6.28
N GLN B 188 16.18 23.86 6.55
CA GLN B 188 16.79 25.18 6.63
C GLN B 188 17.02 25.57 8.07
N ASP B 189 18.04 26.38 8.31
CA ASP B 189 18.36 26.86 9.65
C ASP B 189 17.14 27.53 10.29
N ALA B 190 16.90 27.25 11.57
CA ALA B 190 15.79 27.86 12.30
C ALA B 190 16.29 28.28 13.68
N THR B 191 15.36 28.69 14.55
CA THR B 191 15.72 29.20 15.87
C THR B 191 16.27 28.07 16.77
N PRO B 192 16.92 28.43 17.88
CA PRO B 192 17.53 27.40 18.73
C PRO B 192 16.53 26.40 19.28
N ILE B 193 17.07 25.24 19.64
CA ILE B 193 16.31 24.19 20.32
C ILE B 193 17.30 23.39 21.14
N LYS B 194 16.90 22.97 22.33
CA LYS B 194 17.73 22.08 23.13
C LYS B 194 17.86 20.75 22.43
N LEU B 195 19.06 20.18 22.43
CA LEU B 195 19.21 18.82 21.92
C LEU B 195 18.23 17.88 22.62
N GLY B 196 18.10 18.02 23.94
CA GLY B 196 17.15 17.20 24.67
C GLY B 196 15.72 17.40 24.22
N GLN B 197 15.36 18.64 23.89
CA GLN B 197 14.02 18.92 23.37
C GLN B 197 13.78 18.18 22.07
N GLU B 198 14.75 18.23 21.15
CA GLU B 198 14.63 17.46 19.92
C GLU B 198 14.50 15.98 20.21
N ILE B 199 15.27 15.46 21.16
CA ILE B 199 15.15 14.05 21.51
C ILE B 199 13.80 13.77 22.15
N SER B 200 13.28 14.73 22.92
CA SER B 200 11.99 14.55 23.58
C SER B 200 10.88 14.28 22.57
N GLY B 201 11.05 14.73 21.32
CA GLY B 201 10.05 14.42 20.31
C GLY B 201 10.06 12.96 19.89
N TRP B 202 11.26 12.39 19.71
CA TRP B 202 11.38 10.94 19.55
C TRP B 202 10.77 10.20 20.73
N ARG B 203 11.16 10.59 21.94
CA ARG B 203 10.66 9.92 23.13
C ARG B 203 9.13 9.95 23.17
N TYR B 204 8.53 11.11 22.89
CA TYR B 204 7.08 11.21 23.02
C TYR B 204 6.37 10.45 21.90
N MET B 205 6.97 10.39 20.72
CA MET B 205 6.49 9.46 19.68
C MET B 205 6.29 8.06 20.26
N LEU B 206 7.28 7.57 21.00
CA LEU B 206 7.19 6.22 21.54
C LEU B 206 6.14 6.14 22.66
N ASP B 207 6.06 7.18 23.49
CA ASP B 207 4.96 7.26 24.46
C ASP B 207 3.61 7.25 23.76
N ARG B 208 3.47 7.98 22.66
CA ARG B 208 2.21 8.00 21.92
C ARG B 208 1.86 6.61 21.42
N CYS B 209 2.82 5.94 20.77
CA CYS B 209 2.58 4.58 20.30
C CYS B 209 2.29 3.62 21.44
N GLU B 210 2.86 3.85 22.61
CA GLU B 210 2.55 2.98 23.75
C GLU B 210 1.10 3.17 24.19
N THR B 211 0.65 4.43 24.24
CA THR B 211 -0.75 4.71 24.57
C THR B 211 -1.69 4.08 23.54
N MET B 212 -1.39 4.26 22.25
CA MET B 212 -2.26 3.71 21.22
C MET B 212 -2.19 2.19 21.17
N LEU B 213 -1.02 1.61 21.46
CA LEU B 213 -0.92 0.14 21.49
C LEU B 213 -1.73 -0.44 22.64
N SER B 214 -1.83 0.27 23.76
CA SER B 214 -2.65 -0.25 24.86
C SER B 214 -4.12 -0.27 24.48
N GLU B 215 -4.55 0.67 23.64
CA GLU B 215 -5.93 0.67 23.17
C GLU B 215 -6.18 -0.45 22.17
N SER B 216 -5.32 -0.56 21.15
CA SER B 216 -5.62 -1.54 20.11
C SER B 216 -5.34 -2.98 20.53
N LYS B 217 -4.37 -3.21 21.41
CA LYS B 217 -4.08 -4.60 21.77
C LYS B 217 -5.19 -5.23 22.59
N LYS B 218 -5.98 -4.41 23.29
CA LYS B 218 -7.07 -4.91 24.12
C LYS B 218 -8.11 -5.66 23.31
N HIS B 219 -8.31 -5.31 22.05
CA HIS B 219 -9.34 -5.96 21.25
C HIS B 219 -8.91 -7.32 20.74
N ILE B 220 -7.60 -7.60 20.76
CA ILE B 220 -7.07 -8.91 20.42
C ILE B 220 -7.34 -9.94 21.51
N LEU B 221 -7.82 -9.50 22.67
CA LEU B 221 -8.19 -10.44 23.74
C LEU B 221 -9.50 -11.15 23.46
N ASN B 222 -10.24 -10.74 22.44
CA ASN B 222 -11.54 -11.33 22.13
C ASN B 222 -11.34 -12.56 21.23
N LEU B 223 -11.71 -13.74 21.74
CA LEU B 223 -11.43 -14.99 21.06
C LEU B 223 -12.68 -15.53 20.37
N ALA B 224 -12.47 -16.25 19.27
CA ALA B 224 -13.54 -16.86 18.51
C ALA B 224 -14.01 -18.20 19.08
N ILE B 225 -13.22 -18.83 19.96
CA ILE B 225 -13.53 -20.19 20.39
C ILE B 225 -14.96 -20.25 20.93
N GLY B 226 -15.71 -21.25 20.47
CA GLY B 226 -17.11 -21.41 20.80
C GLY B 226 -18.05 -21.17 19.64
N GLY B 227 -17.62 -20.45 18.59
CA GLY B 227 -18.48 -20.28 17.43
C GLY B 227 -18.61 -21.53 16.57
N THR B 228 -17.68 -22.47 16.72
CA THR B 228 -17.56 -23.66 15.88
C THR B 228 -17.67 -23.30 14.39
N ALA B 229 -18.42 -24.08 13.61
CA ALA B 229 -18.21 -24.08 12.17
C ALA B 229 -18.59 -22.76 11.52
N VAL B 230 -19.75 -22.19 11.88
CA VAL B 230 -20.26 -20.99 11.23
C VAL B 230 -20.56 -19.86 12.20
N GLY B 231 -20.29 -20.05 13.49
CA GLY B 231 -20.56 -19.04 14.49
C GLY B 231 -21.74 -19.35 15.37
N THR B 232 -22.58 -20.32 14.99
CA THR B 232 -23.77 -20.62 15.77
C THR B 232 -23.46 -21.36 17.06
N GLY B 233 -22.29 -21.99 17.17
CA GLY B 233 -21.97 -22.74 18.35
C GLY B 233 -22.46 -24.17 18.36
N ILE B 234 -23.08 -24.63 17.26
CA ILE B 234 -23.58 -25.98 17.20
C ILE B 234 -22.42 -26.96 17.42
N ASN B 235 -22.73 -28.10 18.02
CA ASN B 235 -21.78 -29.12 18.42
C ASN B 235 -20.82 -28.64 19.50
N ALA B 236 -21.20 -27.61 20.27
CA ALA B 236 -20.41 -27.17 21.41
C ALA B 236 -21.35 -26.87 22.57
N HIS B 237 -20.87 -27.13 23.78
CA HIS B 237 -21.66 -26.81 24.96
C HIS B 237 -21.75 -25.29 25.14
N PRO B 238 -22.89 -24.78 25.57
CA PRO B 238 -23.05 -23.31 25.69
C PRO B 238 -22.01 -22.65 26.59
N GLU B 239 -21.38 -23.40 27.49
CA GLU B 239 -20.32 -22.87 28.36
C GLU B 239 -18.92 -23.13 27.81
N PHE B 240 -18.79 -23.92 26.75
CA PHE B 240 -17.46 -24.36 26.31
C PHE B 240 -16.55 -23.18 25.99
N GLY B 241 -17.00 -22.28 25.12
CA GLY B 241 -16.13 -21.19 24.69
C GLY B 241 -15.62 -20.35 25.85
N ASP B 242 -16.52 -19.97 26.76
CA ASP B 242 -16.13 -19.15 27.91
C ASP B 242 -15.15 -19.91 28.80
N LYS B 243 -15.38 -21.21 29.00
CA LYS B 243 -14.45 -22.02 29.78
C LYS B 243 -13.07 -22.03 29.14
N VAL B 244 -13.00 -22.21 27.82
CA VAL B 244 -11.71 -22.24 27.14
C VAL B 244 -10.99 -20.91 27.30
N ALA B 245 -11.69 -19.80 27.04
CA ALA B 245 -11.09 -18.48 27.24
C ALA B 245 -10.56 -18.33 28.67
N HIS B 246 -11.34 -18.80 29.64
CA HIS B 246 -10.92 -18.73 31.04
C HIS B 246 -9.60 -19.45 31.28
N TYR B 247 -9.48 -20.69 30.79
CA TYR B 247 -8.28 -21.47 31.07
C TYR B 247 -7.06 -20.98 30.31
N ILE B 248 -7.27 -20.43 29.10
CA ILE B 248 -6.15 -19.80 28.41
C ILE B 248 -5.65 -18.59 29.21
N SER B 249 -6.59 -17.80 29.74
CA SER B 249 -6.22 -16.71 30.65
C SER B 249 -5.44 -17.21 31.85
N GLU B 250 -5.91 -18.30 32.48
CA GLU B 250 -5.20 -18.85 33.63
C GLU B 250 -3.78 -19.24 33.27
N ASN B 251 -3.61 -19.94 32.14
CA ASN B 251 -2.29 -20.44 31.79
C ASN B 251 -1.37 -19.33 31.28
N THR B 252 -1.91 -18.28 30.66
CA THR B 252 -1.05 -17.23 30.11
C THR B 252 -0.93 -16.01 31.01
N GLY B 253 -1.84 -15.82 31.96
CA GLY B 253 -1.90 -14.57 32.68
C GLY B 253 -2.39 -13.37 31.89
N TYR B 254 -3.00 -13.57 30.68
CA TYR B 254 -3.60 -12.45 29.92
C TYR B 254 -5.11 -12.56 29.95
N PRO B 255 -5.84 -11.43 30.03
CA PRO B 255 -7.29 -11.54 30.28
C PRO B 255 -8.10 -11.80 29.01
N PHE B 256 -7.97 -13.01 28.47
CA PHE B 256 -8.72 -13.37 27.27
C PHE B 256 -10.20 -13.54 27.59
N VAL B 257 -11.05 -13.28 26.60
CA VAL B 257 -12.49 -13.51 26.73
C VAL B 257 -13.01 -14.09 25.43
N SER B 258 -14.16 -14.77 25.53
CA SER B 258 -14.89 -15.24 24.36
C SER B 258 -15.65 -14.08 23.75
N SER B 259 -15.55 -13.94 22.43
CA SER B 259 -16.12 -12.79 21.73
C SER B 259 -17.62 -12.69 21.96
N GLU B 260 -18.11 -11.44 22.01
CA GLU B 260 -19.55 -11.18 22.12
C GLU B 260 -20.32 -11.59 20.87
N ASN B 261 -19.67 -11.66 19.70
CA ASN B 261 -20.36 -12.00 18.45
C ASN B 261 -19.45 -12.94 17.66
N LYS B 262 -19.77 -14.23 17.68
CA LYS B 262 -18.92 -15.21 17.03
C LYS B 262 -19.00 -15.11 15.51
N PHE B 263 -20.06 -14.51 14.99
CA PHE B 263 -20.16 -14.31 13.54
C PHE B 263 -19.13 -13.29 13.07
N HIS B 264 -19.04 -12.16 13.77
CA HIS B 264 -17.90 -11.26 13.59
C HIS B 264 -16.57 -11.97 13.79
N ALA B 265 -16.50 -12.84 14.80
CA ALA B 265 -15.24 -13.47 15.19
C ALA B 265 -14.69 -14.36 14.08
N LEU B 266 -15.57 -14.96 13.26
CA LEU B 266 -15.12 -15.77 12.13
C LEU B 266 -14.90 -14.98 10.85
N THR B 267 -15.61 -13.87 10.68
CA THR B 267 -15.69 -13.20 9.40
C THR B 267 -14.89 -11.91 9.31
N ALA B 268 -14.41 -11.38 10.43
CA ALA B 268 -13.81 -10.06 10.47
C ALA B 268 -12.39 -10.14 11.00
N HIS B 269 -11.55 -9.23 10.52
CA HIS B 269 -10.25 -9.04 11.16
C HIS B 269 -9.96 -7.56 11.39
N ASP B 270 -11.03 -6.77 11.61
CA ASP B 270 -10.88 -5.34 11.86
C ASP B 270 -10.10 -5.05 13.14
N GLU B 271 -10.20 -5.93 14.15
CA GLU B 271 -9.40 -5.72 15.36
C GLU B 271 -7.90 -5.86 15.08
N VAL B 272 -7.53 -6.78 14.19
CA VAL B 272 -6.12 -6.92 13.81
C VAL B 272 -5.70 -5.79 12.87
N VAL B 273 -6.59 -5.34 11.97
CA VAL B 273 -6.28 -4.18 11.14
C VAL B 273 -5.96 -2.97 12.01
N GLN B 274 -6.79 -2.71 13.03
CA GLN B 274 -6.51 -1.61 13.96
C GLN B 274 -5.17 -1.78 14.65
N LEU B 275 -4.89 -2.97 15.17
CA LEU B 275 -3.59 -3.20 15.80
C LEU B 275 -2.47 -2.93 14.83
N HIS B 276 -2.61 -3.41 13.59
CA HIS B 276 -1.55 -3.17 12.61
C HIS B 276 -1.43 -1.69 12.28
N GLY B 277 -2.53 -0.93 12.42
CA GLY B 277 -2.43 0.52 12.31
C GLY B 277 -1.48 1.10 13.34
N THR B 278 -1.53 0.63 14.58
CA THR B 278 -0.57 1.05 15.57
C THR B 278 0.85 0.70 15.15
N LEU B 279 1.06 -0.54 14.67
CA LEU B 279 2.39 -0.97 14.28
C LEU B 279 2.94 -0.10 13.15
N LYS B 280 2.12 0.23 12.16
N LYS B 280 2.10 0.24 12.18
CA LYS B 280 2.57 1.12 11.10
CA LYS B 280 2.47 1.12 11.08
C LYS B 280 2.87 2.52 11.64
C LYS B 280 2.79 2.52 11.58
N ALA B 281 2.06 2.99 12.60
CA ALA B 281 2.34 4.30 13.20
C ALA B 281 3.70 4.31 13.87
N LEU B 282 3.99 3.26 14.67
CA LEU B 282 5.29 3.11 15.31
C LEU B 282 6.40 2.97 14.28
N ALA B 283 6.17 2.17 13.24
CA ALA B 283 7.17 2.00 12.19
C ALA B 283 7.54 3.32 11.56
N GLY B 284 6.55 4.16 11.28
CA GLY B 284 6.86 5.45 10.69
C GLY B 284 7.62 6.36 11.64
N ASP B 285 7.25 6.35 12.92
CA ASP B 285 8.00 7.08 13.92
C ASP B 285 9.44 6.60 14.00
N LEU B 286 9.63 5.28 14.04
CA LEU B 286 10.99 4.75 14.14
C LEU B 286 11.82 5.13 12.92
N MET B 287 11.18 5.19 11.74
CA MET B 287 11.93 5.62 10.56
C MET B 287 12.38 7.07 10.69
N LYS B 288 11.49 7.95 11.19
CA LYS B 288 11.83 9.36 11.39
C LYS B 288 12.99 9.50 12.38
N ILE B 289 12.86 8.83 13.54
CA ILE B 289 13.91 8.83 14.56
C ILE B 289 15.24 8.36 13.95
N ALA B 290 15.21 7.21 13.28
CA ALA B 290 16.43 6.64 12.72
C ALA B 290 17.05 7.56 11.68
N ASN B 291 16.22 8.23 10.87
CA ASN B 291 16.72 9.20 9.91
C ASN B 291 17.33 10.41 10.60
N ASP B 292 16.70 10.90 11.67
CA ASP B 292 17.31 12.00 12.41
C ASP B 292 18.67 11.59 12.95
N VAL B 293 18.79 10.37 13.48
CA VAL B 293 20.05 9.95 14.08
C VAL B 293 21.14 9.86 13.02
N ARG B 294 20.86 9.23 11.88
CA ARG B 294 21.94 9.11 10.90
C ARG B 294 22.29 10.44 10.26
N TRP B 295 21.32 11.35 10.09
CA TRP B 295 21.66 12.68 9.59
C TRP B 295 22.47 13.46 10.62
N LEU B 296 22.07 13.40 11.89
CA LEU B 296 22.86 14.05 12.94
C LEU B 296 24.26 13.45 13.05
N ALA B 297 24.42 12.17 12.75
CA ALA B 297 25.73 11.53 12.85
C ALA B 297 26.49 11.59 11.54
N SER B 298 25.93 12.24 10.51
CA SER B 298 26.58 12.25 9.21
C SER B 298 27.89 13.02 9.26
N GLY B 299 28.86 12.56 8.47
CA GLY B 299 30.15 13.16 8.42
C GLY B 299 31.23 12.20 7.95
N PRO B 300 32.44 12.33 8.50
CA PRO B 300 32.85 13.23 9.59
C PRO B 300 33.02 14.70 9.20
N ARG B 301 33.30 15.03 7.94
CA ARG B 301 33.60 16.40 7.56
C ARG B 301 32.63 17.03 6.56
N ALA B 302 31.86 16.24 5.82
CA ALA B 302 30.95 16.80 4.82
C ALA B 302 29.48 16.63 5.19
N GLY B 303 29.19 16.38 6.46
CA GLY B 303 27.82 16.23 6.90
C GLY B 303 27.49 17.15 8.06
N LEU B 304 26.61 16.70 8.96
CA LEU B 304 26.17 17.58 10.05
C LEU B 304 26.99 17.37 11.32
N ALA B 305 27.30 16.13 11.66
CA ALA B 305 28.25 15.80 12.72
C ALA B 305 27.88 16.48 14.04
N GLU B 306 26.59 16.39 14.40
CA GLU B 306 26.16 16.87 15.70
C GLU B 306 26.27 15.82 16.80
N ILE B 307 26.26 14.53 16.43
CA ILE B 307 26.38 13.44 17.41
C ILE B 307 27.35 12.40 16.88
N SER B 308 27.88 11.61 17.82
CA SER B 308 28.57 10.37 17.50
C SER B 308 27.69 9.18 17.89
N ILE B 309 27.85 8.08 17.17
CA ILE B 309 27.18 6.82 17.50
C ILE B 309 28.24 5.74 17.59
N PRO B 310 27.98 4.65 18.32
CA PRO B 310 29.00 3.60 18.48
C PRO B 310 29.31 2.93 17.15
N GLU B 311 30.56 2.54 16.99
CA GLU B 311 31.04 1.82 15.82
C GLU B 311 31.08 0.33 16.13
N ASN B 312 30.28 -0.46 15.40
CA ASN B 312 30.16 -1.89 15.62
C ASN B 312 30.86 -2.74 14.57
N GLU B 313 31.11 -2.19 13.38
CA GLU B 313 31.89 -2.90 12.39
C GLU B 313 33.29 -2.32 12.33
N PRO B 314 34.30 -3.15 12.14
CA PRO B 314 35.67 -2.62 12.04
C PRO B 314 35.82 -1.77 10.79
N GLY B 315 36.32 -0.55 10.96
CA GLY B 315 36.64 0.31 9.86
C GLY B 315 38.09 0.15 9.43
N SER B 316 38.52 1.04 8.54
CA SER B 316 39.88 1.03 8.02
C SER B 316 40.73 2.05 8.78
N SER B 317 41.98 1.69 9.07
CA SER B 317 42.90 2.66 9.66
C SER B 317 43.19 3.82 8.70
N ILE B 318 42.98 3.61 7.40
CA ILE B 318 43.19 4.67 6.41
C ILE B 318 41.93 5.50 6.18
N MET B 319 40.79 5.13 6.79
CA MET B 319 39.59 5.96 6.77
C MET B 319 39.12 6.22 8.20
N PRO B 320 39.86 7.01 8.97
CA PRO B 320 39.41 7.34 10.33
C PRO B 320 38.26 8.33 10.31
N GLY B 321 37.28 8.08 11.17
CA GLY B 321 36.11 8.92 11.31
C GLY B 321 34.87 8.39 10.61
N LYS B 322 35.02 7.52 9.60
CA LYS B 322 33.88 6.98 8.89
C LYS B 322 33.20 5.93 9.77
N VAL B 323 32.00 6.24 10.25
CA VAL B 323 31.17 5.29 10.98
C VAL B 323 29.85 5.21 10.23
N ASN B 324 29.54 4.06 9.66
CA ASN B 324 28.29 3.96 8.92
C ASN B 324 27.14 3.71 9.90
N PRO B 325 26.02 4.43 9.76
CA PRO B 325 24.90 4.23 10.68
C PRO B 325 24.13 2.95 10.37
N THR B 326 24.79 1.80 10.55
CA THR B 326 24.21 0.56 10.07
C THR B 326 22.98 0.15 10.86
N GLN B 327 22.90 0.51 12.14
CA GLN B 327 21.69 0.19 12.91
C GLN B 327 20.51 1.02 12.43
N CYS B 328 20.75 2.28 12.04
CA CYS B 328 19.69 3.08 11.45
C CYS B 328 19.17 2.44 10.17
N GLU B 329 20.07 1.87 9.37
CA GLU B 329 19.63 1.27 8.12
C GLU B 329 18.79 0.03 8.38
N MET B 330 19.20 -0.79 9.36
CA MET B 330 18.38 -1.95 9.73
C MET B 330 16.99 -1.52 10.16
N LEU B 331 16.90 -0.50 11.02
CA LEU B 331 15.62 -0.11 11.58
C LEU B 331 14.69 0.46 10.51
N THR B 332 15.23 1.22 9.55
CA THR B 332 14.38 1.75 8.49
C THR B 332 13.97 0.65 7.52
N MET B 333 14.81 -0.35 7.29
CA MET B 333 14.36 -1.48 6.46
C MET B 333 13.22 -2.22 7.13
N VAL B 334 13.31 -2.43 8.44
CA VAL B 334 12.20 -3.02 9.17
C VAL B 334 10.96 -2.15 9.03
N ALA B 335 11.14 -0.83 9.12
CA ALA B 335 10.01 0.10 9.05
C ALA B 335 9.23 -0.05 7.74
N VAL B 336 9.92 -0.12 6.59
CA VAL B 336 9.18 -0.22 5.34
C VAL B 336 8.57 -1.61 5.16
N GLN B 337 9.20 -2.65 5.71
CA GLN B 337 8.55 -3.96 5.74
C GLN B 337 7.21 -3.90 6.45
N VAL B 338 7.18 -3.28 7.62
CA VAL B 338 5.92 -3.16 8.37
C VAL B 338 4.87 -2.43 7.55
N MET B 339 5.28 -1.47 6.73
CA MET B 339 4.30 -0.72 5.95
C MET B 339 3.69 -1.57 4.84
N GLY B 340 4.50 -2.43 4.23
CA GLY B 340 3.96 -3.36 3.25
C GLY B 340 3.12 -4.45 3.89
N ASN B 341 3.58 -4.98 5.03
CA ASN B 341 2.75 -5.91 5.78
C ASN B 341 1.38 -5.31 6.09
N ASP B 342 1.34 -4.00 6.36
CA ASP B 342 0.07 -3.31 6.64
C ASP B 342 -0.88 -3.41 5.45
N THR B 343 -0.34 -3.25 4.24
CA THR B 343 -1.13 -3.43 3.02
C THR B 343 -1.81 -4.80 2.96
N VAL B 344 -1.02 -5.87 3.18
CA VAL B 344 -1.58 -7.23 3.14
C VAL B 344 -2.73 -7.36 4.11
N VAL B 345 -2.51 -6.91 5.35
CA VAL B 345 -3.49 -7.15 6.41
C VAL B 345 -4.78 -6.41 6.12
N GLY B 346 -4.68 -5.13 5.72
CA GLY B 346 -5.88 -4.36 5.40
C GLY B 346 -6.67 -4.94 4.24
N PHE B 347 -5.98 -5.47 3.23
N PHE B 347 -5.97 -5.38 3.19
CA PHE B 347 -6.73 -6.00 2.10
CA PHE B 347 -6.60 -6.05 2.05
C PHE B 347 -7.25 -7.41 2.35
C PHE B 347 -7.30 -7.32 2.50
N ALA B 348 -6.52 -8.22 3.11
CA ALA B 348 -7.03 -9.55 3.44
C ALA B 348 -8.25 -9.47 4.35
N SER B 349 -8.29 -8.49 5.24
CA SER B 349 -9.43 -8.36 6.15
C SER B 349 -10.71 -7.99 5.42
N SER B 350 -10.62 -7.44 4.20
CA SER B 350 -11.80 -7.03 3.43
C SER B 350 -12.40 -8.17 2.62
N GLN B 351 -11.75 -9.33 2.55
CA GLN B 351 -12.03 -10.30 1.51
C GLN B 351 -12.84 -11.49 2.01
N GLY B 352 -13.52 -11.34 3.15
CA GLY B 352 -14.32 -12.42 3.67
C GLY B 352 -15.60 -12.62 2.88
N ASN B 353 -16.16 -13.82 3.01
CA ASN B 353 -17.40 -14.17 2.34
C ASN B 353 -18.29 -14.92 3.33
N PHE B 354 -19.50 -14.42 3.53
CA PHE B 354 -20.51 -15.10 4.35
C PHE B 354 -19.96 -15.45 5.73
N GLU B 355 -19.93 -16.73 6.07
CA GLU B 355 -19.67 -17.13 7.45
C GLU B 355 -18.19 -17.30 7.79
N LEU B 356 -17.27 -17.03 6.86
CA LEU B 356 -15.87 -17.21 7.20
C LEU B 356 -14.98 -16.37 6.30
N ASN B 357 -14.01 -15.68 6.89
CA ASN B 357 -12.91 -15.08 6.14
C ASN B 357 -11.81 -16.11 6.07
N VAL B 358 -11.43 -16.50 4.85
CA VAL B 358 -10.41 -17.53 4.69
C VAL B 358 -9.11 -16.92 4.18
N TYR B 359 -8.63 -15.89 4.87
CA TYR B 359 -7.30 -15.33 4.63
C TYR B 359 -6.46 -15.35 5.89
N LYS B 360 -6.77 -16.26 6.83
CA LYS B 360 -6.26 -16.12 8.18
C LYS B 360 -4.76 -16.40 8.30
N PRO B 361 -4.19 -17.41 7.61
CA PRO B 361 -2.73 -17.60 7.71
C PRO B 361 -1.92 -16.40 7.25
N VAL B 362 -2.24 -15.82 6.09
CA VAL B 362 -1.44 -14.70 5.60
C VAL B 362 -1.57 -13.51 6.55
N ILE B 363 -2.75 -13.32 7.16
CA ILE B 363 -2.91 -12.25 8.13
C ILE B 363 -2.03 -12.50 9.35
N MET B 364 -2.06 -13.74 9.86
CA MET B 364 -1.20 -14.10 10.99
C MET B 364 0.26 -13.88 10.65
N HIS B 365 0.70 -14.40 9.51
CA HIS B 365 2.11 -14.29 9.10
C HIS B 365 2.58 -12.84 9.11
N ASN B 366 1.83 -11.96 8.47
CA ASN B 366 2.25 -10.58 8.34
C ASN B 366 2.19 -9.83 9.67
N THR B 367 1.13 -10.04 10.44
CA THR B 367 1.00 -9.29 11.68
C THR B 367 2.05 -9.72 12.70
N LEU B 368 2.24 -11.03 12.87
CA LEU B 368 3.30 -11.52 13.75
C LEU B 368 4.66 -10.97 13.33
N GLN B 369 4.98 -11.04 12.03
CA GLN B 369 6.28 -10.58 11.58
C GLN B 369 6.49 -9.10 11.90
N SER B 370 5.45 -8.28 11.70
CA SER B 370 5.58 -6.87 12.04
C SER B 370 5.89 -6.70 13.52
N ILE B 371 5.25 -7.49 14.38
CA ILE B 371 5.47 -7.36 15.81
C ILE B 371 6.92 -7.66 16.17
N TYR B 372 7.42 -8.84 15.77
CA TYR B 372 8.77 -9.16 16.21
C TYR B 372 9.85 -8.40 15.44
N LEU B 373 9.54 -7.88 14.24
CA LEU B 373 10.52 -7.04 13.56
C LEU B 373 10.69 -5.70 14.28
N LEU B 374 9.58 -5.07 14.67
CA LEU B 374 9.68 -3.85 15.46
C LEU B 374 10.32 -4.13 16.82
N ALA B 375 9.94 -5.24 17.46
CA ALA B 375 10.54 -5.60 18.75
C ALA B 375 12.04 -5.81 18.62
N ASP B 376 12.46 -6.74 17.75
CA ASP B 376 13.90 -7.00 17.61
C ASP B 376 14.62 -5.77 17.09
N GLY B 377 13.97 -5.03 16.19
CA GLY B 377 14.58 -3.83 15.65
C GLY B 377 14.83 -2.78 16.71
N MET B 378 13.82 -2.48 17.52
CA MET B 378 13.99 -1.49 18.59
C MET B 378 15.02 -1.95 19.60
N GLU B 379 14.99 -3.23 19.99
CA GLU B 379 15.93 -3.73 21.00
C GLU B 379 17.37 -3.61 20.52
N THR B 380 17.63 -4.05 19.29
CA THR B 380 18.98 -4.01 18.74
C THR B 380 19.44 -2.58 18.47
N PHE B 381 18.57 -1.76 17.90
CA PHE B 381 18.88 -0.35 17.71
C PHE B 381 19.17 0.32 19.04
N ASN B 382 18.42 -0.03 20.08
CA ASN B 382 18.73 0.49 21.41
C ASN B 382 20.12 0.06 21.85
N ASN B 383 20.36 -1.25 21.88
CA ASN B 383 21.60 -1.76 22.49
C ASN B 383 22.82 -1.35 21.67
N ASN B 384 22.70 -1.35 20.35
CA ASN B 384 23.86 -1.21 19.48
C ASN B 384 24.02 0.19 18.90
N CYS B 385 23.15 1.14 19.27
CA CYS B 385 23.23 2.50 18.75
C CYS B 385 22.71 3.52 19.76
N ALA B 386 21.41 3.45 20.10
CA ALA B 386 20.77 4.51 20.88
C ALA B 386 21.52 4.81 22.18
N VAL B 387 21.88 3.77 22.94
CA VAL B 387 22.54 4.01 24.23
C VAL B 387 23.86 4.74 24.05
N GLY B 388 24.48 4.66 22.88
CA GLY B 388 25.74 5.31 22.62
C GLY B 388 25.66 6.66 21.91
N ILE B 389 24.44 7.21 21.73
CA ILE B 389 24.30 8.53 21.12
C ILE B 389 24.94 9.55 22.03
N GLU B 390 25.92 10.28 21.50
CA GLU B 390 26.60 11.30 22.27
C GLU B 390 26.72 12.59 21.46
N PRO B 391 26.62 13.75 22.10
CA PRO B 391 26.80 15.01 21.39
C PRO B 391 28.25 15.27 21.06
N ILE B 392 28.47 16.05 20.00
CA ILE B 392 29.78 16.59 19.70
C ILE B 392 29.69 18.08 19.96
N GLU B 393 30.03 18.52 21.17
N GLU B 393 30.04 18.51 21.18
CA GLU B 393 29.66 19.87 21.57
CA GLU B 393 29.72 19.85 21.63
C GLU B 393 30.39 20.94 20.77
C GLU B 393 30.39 20.92 20.78
N GLU B 394 31.60 20.65 20.26
CA GLU B 394 32.29 21.63 19.46
C GLU B 394 31.53 21.96 18.18
N ASN B 395 30.99 20.93 17.52
CA ASN B 395 30.22 21.18 16.31
C ASN B 395 28.90 21.85 16.64
N ILE B 396 28.24 21.41 17.71
CA ILE B 396 26.98 22.03 18.13
C ILE B 396 27.19 23.48 18.53
N ASP B 397 28.23 23.77 19.33
CA ASP B 397 28.50 25.16 19.71
C ASP B 397 28.76 26.02 18.48
N ASN B 398 29.49 25.49 17.49
CA ASN B 398 29.78 26.27 16.29
C ASN B 398 28.50 26.59 15.52
N TYR B 399 27.59 25.63 15.41
CA TYR B 399 26.33 25.93 14.72
C TYR B 399 25.59 27.07 15.41
N LEU B 400 25.50 27.01 16.74
CA LEU B 400 24.79 28.04 17.49
C LEU B 400 25.47 29.40 17.36
N ASN B 401 26.80 29.43 17.45
CA ASN B 401 27.52 30.71 17.41
C ASN B 401 27.56 31.30 16.01
N GLN B 402 27.50 30.46 14.98
CA GLN B 402 27.53 30.93 13.60
C GLN B 402 26.16 31.22 13.03
N SER B 403 25.09 30.97 13.77
CA SER B 403 23.75 31.05 13.20
C SER B 403 23.29 32.50 13.11
N LEU B 404 22.64 32.82 12.00
CA LEU B 404 21.98 34.11 11.85
C LEU B 404 20.58 34.12 12.44
N MET B 405 20.04 32.96 12.80
CA MET B 405 18.66 32.88 13.25
C MET B 405 18.46 33.39 14.68
N LEU B 406 19.52 33.81 15.36
CA LEU B 406 19.38 34.38 16.70
C LEU B 406 19.06 35.87 16.66
N VAL B 407 19.15 36.51 15.50
CA VAL B 407 19.06 37.97 15.41
C VAL B 407 17.73 38.48 15.91
N THR B 408 16.69 37.63 15.93
CA THR B 408 15.37 38.02 16.43
C THR B 408 15.42 38.62 17.83
N ALA B 409 16.32 38.11 18.67
CA ALA B 409 16.43 38.57 20.05
C ALA B 409 16.92 40.02 20.15
N LEU B 410 17.46 40.58 19.08
CA LEU B 410 17.88 41.98 19.11
C LEU B 410 16.71 42.95 18.97
N ASN B 411 15.57 42.47 18.50
CA ASN B 411 14.45 43.36 18.17
C ASN B 411 13.96 44.18 19.36
N PRO B 412 13.73 43.62 20.56
CA PRO B 412 13.25 44.45 21.67
C PRO B 412 14.21 45.53 22.11
N HIS B 413 15.48 45.46 21.71
CA HIS B 413 16.50 46.38 22.21
C HIS B 413 16.86 47.48 21.21
N ILE B 414 17.12 47.12 19.96
CA ILE B 414 17.53 48.10 18.94
C ILE B 414 16.50 48.31 17.85
N GLY B 415 15.50 47.44 17.75
CA GLY B 415 14.47 47.57 16.73
C GLY B 415 14.64 46.57 15.61
N TYR B 416 13.60 46.47 14.78
CA TYR B 416 13.62 45.53 13.67
C TYR B 416 14.62 45.95 12.61
N GLU B 417 14.66 47.24 12.28
CA GLU B 417 15.47 47.69 11.16
C GLU B 417 16.97 47.57 11.46
N LYS B 418 17.38 47.96 12.66
CA LYS B 418 18.79 47.82 13.03
C LYS B 418 19.21 46.35 13.04
N ALA B 419 18.39 45.49 13.64
CA ALA B 419 18.70 44.06 13.67
C ALA B 419 18.77 43.48 12.27
N ALA B 420 17.88 43.92 11.38
CA ALA B 420 17.90 43.47 10.00
C ALA B 420 19.21 43.85 9.31
N GLN B 421 19.65 45.09 9.50
CA GLN B 421 20.96 45.50 8.98
C GLN B 421 22.06 44.59 9.51
N ILE B 422 22.06 44.31 10.82
CA ILE B 422 23.09 43.44 11.38
C ILE B 422 23.04 42.06 10.72
N ALA B 423 21.84 41.53 10.49
CA ALA B 423 21.72 40.20 9.90
C ALA B 423 22.14 40.21 8.43
N LYS B 424 21.72 41.23 7.69
CA LYS B 424 22.15 41.39 6.30
C LYS B 424 23.67 41.51 6.21
N LYS B 425 24.27 42.34 7.07
CA LYS B 425 25.71 42.51 7.07
C LYS B 425 26.43 41.21 7.42
N ALA B 426 25.95 40.50 8.45
CA ALA B 426 26.60 39.25 8.81
C ALA B 426 26.51 38.24 7.67
N HIS B 427 25.44 38.29 6.88
CA HIS B 427 25.29 37.36 5.77
C HIS B 427 26.24 37.71 4.63
N LYS B 428 26.34 39.00 4.29
CA LYS B 428 27.17 39.39 3.16
C LYS B 428 28.65 39.21 3.47
N GLU B 429 29.07 39.64 4.66
CA GLU B 429 30.49 39.71 4.98
C GLU B 429 31.01 38.45 5.66
N GLY B 430 30.19 37.40 5.76
CA GLY B 430 30.62 36.19 6.42
C GLY B 430 30.91 36.34 7.89
N LEU B 431 30.18 37.21 8.58
CA LEU B 431 30.38 37.47 9.99
C LEU B 431 29.42 36.64 10.84
N THR B 432 29.76 36.53 12.12
CA THR B 432 28.77 36.13 13.10
C THR B 432 27.86 37.32 13.42
N LEU B 433 26.73 37.02 14.05
CA LEU B 433 25.84 38.08 14.51
C LEU B 433 26.55 39.01 15.49
N LYS B 434 27.41 38.47 16.35
CA LYS B 434 28.15 39.31 17.28
C LYS B 434 29.12 40.21 16.55
N GLU B 435 29.90 39.65 15.61
CA GLU B 435 30.84 40.45 14.85
C GLU B 435 30.13 41.56 14.08
N SER B 436 28.97 41.24 13.51
CA SER B 436 28.21 42.25 12.76
C SER B 436 27.61 43.30 13.69
N ALA B 437 27.09 42.86 14.84
CA ALA B 437 26.38 43.79 15.73
C ALA B 437 27.31 44.82 16.34
N ILE B 438 28.57 44.47 16.57
CA ILE B 438 29.53 45.40 17.15
C ILE B 438 30.19 46.29 16.10
N GLN B 439 30.25 45.84 14.83
CA GLN B 439 30.85 46.66 13.78
C GLN B 439 29.88 47.72 13.24
N THR B 440 28.57 47.52 13.41
CA THR B 440 27.60 48.56 13.07
C THR B 440 27.47 49.61 14.15
N GLY B 441 28.02 49.36 15.34
CA GLY B 441 27.86 50.26 16.46
C GLY B 441 26.50 50.23 17.11
N TYR B 442 25.63 49.30 16.72
CA TYR B 442 24.28 49.26 17.27
C TYR B 442 24.24 48.60 18.64
N VAL B 443 25.10 47.60 18.86
CA VAL B 443 25.11 46.83 20.10
C VAL B 443 26.52 46.80 20.65
N THR B 444 26.65 46.88 21.97
CA THR B 444 27.93 46.75 22.63
C THR B 444 28.30 45.27 22.76
N GLU B 445 29.61 45.00 22.83
CA GLU B 445 30.07 43.64 23.14
C GLU B 445 29.43 43.13 24.42
N GLU B 446 29.32 43.98 25.43
CA GLU B 446 28.65 43.58 26.66
C GLU B 446 27.14 43.50 26.47
N GLN B 447 26.56 44.41 25.69
CA GLN B 447 25.13 44.34 25.40
C GLN B 447 24.77 43.08 24.63
N PHE B 448 25.63 42.67 23.69
CA PHE B 448 25.31 41.49 22.90
C PHE B 448 25.25 40.24 23.75
N GLU B 449 26.26 40.01 24.59
CA GLU B 449 26.25 38.82 25.42
C GLU B 449 25.22 38.91 26.54
N ALA B 450 24.60 40.08 26.75
CA ALA B 450 23.50 40.24 27.68
C ALA B 450 22.13 40.17 27.03
N TRP B 451 22.02 40.57 25.76
CA TRP B 451 20.75 40.52 25.05
C TRP B 451 20.49 39.18 24.35
N ILE B 452 21.54 38.47 23.97
CA ILE B 452 21.42 37.22 23.20
C ILE B 452 21.68 36.07 24.17
N LYS B 453 20.61 35.56 24.76
CA LYS B 453 20.68 34.41 25.65
C LYS B 453 20.01 33.22 24.98
N PRO B 454 20.76 32.34 24.31
CA PRO B 454 20.10 31.18 23.67
C PRO B 454 19.30 30.34 24.66
N GLU B 455 19.70 30.32 25.92
CA GLU B 455 18.93 29.57 26.91
C GLU B 455 17.57 30.21 27.17
N ASP B 456 17.40 31.49 26.84
CA ASP B 456 16.10 32.13 26.94
C ASP B 456 15.29 32.00 25.64
N MET B 457 15.85 31.39 24.60
CA MET B 457 15.21 31.31 23.30
C MET B 457 14.63 29.93 23.00
N VAL B 458 14.50 29.08 24.01
CA VAL B 458 14.00 27.73 23.81
C VAL B 458 12.78 27.45 24.68
N ASP B 459 12.12 28.51 25.15
CA ASP B 459 10.91 28.40 25.96
C ASP B 459 10.04 29.62 25.66
N PRO B 460 8.73 29.51 25.88
CA PRO B 460 7.88 30.71 25.82
C PRO B 460 8.17 31.62 26.99
N HIS B 461 7.95 32.91 26.79
CA HIS B 461 8.15 33.90 27.84
C HIS B 461 7.14 35.04 27.73
N MET C 1 30.87 -29.61 18.95
CA MET C 1 30.70 -28.39 19.74
C MET C 1 31.95 -27.52 19.67
N SER C 2 32.94 -27.97 18.88
CA SER C 2 34.22 -27.29 18.80
C SER C 2 34.09 -25.97 18.05
N VAL C 3 35.07 -25.09 18.27
CA VAL C 3 35.10 -23.77 17.68
C VAL C 3 36.48 -23.51 17.10
N ARG C 4 36.53 -22.57 16.17
CA ARG C 4 37.76 -22.06 15.60
C ARG C 4 37.87 -20.60 16.00
N ILE C 5 39.06 -20.16 16.40
CA ILE C 5 39.21 -18.78 16.87
C ILE C 5 39.63 -17.92 15.68
N GLU C 6 38.77 -16.99 15.28
CA GLU C 6 39.11 -15.95 14.33
C GLU C 6 39.34 -14.64 15.06
N HIS C 7 39.80 -13.62 14.33
CA HIS C 7 40.03 -12.35 14.99
C HIS C 7 39.93 -11.20 13.98
N ASP C 8 39.61 -10.02 14.51
CA ASP C 8 39.60 -8.79 13.72
C ASP C 8 40.08 -7.61 14.56
N THR C 9 39.61 -6.40 14.21
CA THR C 9 40.04 -5.20 14.91
C THR C 9 39.56 -5.18 16.36
N PHE C 10 38.46 -5.86 16.65
CA PHE C 10 37.85 -5.85 17.97
C PHE C 10 38.33 -6.97 18.87
N GLY C 11 39.16 -7.89 18.36
CA GLY C 11 39.70 -8.96 19.18
C GLY C 11 39.44 -10.35 18.63
N GLU C 12 39.47 -11.35 19.51
CA GLU C 12 39.24 -12.73 19.13
C GLU C 12 37.76 -13.07 19.23
N ILE C 13 37.26 -13.85 18.28
CA ILE C 13 35.86 -14.26 18.26
C ILE C 13 35.78 -15.71 17.80
N GLU C 14 34.86 -16.47 18.41
CA GLU C 14 34.71 -17.89 18.11
C GLU C 14 33.78 -18.09 16.93
N VAL C 15 34.26 -18.86 15.95
CA VAL C 15 33.42 -19.32 14.85
C VAL C 15 33.23 -20.82 15.03
N PRO C 16 32.05 -21.38 14.78
CA PRO C 16 31.90 -22.83 14.91
C PRO C 16 32.87 -23.56 14.01
N ALA C 17 33.45 -24.64 14.53
CA ALA C 17 34.54 -25.32 13.83
C ALA C 17 34.13 -25.81 12.45
N ASP C 18 32.85 -26.14 12.27
CA ASP C 18 32.36 -26.70 11.02
C ASP C 18 31.80 -25.65 10.07
N LYS C 19 31.96 -24.37 10.37
CA LYS C 19 31.46 -23.29 9.54
C LYS C 19 32.62 -22.54 8.88
N TYR C 20 32.41 -22.12 7.65
CA TYR C 20 33.50 -21.60 6.84
C TYR C 20 33.55 -20.08 6.79
N TRP C 21 32.69 -19.38 7.52
CA TRP C 21 32.77 -17.94 7.54
C TRP C 21 33.81 -17.48 8.56
N GLY C 22 34.15 -16.19 8.50
CA GLY C 22 35.22 -15.63 9.28
C GLY C 22 34.75 -14.70 10.37
N ALA C 23 35.68 -13.89 10.88
CA ALA C 23 35.39 -13.02 12.03
C ALA C 23 34.36 -11.96 11.68
N GLN C 24 34.38 -11.43 10.46
CA GLN C 24 33.43 -10.37 10.13
C GLN C 24 32.01 -10.91 10.05
N THR C 25 31.83 -12.10 9.46
CA THR C 25 30.48 -12.65 9.40
C THR C 25 29.97 -12.98 10.79
N GLU C 26 30.83 -13.53 11.66
CA GLU C 26 30.42 -13.86 13.02
C GLU C 26 30.09 -12.61 13.82
N ARG C 27 30.86 -11.52 13.64
CA ARG C 27 30.53 -10.29 14.33
C ARG C 27 29.25 -9.67 13.77
N SER C 28 29.09 -9.68 12.45
CA SER C 28 27.86 -9.15 11.86
C SER C 28 26.64 -9.94 12.32
N LYS C 29 26.78 -11.26 12.44
CA LYS C 29 25.68 -12.09 12.89
C LYS C 29 25.25 -11.72 14.30
N ARG C 30 26.21 -11.51 15.20
CA ARG C 30 25.86 -11.14 16.56
C ARG C 30 25.28 -9.72 16.65
N ASN C 31 25.65 -8.84 15.73
CA ASN C 31 25.25 -7.45 15.86
C ASN C 31 23.88 -7.15 15.26
N PHE C 32 23.31 -8.07 14.49
CA PHE C 32 21.98 -7.90 13.92
C PHE C 32 21.10 -9.11 14.23
N PRO C 33 20.83 -9.38 15.52
CA PRO C 33 19.93 -10.51 15.85
C PRO C 33 18.46 -10.11 15.68
N VAL C 34 18.08 -9.84 14.44
CA VAL C 34 16.80 -9.22 14.14
C VAL C 34 16.00 -10.14 13.24
N GLY C 35 14.84 -10.56 13.73
CA GLY C 35 13.90 -11.26 12.89
C GLY C 35 14.28 -12.71 12.63
N LYS C 36 13.58 -13.28 11.65
CA LYS C 36 13.69 -14.70 11.34
C LYS C 36 13.88 -14.93 9.86
N GLU C 37 14.29 -13.89 9.12
CA GLU C 37 14.36 -13.91 7.67
C GLU C 37 15.84 -13.92 7.28
N ARG C 38 16.38 -15.10 7.04
CA ARG C 38 17.76 -15.21 6.56
C ARG C 38 17.87 -14.57 5.18
N MET C 39 19.00 -13.93 4.92
CA MET C 39 19.26 -13.38 3.59
C MET C 39 19.12 -14.51 2.58
N PRO C 40 18.29 -14.36 1.55
CA PRO C 40 17.96 -15.51 0.69
C PRO C 40 19.19 -16.11 0.02
N ILE C 41 19.26 -17.44 0.05
CA ILE C 41 20.41 -18.14 -0.53
C ILE C 41 20.53 -17.81 -2.01
N GLU C 42 19.42 -17.45 -2.67
CA GLU C 42 19.48 -17.08 -4.07
C GLU C 42 20.40 -15.87 -4.30
N VAL C 43 20.37 -14.88 -3.41
CA VAL C 43 21.27 -13.76 -3.64
C VAL C 43 22.72 -14.17 -3.32
N VAL C 44 22.89 -15.18 -2.46
CA VAL C 44 24.23 -15.72 -2.22
C VAL C 44 24.78 -16.33 -3.50
N TYR C 45 23.94 -17.07 -4.24
CA TYR C 45 24.37 -17.62 -5.53
C TYR C 45 24.66 -16.52 -6.53
N GLY C 46 23.90 -15.42 -6.48
CA GLY C 46 24.21 -14.28 -7.34
C GLY C 46 25.59 -13.72 -7.05
N PHE C 47 25.92 -13.58 -5.75
CA PHE C 47 27.26 -13.20 -5.33
C PHE C 47 28.30 -14.21 -5.83
N ALA C 48 27.99 -15.50 -5.79
CA ALA C 48 28.96 -16.49 -6.24
C ALA C 48 29.21 -16.37 -7.73
N GLN C 49 28.15 -16.15 -8.53
CA GLN C 49 28.36 -15.84 -9.94
C GLN C 49 29.26 -14.63 -10.12
N LEU C 50 29.05 -13.61 -9.29
CA LEU C 50 29.82 -12.38 -9.38
C LEU C 50 31.28 -12.61 -9.00
N LYS C 51 31.52 -13.31 -7.89
CA LYS C 51 32.90 -13.58 -7.47
C LYS C 51 33.62 -14.49 -8.46
N ARG C 52 32.89 -15.45 -9.04
CA ARG C 52 33.45 -16.29 -10.09
C ARG C 52 33.90 -15.46 -11.29
N ALA C 53 32.98 -14.65 -11.82
CA ALA C 53 33.28 -13.80 -12.97
C ALA C 53 34.39 -12.81 -12.64
N ALA C 54 34.38 -12.25 -11.42
CA ALA C 54 35.40 -11.27 -11.05
C ALA C 54 36.78 -11.91 -10.97
N ALA C 55 36.86 -13.14 -10.48
CA ALA C 55 38.15 -13.83 -10.47
C ALA C 55 38.70 -13.97 -11.88
N ILE C 56 37.85 -14.41 -12.82
CA ILE C 56 38.30 -14.59 -14.21
C ILE C 56 38.70 -13.24 -14.81
N ALA C 57 37.87 -12.22 -14.62
CA ALA C 57 38.16 -10.92 -15.21
C ALA C 57 39.46 -10.34 -14.65
N ASN C 58 39.63 -10.42 -13.33
CA ASN C 58 40.88 -9.96 -12.73
C ASN C 58 42.08 -10.74 -13.25
N PHE C 59 41.90 -12.04 -13.50
CA PHE C 59 42.98 -12.81 -14.10
C PHE C 59 43.27 -12.33 -15.52
N ASP C 60 42.23 -12.02 -16.29
CA ASP C 60 42.41 -11.52 -17.65
C ASP C 60 43.19 -10.21 -17.66
N LEU C 61 43.06 -9.41 -16.61
CA LEU C 61 43.72 -8.12 -16.53
C LEU C 61 45.09 -8.21 -15.88
N GLY C 62 45.54 -9.42 -15.54
CA GLY C 62 46.83 -9.57 -14.91
C GLY C 62 46.87 -9.17 -13.45
N LYS C 63 45.71 -9.08 -12.80
CA LYS C 63 45.63 -8.66 -11.41
C LYS C 63 45.52 -9.83 -10.44
N LEU C 64 45.42 -11.05 -10.95
CA LEU C 64 45.20 -12.24 -10.13
C LEU C 64 45.94 -13.41 -10.77
N SER C 65 46.60 -14.22 -9.95
CA SER C 65 47.32 -15.36 -10.49
C SER C 65 46.34 -16.40 -11.04
N GLU C 66 46.86 -17.27 -11.89
CA GLU C 66 46.04 -18.36 -12.42
C GLU C 66 45.57 -19.28 -11.31
N ALA C 67 46.48 -19.63 -10.38
CA ALA C 67 46.12 -20.58 -9.32
C ALA C 67 45.08 -19.99 -8.38
N LYS C 68 45.21 -18.70 -8.05
CA LYS C 68 44.18 -18.03 -7.26
C LYS C 68 42.86 -18.00 -8.02
N LYS C 69 42.90 -17.69 -9.32
CA LYS C 69 41.67 -17.67 -10.11
C LYS C 69 41.01 -19.04 -10.11
N ASP C 70 41.79 -20.10 -10.35
CA ASP C 70 41.23 -21.45 -10.38
C ASP C 70 40.66 -21.83 -9.01
N ALA C 71 41.34 -21.45 -7.93
CA ALA C 71 40.85 -21.78 -6.60
C ALA C 71 39.59 -20.99 -6.26
N ILE C 72 39.54 -19.71 -6.63
CA ILE C 72 38.31 -18.95 -6.39
C ILE C 72 37.17 -19.49 -7.25
N VAL C 73 37.44 -19.80 -8.51
CA VAL C 73 36.39 -20.34 -9.36
C VAL C 73 35.84 -21.64 -8.78
N TYR C 74 36.74 -22.54 -8.34
CA TYR C 74 36.32 -23.79 -7.71
C TYR C 74 35.43 -23.53 -6.49
N ALA C 75 35.88 -22.67 -5.58
CA ALA C 75 35.08 -22.38 -4.39
C ALA C 75 33.72 -21.82 -4.77
N CYS C 76 33.68 -20.94 -5.78
CA CYS C 76 32.41 -20.39 -6.23
C CYS C 76 31.50 -21.49 -6.76
N ASP C 77 32.05 -22.42 -7.54
CA ASP C 77 31.21 -23.51 -8.06
C ASP C 77 30.75 -24.44 -6.95
N GLN C 78 31.52 -24.56 -5.87
CA GLN C 78 31.05 -25.30 -4.71
C GLN C 78 29.79 -24.66 -4.13
N ILE C 79 29.79 -23.34 -4.03
CA ILE C 79 28.60 -22.64 -3.57
C ILE C 79 27.44 -22.89 -4.53
N LEU C 80 27.67 -22.72 -5.83
CA LEU C 80 26.57 -22.80 -6.80
C LEU C 80 26.01 -24.21 -6.92
N SER C 81 26.75 -25.24 -6.52
CA SER C 81 26.24 -26.60 -6.54
C SER C 81 25.46 -26.95 -5.27
N GLY C 82 25.18 -25.96 -4.42
CA GLY C 82 24.38 -26.19 -3.24
C GLY C 82 25.07 -26.95 -2.12
N GLU C 83 26.39 -27.02 -2.12
CA GLU C 83 27.12 -27.78 -1.11
C GLU C 83 27.41 -26.97 0.15
N LEU C 84 27.16 -25.67 0.16
CA LEU C 84 27.67 -24.82 1.23
C LEU C 84 26.60 -23.89 1.79
N ASP C 85 25.31 -24.24 1.66
CA ASP C 85 24.24 -23.31 2.02
C ASP C 85 24.29 -22.93 3.49
N GLU C 86 24.78 -23.83 4.35
CA GLU C 86 24.77 -23.57 5.79
C GLU C 86 25.82 -22.56 6.23
N HIS C 87 26.72 -22.15 5.35
CA HIS C 87 27.75 -21.20 5.73
C HIS C 87 27.34 -19.75 5.47
N PHE C 88 26.05 -19.48 5.32
CA PHE C 88 25.56 -18.12 5.09
C PHE C 88 24.43 -17.87 6.07
N PRO C 89 24.75 -17.30 7.25
CA PRO C 89 23.78 -17.28 8.33
C PRO C 89 23.18 -15.90 8.59
N LEU C 90 23.51 -14.92 7.76
CA LEU C 90 23.11 -13.55 8.04
C LEU C 90 21.67 -13.31 7.61
N VAL C 91 21.02 -12.37 8.29
CA VAL C 91 19.60 -12.08 8.05
C VAL C 91 19.43 -10.98 7.01
N VAL C 92 18.19 -10.81 6.54
CA VAL C 92 17.87 -9.69 5.65
C VAL C 92 18.15 -8.37 6.35
N TRP C 93 17.84 -8.28 7.65
CA TRP C 93 17.83 -7.02 8.39
C TRP C 93 19.24 -6.65 8.88
N GLN C 94 20.14 -6.49 7.92
CA GLN C 94 21.53 -6.10 8.13
C GLN C 94 21.71 -4.65 7.69
N THR C 95 22.91 -4.28 7.26
CA THR C 95 23.13 -2.96 6.71
C THR C 95 22.40 -2.84 5.37
N GLY C 96 22.02 -1.61 5.02
CA GLY C 96 21.23 -1.40 3.83
C GLY C 96 21.98 -1.55 2.53
N SER C 97 23.31 -1.65 2.57
CA SER C 97 24.07 -1.88 1.35
C SER C 97 24.29 -3.35 1.05
N GLY C 98 23.98 -4.24 1.99
CA GLY C 98 24.29 -5.64 1.81
C GLY C 98 25.77 -5.98 1.95
N THR C 99 26.57 -5.06 2.50
CA THR C 99 28.00 -5.28 2.66
C THR C 99 28.29 -6.56 3.41
N GLN C 100 27.55 -6.83 4.48
CA GLN C 100 27.90 -7.96 5.34
C GLN C 100 27.69 -9.28 4.62
N SER C 101 26.64 -9.40 3.81
CA SER C 101 26.53 -10.61 3.01
C SER C 101 27.60 -10.66 1.93
N ASN C 102 27.99 -9.52 1.36
CA ASN C 102 29.14 -9.51 0.46
C ASN C 102 30.36 -10.11 1.13
N MET C 103 30.67 -9.66 2.36
N MET C 103 30.65 -9.66 2.36
CA MET C 103 31.86 -10.16 3.03
CA MET C 103 31.84 -10.13 3.07
C MET C 103 31.69 -11.61 3.50
C MET C 103 31.69 -11.60 3.50
N ASN C 104 30.45 -12.01 3.80
CA ASN C 104 30.17 -13.41 4.10
C ASN C 104 30.60 -14.30 2.92
N VAL C 105 30.24 -13.90 1.70
CA VAL C 105 30.68 -14.63 0.52
C VAL C 105 32.19 -14.55 0.37
N ASN C 106 32.77 -13.37 0.60
CA ASN C 106 34.23 -13.23 0.50
C ASN C 106 34.94 -14.20 1.43
N GLU C 107 34.44 -14.36 2.66
CA GLU C 107 35.13 -15.20 3.64
C GLU C 107 34.98 -16.68 3.34
N VAL C 108 33.75 -17.13 3.02
CA VAL C 108 33.50 -18.52 2.70
C VAL C 108 34.29 -18.92 1.45
N VAL C 109 34.19 -18.10 0.40
CA VAL C 109 34.94 -18.35 -0.82
C VAL C 109 36.43 -18.45 -0.51
N SER C 110 36.94 -17.50 0.27
CA SER C 110 38.35 -17.53 0.64
C SER C 110 38.69 -18.80 1.41
N TYR C 111 37.84 -19.21 2.34
CA TYR C 111 38.09 -20.41 3.14
C TYR C 111 38.17 -21.64 2.25
N VAL C 112 37.18 -21.83 1.38
CA VAL C 112 37.13 -22.99 0.51
C VAL C 112 38.26 -22.94 -0.51
N ALA C 113 38.58 -21.74 -1.01
CA ALA C 113 39.64 -21.60 -1.99
C ALA C 113 41.00 -21.95 -1.41
N ASN C 114 41.27 -21.52 -0.17
CA ASN C 114 42.54 -21.89 0.45
C ASN C 114 42.61 -23.38 0.71
N MET C 115 41.47 -24.04 0.95
CA MET C 115 41.50 -25.50 1.06
C MET C 115 41.90 -26.14 -0.26
N TYR C 116 41.48 -25.53 -1.38
CA TYR C 116 41.86 -26.03 -2.70
C TYR C 116 43.35 -25.87 -2.95
N LEU C 117 43.88 -24.68 -2.66
CA LEU C 117 45.29 -24.43 -2.93
C LEU C 117 46.17 -25.38 -2.11
N LYS C 118 45.83 -25.60 -0.85
CA LYS C 118 46.63 -26.50 -0.02
C LYS C 118 46.53 -27.94 -0.50
N ASP C 119 45.36 -28.35 -0.99
CA ASP C 119 45.23 -29.68 -1.57
C ASP C 119 46.02 -29.84 -2.85
N HIS C 120 46.30 -28.73 -3.54
CA HIS C 120 47.12 -28.75 -4.75
C HIS C 120 48.56 -28.30 -4.48
N GLN C 121 49.00 -28.42 -3.22
CA GLN C 121 50.38 -28.10 -2.82
C GLN C 121 50.81 -26.72 -3.33
N SER C 122 49.94 -25.74 -3.18
CA SER C 122 50.26 -24.38 -3.56
C SER C 122 50.74 -23.60 -2.33
N ASP C 123 51.77 -22.79 -2.53
CA ASP C 123 52.22 -21.86 -1.50
C ASP C 123 51.44 -20.55 -1.48
N GLU C 124 50.51 -20.35 -2.41
CA GLU C 124 49.75 -19.11 -2.45
C GLU C 124 48.56 -19.18 -1.49
N SER C 125 48.08 -18.01 -1.08
CA SER C 125 46.95 -17.93 -0.15
C SER C 125 45.97 -16.85 -0.58
N ILE C 126 44.68 -17.17 -0.47
CA ILE C 126 43.59 -16.27 -0.81
C ILE C 126 43.22 -15.44 0.41
N HIS C 127 42.94 -14.16 0.19
CA HIS C 127 42.43 -13.29 1.22
C HIS C 127 41.06 -12.76 0.83
N PRO C 128 40.13 -12.62 1.78
CA PRO C 128 38.75 -12.26 1.39
C PRO C 128 38.65 -10.92 0.70
N ASN C 129 39.34 -9.90 1.17
CA ASN C 129 39.21 -8.59 0.56
C ASN C 129 40.18 -8.38 -0.59
N ASP C 130 41.47 -8.63 -0.34
CA ASP C 130 42.46 -8.33 -1.36
C ASP C 130 42.30 -9.20 -2.60
N ASP C 131 41.73 -10.40 -2.47
CA ASP C 131 41.60 -11.32 -3.60
C ASP C 131 40.16 -11.54 -4.02
N VAL C 132 39.32 -12.05 -3.13
CA VAL C 132 37.96 -12.40 -3.54
C VAL C 132 37.16 -11.15 -3.91
N ASN C 133 37.46 -10.01 -3.28
CA ASN C 133 36.73 -8.76 -3.50
C ASN C 133 37.52 -7.78 -4.37
N LYS C 134 38.55 -8.25 -5.08
CA LYS C 134 39.42 -7.36 -5.84
C LYS C 134 38.63 -6.61 -6.91
N SER C 135 38.91 -5.31 -7.03
CA SER C 135 38.30 -4.42 -8.02
C SER C 135 36.83 -4.15 -7.72
N GLN C 136 36.32 -4.69 -6.64
CA GLN C 136 34.93 -4.54 -6.24
C GLN C 136 34.81 -3.58 -5.06
N SER C 137 33.58 -3.23 -4.76
CA SER C 137 33.26 -2.42 -3.60
C SER C 137 32.12 -3.06 -2.83
N SER C 138 32.00 -2.67 -1.57
CA SER C 138 30.83 -3.06 -0.78
C SER C 138 29.52 -2.63 -1.44
N ASN C 139 29.55 -1.64 -2.34
CA ASN C 139 28.32 -1.00 -2.77
C ASN C 139 27.83 -1.44 -4.14
N ASP C 140 28.72 -1.82 -5.05
CA ASP C 140 28.25 -2.25 -6.36
C ASP C 140 28.10 -3.76 -6.47
N THR C 141 28.45 -4.53 -5.42
CA THR C 141 28.34 -5.97 -5.51
C THR C 141 26.92 -6.46 -5.19
N PHE C 142 26.32 -5.99 -4.10
CA PHE C 142 25.00 -6.49 -3.75
C PHE C 142 23.95 -6.17 -4.82
N PRO C 143 23.87 -4.95 -5.39
CA PRO C 143 22.91 -4.75 -6.48
C PRO C 143 23.16 -5.64 -7.68
N THR C 144 24.42 -5.99 -7.94
CA THR C 144 24.72 -6.94 -9.01
C THR C 144 24.19 -8.33 -8.67
N ALA C 145 24.48 -8.82 -7.46
CA ALA C 145 23.96 -10.10 -7.02
C ALA C 145 22.44 -10.12 -7.02
N MET C 146 21.81 -9.00 -6.65
CA MET C 146 20.37 -8.94 -6.61
C MET C 146 19.77 -9.08 -8.01
N HIS C 147 20.26 -8.31 -8.98
CA HIS C 147 19.73 -8.42 -10.33
C HIS C 147 20.02 -9.80 -10.92
N VAL C 148 21.21 -10.35 -10.66
CA VAL C 148 21.51 -11.68 -11.18
C VAL C 148 20.52 -12.69 -10.62
N ALA C 149 20.33 -12.66 -9.29
CA ALA C 149 19.44 -13.61 -8.66
C ALA C 149 17.98 -13.40 -9.08
N LEU C 150 17.54 -12.14 -9.18
CA LEU C 150 16.15 -11.89 -9.53
C LEU C 150 15.84 -12.35 -10.95
N TYR C 151 16.71 -12.01 -11.90
CA TYR C 151 16.50 -12.43 -13.28
C TYR C 151 16.48 -13.95 -13.40
N GLN C 152 17.40 -14.64 -12.71
CA GLN C 152 17.41 -16.10 -12.75
C GLN C 152 16.12 -16.67 -12.16
N GLU C 153 15.62 -16.05 -11.10
CA GLU C 153 14.39 -16.56 -10.49
C GLU C 153 13.21 -16.43 -11.45
N VAL C 154 13.17 -15.34 -12.22
CA VAL C 154 12.14 -15.19 -13.25
C VAL C 154 12.28 -16.30 -14.28
N GLU C 155 13.52 -16.53 -14.75
CA GLU C 155 13.74 -17.49 -15.83
C GLU C 155 13.49 -18.93 -15.38
N THR C 156 13.91 -19.28 -14.17
CA THR C 156 13.89 -20.70 -13.78
C THR C 156 12.62 -21.10 -13.03
N LYS C 157 11.96 -20.17 -12.36
CA LYS C 157 10.77 -20.48 -11.57
C LYS C 157 9.51 -19.85 -12.16
N LEU C 158 9.48 -18.53 -12.32
CA LEU C 158 8.25 -17.85 -12.71
C LEU C 158 7.86 -18.19 -14.15
N GLU C 159 8.79 -18.05 -15.09
CA GLU C 159 8.43 -18.34 -16.49
C GLU C 159 7.89 -19.76 -16.68
N PRO C 160 8.56 -20.83 -16.22
CA PRO C 160 7.99 -22.17 -16.43
C PRO C 160 6.63 -22.36 -15.78
N ALA C 161 6.43 -21.82 -14.58
CA ALA C 161 5.14 -21.97 -13.91
C ALA C 161 4.03 -21.17 -14.62
N LEU C 162 4.34 -19.96 -15.08
CA LEU C 162 3.36 -19.19 -15.84
C LEU C 162 2.90 -19.95 -17.07
N LYS C 163 3.86 -20.53 -17.81
CA LYS C 163 3.53 -21.27 -19.02
C LYS C 163 2.75 -22.54 -18.73
N LEU C 164 3.05 -23.20 -17.61
CA LEU C 164 2.31 -24.40 -17.23
C LEU C 164 0.83 -24.09 -17.00
N LEU C 165 0.56 -23.09 -16.15
CA LEU C 165 -0.82 -22.74 -15.86
C LEU C 165 -1.52 -22.21 -17.11
N ARG C 166 -0.84 -21.37 -17.88
CA ARG C 166 -1.43 -20.83 -19.10
C ARG C 166 -1.76 -21.95 -20.09
N ASN C 167 -0.83 -22.88 -20.31
CA ASN C 167 -1.10 -23.95 -21.25
C ASN C 167 -2.29 -24.79 -20.80
N THR C 168 -2.42 -25.02 -19.49
CA THR C 168 -3.59 -25.73 -18.99
C THR C 168 -4.88 -24.95 -19.26
N LEU C 169 -4.90 -23.66 -18.92
CA LEU C 169 -6.13 -22.88 -19.16
C LEU C 169 -6.48 -22.84 -20.64
N LYS C 170 -5.48 -22.72 -21.51
CA LYS C 170 -5.73 -22.78 -22.95
C LYS C 170 -6.39 -24.09 -23.35
N GLU C 171 -5.94 -25.21 -22.75
CA GLU C 171 -6.51 -26.51 -23.08
C GLU C 171 -7.95 -26.63 -22.60
N LYS C 172 -8.25 -26.14 -21.40
CA LYS C 172 -9.63 -26.12 -20.94
C LYS C 172 -10.49 -25.20 -21.81
N GLU C 173 -9.91 -24.09 -22.24
CA GLU C 173 -10.61 -23.16 -23.13
C GLU C 173 -11.04 -23.85 -24.42
N ASP C 174 -10.15 -24.67 -25.01
CA ASP C 174 -10.49 -25.35 -26.25
C ASP C 174 -11.47 -26.50 -26.03
N LYS C 175 -11.35 -27.22 -24.91
CA LYS C 175 -12.23 -28.36 -24.68
C LYS C 175 -13.65 -27.92 -24.35
N PHE C 176 -13.79 -26.79 -23.65
CA PHE C 176 -15.08 -26.32 -23.17
C PHE C 176 -15.65 -25.22 -24.05
N ASP C 177 -15.15 -25.09 -25.28
CA ASP C 177 -15.65 -24.06 -26.17
C ASP C 177 -17.10 -24.32 -26.58
N SER C 178 -17.47 -25.59 -26.75
CA SER C 178 -18.84 -25.92 -27.15
C SER C 178 -19.85 -25.79 -26.02
N ILE C 179 -19.41 -25.52 -24.80
CA ILE C 179 -20.30 -25.45 -23.64
C ILE C 179 -20.80 -24.02 -23.49
N ILE C 180 -22.12 -23.84 -23.59
CA ILE C 180 -22.75 -22.52 -23.51
C ILE C 180 -23.34 -22.35 -22.11
N LYS C 181 -22.84 -21.36 -21.37
CA LYS C 181 -23.37 -21.01 -20.06
C LYS C 181 -23.98 -19.60 -20.12
N ILE C 182 -24.37 -19.09 -18.95
CA ILE C 182 -24.98 -17.77 -18.82
C ILE C 182 -23.96 -16.84 -18.19
N GLY C 183 -23.70 -15.73 -18.84
CA GLY C 183 -22.77 -14.76 -18.31
C GLY C 183 -23.35 -14.03 -17.10
N ARG C 184 -22.46 -13.46 -16.30
CA ARG C 184 -22.84 -12.66 -15.16
C ARG C 184 -22.02 -11.38 -15.18
N THR C 185 -22.71 -10.25 -15.01
CA THR C 185 -22.12 -8.92 -14.90
C THR C 185 -22.81 -8.26 -13.71
N HIS C 186 -22.04 -7.62 -12.84
CA HIS C 186 -22.54 -7.09 -11.55
C HIS C 186 -23.06 -8.21 -10.64
N LEU C 187 -22.73 -9.47 -10.95
CA LEU C 187 -23.25 -10.71 -10.34
C LEU C 187 -24.67 -11.02 -10.77
N GLN C 188 -25.21 -10.28 -11.74
CA GLN C 188 -26.56 -10.47 -12.25
C GLN C 188 -26.51 -11.27 -13.55
N ASP C 189 -27.57 -12.05 -13.79
CA ASP C 189 -27.69 -12.82 -15.02
C ASP C 189 -27.50 -11.91 -16.23
N ALA C 190 -26.78 -12.41 -17.23
CA ALA C 190 -26.51 -11.68 -18.46
C ALA C 190 -26.69 -12.64 -19.64
N THR C 191 -26.35 -12.17 -20.86
CA THR C 191 -26.49 -12.97 -22.07
C THR C 191 -25.54 -14.18 -22.05
N PRO C 192 -25.73 -15.14 -22.97
CA PRO C 192 -24.90 -16.35 -22.93
C PRO C 192 -23.42 -16.06 -23.20
N ILE C 193 -22.60 -17.02 -22.80
CA ILE C 193 -21.17 -17.00 -23.09
C ILE C 193 -20.67 -18.44 -23.09
N LYS C 194 -19.77 -18.75 -24.01
CA LYS C 194 -19.15 -20.07 -23.98
C LYS C 194 -18.34 -20.22 -22.71
N LEU C 195 -18.41 -21.39 -22.08
CA LEU C 195 -17.52 -21.63 -20.94
C LEU C 195 -16.07 -21.43 -21.36
N GLY C 196 -15.71 -21.88 -22.56
CA GLY C 196 -14.35 -21.68 -23.05
C GLY C 196 -14.01 -20.22 -23.24
N GLN C 197 -15.00 -19.40 -23.62
CA GLN C 197 -14.78 -17.97 -23.77
C GLN C 197 -14.47 -17.33 -22.42
N GLU C 198 -15.24 -17.67 -21.39
CA GLU C 198 -14.95 -17.17 -20.05
C GLU C 198 -13.56 -17.61 -19.61
N ILE C 199 -13.19 -18.87 -19.88
CA ILE C 199 -11.85 -19.33 -19.53
C ILE C 199 -10.81 -18.59 -20.35
N SER C 200 -11.12 -18.26 -21.60
CA SER C 200 -10.17 -17.54 -22.46
C SER C 200 -9.77 -16.21 -21.85
N GLY C 201 -10.67 -15.58 -21.09
CA GLY C 201 -10.30 -14.37 -20.38
C GLY C 201 -9.20 -14.60 -19.35
N TRP C 202 -9.31 -15.68 -18.56
CA TRP C 202 -8.23 -16.09 -17.68
C TRP C 202 -6.94 -16.31 -18.46
N ARG C 203 -7.04 -17.11 -19.53
CA ARG C 203 -5.85 -17.46 -20.29
C ARG C 203 -5.15 -16.22 -20.84
N TYR C 204 -5.92 -15.27 -21.37
CA TYR C 204 -5.31 -14.10 -21.99
C TYR C 204 -4.73 -13.16 -20.93
N MET C 205 -5.31 -13.14 -19.73
CA MET C 205 -4.66 -12.46 -18.60
C MET C 205 -3.22 -12.95 -18.45
N LEU C 206 -3.02 -14.26 -18.54
CA LEU C 206 -1.68 -14.81 -18.36
C LEU C 206 -0.80 -14.50 -19.56
N ASP C 207 -1.36 -14.53 -20.77
CA ASP C 207 -0.64 -14.05 -21.94
C ASP C 207 -0.21 -12.60 -21.76
N ARG C 208 -1.13 -11.74 -21.28
CA ARG C 208 -0.80 -10.33 -21.10
C ARG C 208 0.35 -10.15 -20.11
N CYS C 209 0.27 -10.84 -18.98
CA CYS C 209 1.35 -10.78 -18.00
C CYS C 209 2.65 -11.35 -18.55
N GLU C 210 2.56 -12.34 -19.44
CA GLU C 210 3.78 -12.84 -20.08
C GLU C 210 4.42 -11.77 -20.96
N THR C 211 3.60 -11.09 -21.77
CA THR C 211 4.11 -10.00 -22.61
C THR C 211 4.76 -8.91 -21.76
N MET C 212 4.08 -8.49 -20.69
CA MET C 212 4.59 -7.41 -19.87
C MET C 212 5.80 -7.84 -19.04
N LEU C 213 5.84 -9.12 -18.63
CA LEU C 213 7.01 -9.60 -17.91
C LEU C 213 8.24 -9.68 -18.81
N SER C 214 8.04 -9.96 -20.11
CA SER C 214 9.18 -9.94 -21.03
C SER C 214 9.76 -8.54 -21.14
N GLU C 215 8.91 -7.52 -21.10
CA GLU C 215 9.40 -6.14 -21.18
C GLU C 215 10.14 -5.74 -19.90
N SER C 216 9.55 -6.03 -18.74
CA SER C 216 10.16 -5.53 -17.50
C SER C 216 11.37 -6.35 -17.07
N LYS C 217 11.40 -7.66 -17.35
CA LYS C 217 12.53 -8.45 -16.88
C LYS C 217 13.82 -8.08 -17.59
N LYS C 218 13.71 -7.58 -18.82
CA LYS C 218 14.88 -7.16 -19.59
C LYS C 218 15.69 -6.09 -18.87
N HIS C 219 15.05 -5.21 -18.12
CA HIS C 219 15.80 -4.14 -17.48
C HIS C 219 16.59 -4.64 -16.28
N ILE C 220 16.22 -5.79 -15.73
CA ILE C 220 16.98 -6.42 -14.65
C ILE C 220 18.31 -6.98 -15.12
N LEU C 221 18.54 -7.06 -16.44
CA LEU C 221 19.82 -7.50 -16.97
C LEU C 221 20.93 -6.46 -16.83
N ASN C 222 20.59 -5.23 -16.44
CA ASN C 222 21.60 -4.17 -16.30
C ASN C 222 22.22 -4.23 -14.91
N LEU C 223 23.54 -4.45 -14.86
CA LEU C 223 24.22 -4.70 -13.60
C LEU C 223 25.07 -3.50 -13.18
N ALA C 224 25.17 -3.30 -11.87
CA ALA C 224 25.95 -2.20 -11.31
C ALA C 224 27.46 -2.45 -11.28
N ILE C 225 27.91 -3.70 -11.45
CA ILE C 225 29.32 -4.02 -11.26
C ILE C 225 30.19 -3.11 -12.14
N GLY C 226 31.22 -2.54 -11.54
CA GLY C 226 32.06 -1.56 -12.18
C GLY C 226 31.92 -0.16 -11.60
N GLY C 227 30.80 0.14 -10.94
CA GLY C 227 30.66 1.46 -10.34
C GLY C 227 31.52 1.67 -9.12
N THR C 228 32.02 0.57 -8.52
CA THR C 228 32.66 0.54 -7.21
C THR C 228 31.90 1.41 -6.22
N ALA C 229 32.62 2.18 -5.38
CA ALA C 229 32.02 2.68 -4.14
C ALA C 229 30.92 3.72 -4.40
N VAL C 230 31.16 4.68 -5.29
CA VAL C 230 30.20 5.76 -5.50
C VAL C 230 29.69 5.84 -6.93
N GLY C 231 30.10 4.93 -7.82
CA GLY C 231 29.68 4.96 -9.20
C GLY C 231 30.74 5.48 -10.16
N THR C 232 31.78 6.13 -9.65
CA THR C 232 32.84 6.66 -10.50
C THR C 232 33.75 5.57 -11.07
N GLY C 233 33.72 4.36 -10.53
CA GLY C 233 34.60 3.31 -11.00
C GLY C 233 36.01 3.34 -10.46
N ILE C 234 36.30 4.26 -9.54
CA ILE C 234 37.64 4.36 -8.99
C ILE C 234 38.01 3.02 -8.35
N ASN C 235 39.30 2.68 -8.43
CA ASN C 235 39.85 1.42 -7.92
C ASN C 235 39.35 0.21 -8.69
N ALA C 236 39.03 0.39 -9.97
CA ALA C 236 38.65 -0.70 -10.85
C ALA C 236 39.16 -0.39 -12.25
N HIS C 237 39.50 -1.44 -12.99
CA HIS C 237 39.96 -1.26 -14.36
C HIS C 237 38.79 -0.85 -15.25
N PRO C 238 39.01 0.01 -16.24
CA PRO C 238 37.89 0.47 -17.10
C PRO C 238 37.15 -0.66 -17.80
N GLU C 239 37.77 -1.84 -17.95
CA GLU C 239 37.08 -2.97 -18.55
C GLU C 239 36.51 -3.94 -17.54
N PHE C 240 36.78 -3.75 -16.25
CA PHE C 240 36.43 -4.76 -15.25
C PHE C 240 34.93 -5.04 -15.26
N GLY C 241 34.12 -3.99 -15.13
CA GLY C 241 32.67 -4.18 -15.07
C GLY C 241 32.13 -4.95 -16.26
N ASP C 242 32.53 -4.54 -17.47
CA ASP C 242 32.01 -5.20 -18.67
C ASP C 242 32.48 -6.65 -18.73
N LYS C 243 33.71 -6.92 -18.32
CA LYS C 243 34.21 -8.29 -18.29
C LYS C 243 33.42 -9.16 -17.33
N VAL C 244 33.12 -8.64 -16.13
CA VAL C 244 32.34 -9.40 -15.16
C VAL C 244 30.97 -9.74 -15.73
N ALA C 245 30.27 -8.74 -16.27
CA ALA C 245 28.94 -9.00 -16.82
C ALA C 245 29.01 -10.04 -17.94
N HIS C 246 30.09 -10.00 -18.73
CA HIS C 246 30.28 -10.99 -19.79
C HIS C 246 30.40 -12.39 -19.23
N TYR C 247 31.21 -12.57 -18.18
CA TYR C 247 31.42 -13.92 -17.64
C TYR C 247 30.23 -14.42 -16.85
N ILE C 248 29.46 -13.53 -16.21
CA ILE C 248 28.20 -13.96 -15.62
C ILE C 248 27.24 -14.43 -16.72
N SER C 249 27.19 -13.72 -17.84
CA SER C 249 26.37 -14.16 -18.97
C SER C 249 26.83 -15.52 -19.47
N GLU C 250 28.14 -15.68 -19.65
CA GLU C 250 28.67 -16.98 -20.07
C GLU C 250 28.24 -18.09 -19.13
N ASN C 251 28.32 -17.86 -17.82
CA ASN C 251 28.06 -18.94 -16.88
C ASN C 251 26.57 -19.17 -16.66
N THR C 252 25.73 -18.14 -16.83
CA THR C 252 24.30 -18.30 -16.60
C THR C 252 23.51 -18.57 -17.87
N GLY C 253 24.03 -18.16 -19.03
CA GLY C 253 23.23 -18.18 -20.23
C GLY C 253 22.21 -17.05 -20.35
N TYR C 254 22.32 -16.01 -19.53
CA TYR C 254 21.43 -14.83 -19.60
C TYR C 254 22.23 -13.62 -20.05
N PRO C 255 21.66 -12.74 -20.87
CA PRO C 255 22.48 -11.69 -21.50
C PRO C 255 22.67 -10.47 -20.61
N PHE C 256 23.43 -10.63 -19.54
CA PHE C 256 23.70 -9.51 -18.64
C PHE C 256 24.62 -8.48 -19.29
N VAL C 257 24.42 -7.21 -18.93
CA VAL C 257 25.30 -6.14 -19.38
C VAL C 257 25.62 -5.26 -18.18
N SER C 258 26.78 -4.60 -18.25
CA SER C 258 27.11 -3.57 -17.27
C SER C 258 26.29 -2.32 -17.57
N SER C 259 25.77 -1.68 -16.52
CA SER C 259 24.84 -0.59 -16.70
C SER C 259 25.48 0.60 -17.42
N GLU C 260 24.67 1.26 -18.24
CA GLU C 260 25.10 2.48 -18.93
C GLU C 260 25.36 3.64 -17.98
N ASN C 261 24.76 3.65 -16.79
CA ASN C 261 24.97 4.74 -15.82
C ASN C 261 25.11 4.11 -14.42
N LYS C 262 26.36 4.02 -13.94
CA LYS C 262 26.60 3.40 -12.64
C LYS C 262 26.04 4.22 -11.50
N PHE C 263 25.86 5.53 -11.67
CA PHE C 263 25.30 6.35 -10.61
C PHE C 263 23.83 5.99 -10.38
N HIS C 264 23.05 5.88 -11.47
CA HIS C 264 21.73 5.27 -11.39
C HIS C 264 21.80 3.88 -10.78
N ALA C 265 22.79 3.08 -11.19
CA ALA C 265 22.89 1.68 -10.80
C ALA C 265 23.00 1.51 -9.29
N LEU C 266 23.60 2.48 -8.60
CA LEU C 266 23.73 2.41 -7.14
C LEU C 266 22.58 3.08 -6.40
N THR C 267 21.92 4.06 -7.02
CA THR C 267 20.98 4.92 -6.31
C THR C 267 19.51 4.62 -6.59
N ALA C 268 19.20 3.80 -7.58
CA ALA C 268 17.83 3.68 -8.06
C ALA C 268 17.39 2.23 -8.03
N HIS C 269 16.09 2.01 -7.84
CA HIS C 269 15.58 0.66 -8.04
C HIS C 269 14.29 0.68 -8.84
N ASP C 270 14.19 1.66 -9.76
CA ASP C 270 13.00 1.80 -10.59
C ASP C 270 12.82 0.62 -11.54
N GLU C 271 13.92 -0.03 -11.92
CA GLU C 271 13.80 -1.23 -12.75
C GLU C 271 13.15 -2.37 -11.97
N VAL C 272 13.48 -2.52 -10.69
CA VAL C 272 12.83 -3.52 -9.85
C VAL C 272 11.39 -3.09 -9.52
N VAL C 273 11.16 -1.79 -9.30
CA VAL C 273 9.79 -1.31 -9.11
C VAL C 273 8.92 -1.66 -10.30
N GLN C 274 9.41 -1.45 -11.51
N GLN C 274 9.42 -1.45 -11.52
CA GLN C 274 8.61 -1.80 -12.68
CA GLN C 274 8.66 -1.79 -12.71
C GLN C 274 8.37 -3.31 -12.76
C GLN C 274 8.39 -3.30 -12.78
N LEU C 275 9.41 -4.11 -12.52
CA LEU C 275 9.22 -5.56 -12.50
C LEU C 275 8.19 -5.96 -11.47
N HIS C 276 8.30 -5.41 -10.26
CA HIS C 276 7.30 -5.76 -9.25
C HIS C 276 5.92 -5.25 -9.62
N GLY C 277 5.84 -4.22 -10.47
CA GLY C 277 4.55 -3.82 -11.02
C GLY C 277 3.93 -4.92 -11.86
N THR C 278 4.74 -5.59 -12.69
CA THR C 278 4.25 -6.76 -13.42
C THR C 278 3.79 -7.86 -12.46
N LEU C 279 4.57 -8.14 -11.41
CA LEU C 279 4.21 -9.20 -10.46
C LEU C 279 2.87 -8.89 -9.77
N LYS C 280 2.66 -7.63 -9.39
N LYS C 280 2.67 -7.62 -9.40
CA LYS C 280 1.36 -7.27 -8.81
CA LYS C 280 1.41 -7.18 -8.82
C LYS C 280 0.24 -7.37 -9.83
C LYS C 280 0.25 -7.30 -9.81
N ALA C 281 0.51 -7.07 -11.10
CA ALA C 281 -0.52 -7.25 -12.12
C ALA C 281 -0.93 -8.71 -12.23
N LEU C 282 0.06 -9.60 -12.27
CA LEU C 282 -0.20 -11.04 -12.31
C LEU C 282 -0.91 -11.51 -11.05
N ALA C 283 -0.46 -11.07 -9.88
CA ALA C 283 -1.13 -11.43 -8.63
C ALA C 283 -2.60 -11.06 -8.67
N GLY C 284 -2.91 -9.83 -9.10
CA GLY C 284 -4.30 -9.44 -9.18
C GLY C 284 -5.08 -10.30 -10.16
N ASP C 285 -4.46 -10.60 -11.30
CA ASP C 285 -5.10 -11.49 -12.28
C ASP C 285 -5.35 -12.87 -11.68
N LEU C 286 -4.37 -13.39 -10.93
CA LEU C 286 -4.52 -14.73 -10.34
C LEU C 286 -5.58 -14.77 -9.26
N MET C 287 -5.73 -13.67 -8.52
CA MET C 287 -6.80 -13.59 -7.53
C MET C 287 -8.16 -13.65 -8.21
N LYS C 288 -8.32 -12.95 -9.35
CA LYS C 288 -9.60 -12.95 -10.07
C LYS C 288 -9.91 -14.33 -10.62
N ILE C 289 -8.92 -14.96 -11.29
CA ILE C 289 -9.08 -16.33 -11.76
C ILE C 289 -9.48 -17.26 -10.62
N ALA C 290 -8.72 -17.20 -9.51
CA ALA C 290 -8.99 -18.11 -8.40
C ALA C 290 -10.39 -17.89 -7.82
N ASN C 291 -10.86 -16.63 -7.78
CA ASN C 291 -12.20 -16.35 -7.27
C ASN C 291 -13.28 -16.86 -8.22
N ASP C 292 -13.11 -16.68 -9.53
CA ASP C 292 -14.07 -17.27 -10.46
C ASP C 292 -14.15 -18.78 -10.26
N VAL C 293 -12.99 -19.45 -10.12
CA VAL C 293 -12.99 -20.90 -9.98
C VAL C 293 -13.71 -21.33 -8.71
N ARG C 294 -13.41 -20.71 -7.57
CA ARG C 294 -14.08 -21.18 -6.36
C ARG C 294 -15.57 -20.80 -6.36
N TRP C 295 -15.95 -19.68 -6.98
CA TRP C 295 -17.37 -19.37 -7.08
C TRP C 295 -18.07 -20.33 -8.03
N LEU C 296 -17.44 -20.63 -9.18
CA LEU C 296 -18.03 -21.60 -10.10
C LEU C 296 -18.13 -22.98 -9.47
N ALA C 297 -17.20 -23.33 -8.59
CA ALA C 297 -17.22 -24.62 -7.93
C ALA C 297 -18.08 -24.64 -6.67
N SER C 298 -18.66 -23.49 -6.30
CA SER C 298 -19.37 -23.39 -5.04
C SER C 298 -20.60 -24.31 -5.02
N GLY C 299 -20.90 -24.85 -3.84
CA GLY C 299 -22.02 -25.74 -3.67
C GLY C 299 -21.85 -26.67 -2.48
N PRO C 300 -22.34 -27.91 -2.61
CA PRO C 300 -22.92 -28.55 -3.80
C PRO C 300 -24.34 -28.08 -4.14
N ARG C 301 -25.16 -27.66 -3.18
CA ARG C 301 -26.55 -27.35 -3.48
C ARG C 301 -26.95 -25.90 -3.26
N ALA C 302 -26.15 -25.10 -2.57
CA ALA C 302 -26.54 -23.72 -2.28
C ALA C 302 -25.62 -22.70 -2.93
N GLY C 303 -24.80 -23.11 -3.90
CA GLY C 303 -23.91 -22.22 -4.63
C GLY C 303 -24.18 -22.25 -6.11
N LEU C 304 -23.15 -22.06 -6.94
CA LEU C 304 -23.37 -22.00 -8.38
C LEU C 304 -23.16 -23.34 -9.08
N ALA C 305 -22.14 -24.09 -8.67
CA ALA C 305 -21.93 -25.47 -9.11
C ALA C 305 -21.95 -25.62 -10.63
N GLU C 306 -21.17 -24.78 -11.31
CA GLU C 306 -20.98 -24.95 -12.74
C GLU C 306 -19.82 -25.86 -13.08
N ILE C 307 -18.84 -26.01 -12.19
CA ILE C 307 -17.69 -26.87 -12.39
C ILE C 307 -17.45 -27.73 -11.16
N SER C 308 -16.67 -28.79 -11.36
CA SER C 308 -16.06 -29.52 -10.26
C SER C 308 -14.56 -29.30 -10.26
N ILE C 309 -13.96 -29.36 -9.08
CA ILE C 309 -12.51 -29.30 -8.94
C ILE C 309 -12.08 -30.55 -8.20
N PRO C 310 -10.82 -30.97 -8.33
CA PRO C 310 -10.37 -32.16 -7.63
C PRO C 310 -10.34 -31.95 -6.12
N GLU C 311 -10.64 -33.04 -5.41
CA GLU C 311 -10.60 -33.07 -3.96
C GLU C 311 -9.26 -33.66 -3.50
N ASN C 312 -8.46 -32.85 -2.81
CA ASN C 312 -7.14 -33.27 -2.36
C ASN C 312 -7.10 -33.62 -0.88
N GLU C 313 -7.96 -33.01 -0.07
CA GLU C 313 -7.99 -33.39 1.32
C GLU C 313 -9.11 -34.39 1.56
N PRO C 314 -8.90 -35.36 2.45
CA PRO C 314 -9.98 -36.31 2.74
C PRO C 314 -11.15 -35.60 3.40
N GLY C 315 -12.36 -35.89 2.91
CA GLY C 315 -13.57 -35.31 3.44
C GLY C 315 -14.29 -36.26 4.39
N SER C 316 -15.54 -35.89 4.69
CA SER C 316 -16.39 -36.69 5.57
C SER C 316 -17.35 -37.53 4.75
N SER C 317 -17.51 -38.79 5.14
CA SER C 317 -18.50 -39.65 4.49
C SER C 317 -19.92 -39.20 4.80
N ILE C 318 -20.11 -38.45 5.89
CA ILE C 318 -21.42 -37.90 6.21
C ILE C 318 -21.63 -36.53 5.58
N MET C 319 -20.64 -35.99 4.88
CA MET C 319 -20.79 -34.75 4.12
C MET C 319 -20.33 -34.95 2.68
N PRO C 320 -21.07 -35.72 1.88
CA PRO C 320 -20.70 -35.90 0.47
C PRO C 320 -21.07 -34.69 -0.37
N GLY C 321 -20.23 -34.44 -1.39
CA GLY C 321 -20.34 -33.27 -2.22
C GLY C 321 -19.59 -32.05 -1.73
N LYS C 322 -19.06 -32.09 -0.50
CA LYS C 322 -18.35 -30.97 0.10
C LYS C 322 -16.89 -31.02 -0.35
N VAL C 323 -16.50 -30.08 -1.20
CA VAL C 323 -15.12 -29.96 -1.64
C VAL C 323 -14.71 -28.51 -1.44
N ASN C 324 -13.86 -28.26 -0.45
CA ASN C 324 -13.38 -26.90 -0.22
C ASN C 324 -12.36 -26.52 -1.28
N PRO C 325 -12.49 -25.34 -1.90
CA PRO C 325 -11.51 -24.91 -2.90
C PRO C 325 -10.21 -24.45 -2.27
N THR C 326 -9.45 -25.38 -1.71
CA THR C 326 -8.32 -24.99 -0.88
C THR C 326 -7.16 -24.46 -1.69
N GLN C 327 -7.00 -24.91 -2.94
CA GLN C 327 -5.95 -24.34 -3.79
C GLN C 327 -6.28 -22.90 -4.18
N CYS C 328 -7.57 -22.58 -4.35
CA CYS C 328 -7.94 -21.19 -4.59
C CYS C 328 -7.59 -20.32 -3.39
N GLU C 329 -7.76 -20.85 -2.18
CA GLU C 329 -7.42 -20.05 -1.01
C GLU C 329 -5.92 -19.81 -0.92
N MET C 330 -5.11 -20.86 -1.15
CA MET C 330 -3.67 -20.69 -1.19
C MET C 330 -3.28 -19.59 -2.17
N LEU C 331 -3.85 -19.63 -3.37
CA LEU C 331 -3.41 -18.72 -4.44
C LEU C 331 -3.81 -17.27 -4.13
N THR C 332 -4.98 -17.06 -3.53
CA THR C 332 -5.37 -15.69 -3.23
C THR C 332 -4.58 -15.15 -2.04
N MET C 333 -4.15 -16.00 -1.10
CA MET C 333 -3.29 -15.51 -0.04
C MET C 333 -1.92 -15.10 -0.59
N VAL C 334 -1.37 -15.88 -1.52
CA VAL C 334 -0.16 -15.48 -2.21
C VAL C 334 -0.36 -14.13 -2.91
N ALA C 335 -1.53 -13.96 -3.53
CA ALA C 335 -1.81 -12.74 -4.28
C ALA C 335 -1.76 -11.49 -3.40
N VAL C 336 -2.43 -11.53 -2.23
CA VAL C 336 -2.38 -10.34 -1.38
C VAL C 336 -0.98 -10.13 -0.80
N GLN C 337 -0.24 -11.21 -0.54
CA GLN C 337 1.16 -11.03 -0.12
C GLN C 337 1.95 -10.26 -1.17
N VAL C 338 1.80 -10.62 -2.44
CA VAL C 338 2.53 -9.90 -3.49
C VAL C 338 2.12 -8.43 -3.49
N MET C 339 0.87 -8.13 -3.13
CA MET C 339 0.44 -6.74 -3.14
C MET C 339 1.09 -5.96 -2.02
N GLY C 340 1.23 -6.56 -0.84
CA GLY C 340 1.95 -5.90 0.24
C GLY C 340 3.43 -5.77 -0.05
N ASN C 341 4.03 -6.81 -0.62
CA ASN C 341 5.43 -6.72 -1.05
C ASN C 341 5.65 -5.55 -1.99
N ASP C 342 4.68 -5.30 -2.89
CA ASP C 342 4.77 -4.19 -3.84
C ASP C 342 4.87 -2.86 -3.10
N THR C 343 4.11 -2.69 -2.02
CA THR C 343 4.21 -1.50 -1.19
C THR C 343 5.64 -1.28 -0.70
N VAL C 344 6.27 -2.31 -0.14
CA VAL C 344 7.62 -2.19 0.41
C VAL C 344 8.57 -1.75 -0.68
N VAL C 345 8.50 -2.41 -1.83
CA VAL C 345 9.47 -2.18 -2.89
C VAL C 345 9.36 -0.77 -3.42
N GLY C 346 8.12 -0.31 -3.64
CA GLY C 346 7.92 1.03 -4.17
C GLY C 346 8.39 2.12 -3.21
N PHE C 347 8.22 1.90 -1.91
N PHE C 347 8.13 1.93 -1.92
CA PHE C 347 8.64 2.94 -0.99
CA PHE C 347 8.61 2.85 -0.88
C PHE C 347 10.14 2.89 -0.68
C PHE C 347 10.13 2.88 -0.86
N ALA C 348 10.73 1.70 -0.68
CA ALA C 348 12.17 1.60 -0.47
C ALA C 348 12.95 2.18 -1.64
N SER C 349 12.42 2.05 -2.87
CA SER C 349 13.10 2.61 -4.02
C SER C 349 13.10 4.13 -4.01
N SER C 350 12.22 4.77 -3.24
CA SER C 350 12.15 6.22 -3.18
C SER C 350 13.11 6.84 -2.16
N GLN C 351 13.79 6.01 -1.35
CA GLN C 351 14.43 6.50 -0.13
C GLN C 351 15.96 6.61 -0.24
N GLY C 352 16.50 6.59 -1.46
CA GLY C 352 17.94 6.74 -1.60
C GLY C 352 18.41 8.15 -1.27
N ASN C 353 19.67 8.24 -0.88
CA ASN C 353 20.33 9.53 -0.64
C ASN C 353 21.65 9.58 -1.37
N PHE C 354 21.87 10.65 -2.14
CA PHE C 354 23.15 10.90 -2.79
C PHE C 354 23.63 9.69 -3.58
N GLU C 355 24.77 9.13 -3.23
CA GLU C 355 25.44 8.15 -4.08
C GLU C 355 25.02 6.71 -3.82
N LEU C 356 24.09 6.45 -2.91
CA LEU C 356 23.72 5.05 -2.66
C LEU C 356 22.33 4.98 -2.05
N ASN C 357 21.49 4.08 -2.58
CA ASN C 357 20.26 3.69 -1.90
C ASN C 357 20.60 2.51 -0.99
N VAL C 358 20.39 2.68 0.31
CA VAL C 358 20.73 1.64 1.27
C VAL C 358 19.46 0.99 1.82
N TYR C 359 18.60 0.52 0.91
CA TYR C 359 17.45 -0.31 1.26
C TYR C 359 17.51 -1.64 0.51
N LYS C 360 18.69 -2.08 0.11
CA LYS C 360 18.77 -3.13 -0.90
C LYS C 360 18.34 -4.51 -0.39
N PRO C 361 18.70 -4.93 0.84
CA PRO C 361 18.23 -6.25 1.30
C PRO C 361 16.72 -6.37 1.32
N VAL C 362 16.02 -5.41 1.94
CA VAL C 362 14.57 -5.51 2.05
C VAL C 362 13.94 -5.53 0.66
N ILE C 363 14.52 -4.82 -0.31
CA ILE C 363 14.01 -4.86 -1.68
C ILE C 363 14.21 -6.24 -2.27
N MET C 364 15.41 -6.80 -2.11
CA MET C 364 15.69 -8.15 -2.60
C MET C 364 14.75 -9.17 -1.97
N HIS C 365 14.59 -9.10 -0.64
CA HIS C 365 13.74 -10.06 0.07
C HIS C 365 12.32 -10.07 -0.48
N ASN C 366 11.71 -8.88 -0.63
CA ASN C 366 10.32 -8.83 -1.05
C ASN C 366 10.15 -9.22 -2.51
N THR C 367 11.05 -8.77 -3.38
CA THR C 367 10.86 -9.07 -4.81
C THR C 367 11.07 -10.54 -5.10
N LEU C 368 12.16 -11.11 -4.58
CA LEU C 368 12.38 -12.56 -4.71
C LEU C 368 11.19 -13.34 -4.19
N GLN C 369 10.70 -12.99 -2.99
CA GLN C 369 9.58 -13.74 -2.43
C GLN C 369 8.35 -13.67 -3.31
N SER C 370 8.05 -12.48 -3.85
CA SER C 370 6.94 -12.34 -4.78
C SER C 370 7.12 -13.25 -5.99
N ILE C 371 8.34 -13.34 -6.53
CA ILE C 371 8.58 -14.19 -7.69
C ILE C 371 8.30 -15.66 -7.36
N TYR C 372 8.91 -16.19 -6.29
CA TYR C 372 8.75 -17.62 -6.05
C TYR C 372 7.38 -17.96 -5.45
N LEU C 373 6.72 -17.04 -4.76
CA LEU C 373 5.36 -17.31 -4.31
C LEU C 373 4.40 -17.43 -5.51
N LEU C 374 4.48 -16.50 -6.45
CA LEU C 374 3.68 -16.62 -7.67
C LEU C 374 4.03 -17.89 -8.45
N ALA C 375 5.32 -18.18 -8.57
CA ALA C 375 5.76 -19.38 -9.30
C ALA C 375 5.26 -20.65 -8.64
N ASP C 376 5.54 -20.82 -7.33
CA ASP C 376 5.06 -22.03 -6.64
C ASP C 376 3.54 -22.05 -6.59
N GLY C 377 2.93 -20.87 -6.41
CA GLY C 377 1.48 -20.78 -6.36
C GLY C 377 0.83 -21.23 -7.66
N MET C 378 1.34 -20.72 -8.79
CA MET C 378 0.79 -21.12 -10.08
C MET C 378 1.05 -22.59 -10.38
N GLU C 379 2.26 -23.08 -10.09
CA GLU C 379 2.56 -24.49 -10.35
C GLU C 379 1.62 -25.40 -9.58
N THR C 380 1.47 -25.12 -8.28
CA THR C 380 0.67 -25.98 -7.41
C THR C 380 -0.81 -25.88 -7.73
N PHE C 381 -1.30 -24.65 -7.91
CA PHE C 381 -2.69 -24.46 -8.31
C PHE C 381 -2.97 -25.18 -9.62
N ASN C 382 -2.03 -25.12 -10.56
CA ASN C 382 -2.17 -25.87 -11.79
C ASN C 382 -2.30 -27.36 -11.53
N ASN C 383 -1.31 -27.95 -10.85
CA ASN C 383 -1.27 -29.40 -10.69
C ASN C 383 -2.42 -29.90 -9.83
N ASN C 384 -2.78 -29.16 -8.80
CA ASN C 384 -3.69 -29.69 -7.79
C ASN C 384 -5.13 -29.18 -7.94
N CYS C 385 -5.41 -28.33 -8.92
CA CYS C 385 -6.75 -27.79 -9.12
C CYS C 385 -7.08 -27.61 -10.60
N ALA C 386 -6.32 -26.73 -11.28
CA ALA C 386 -6.70 -26.29 -12.62
C ALA C 386 -6.82 -27.45 -13.61
N VAL C 387 -5.87 -28.38 -13.60
CA VAL C 387 -5.91 -29.48 -14.56
C VAL C 387 -7.16 -30.33 -14.40
N GLY C 388 -7.79 -30.30 -13.23
CA GLY C 388 -8.99 -31.07 -12.96
C GLY C 388 -10.29 -30.30 -13.03
N ILE C 389 -10.28 -29.06 -13.52
CA ILE C 389 -11.50 -28.28 -13.69
C ILE C 389 -12.37 -28.96 -14.74
N GLU C 390 -13.57 -29.36 -14.34
CA GLU C 390 -14.49 -30.01 -15.25
C GLU C 390 -15.87 -29.37 -15.14
N PRO C 391 -16.60 -29.26 -16.24
CA PRO C 391 -17.95 -28.71 -16.17
C PRO C 391 -18.92 -29.70 -15.55
N ILE C 392 -19.95 -29.16 -14.92
CA ILE C 392 -21.10 -29.94 -14.48
C ILE C 392 -22.22 -29.60 -15.45
N GLU C 393 -22.37 -30.42 -16.49
CA GLU C 393 -23.16 -30.05 -17.66
C GLU C 393 -24.64 -29.86 -17.32
N GLU C 394 -25.19 -30.71 -16.44
CA GLU C 394 -26.59 -30.59 -16.08
C GLU C 394 -26.88 -29.22 -15.46
N ASN C 395 -25.98 -28.73 -14.61
CA ASN C 395 -26.20 -27.44 -13.98
C ASN C 395 -26.01 -26.31 -14.97
N ILE C 396 -25.03 -26.41 -15.86
CA ILE C 396 -24.85 -25.40 -16.89
C ILE C 396 -26.04 -25.40 -17.86
N ASP C 397 -26.50 -26.59 -18.26
CA ASP C 397 -27.66 -26.63 -19.15
C ASP C 397 -28.90 -26.04 -18.49
N ASN C 398 -29.10 -26.32 -17.20
CA ASN C 398 -30.27 -25.77 -16.52
C ASN C 398 -30.21 -24.25 -16.44
N TYR C 399 -29.01 -23.69 -16.20
CA TYR C 399 -28.91 -22.23 -16.20
C TYR C 399 -29.34 -21.67 -17.56
N LEU C 400 -28.83 -22.26 -18.64
CA LEU C 400 -29.15 -21.76 -19.98
C LEU C 400 -30.63 -21.89 -20.27
N ASN C 401 -31.23 -23.04 -19.95
CA ASN C 401 -32.63 -23.28 -20.27
C ASN C 401 -33.56 -22.41 -19.42
N GLN C 402 -33.18 -22.15 -18.17
CA GLN C 402 -34.01 -21.38 -17.26
C GLN C 402 -33.84 -19.87 -17.41
N SER C 403 -32.90 -19.41 -18.24
CA SER C 403 -32.55 -18.01 -18.24
C SER C 403 -33.59 -17.17 -18.98
N LEU C 404 -33.81 -15.95 -18.48
CA LEU C 404 -34.64 -14.98 -19.18
C LEU C 404 -33.84 -14.11 -20.14
N MET C 405 -32.51 -14.13 -20.04
CA MET C 405 -31.71 -13.21 -20.82
C MET C 405 -31.60 -13.59 -22.29
N LEU C 406 -32.17 -14.73 -22.68
CA LEU C 406 -32.22 -15.12 -24.09
C LEU C 406 -33.30 -14.39 -24.87
N VAL C 407 -34.21 -13.68 -24.19
CA VAL C 407 -35.45 -13.22 -24.84
C VAL C 407 -35.16 -12.24 -25.96
N THR C 408 -34.03 -11.52 -25.90
CA THR C 408 -33.73 -10.49 -26.90
C THR C 408 -33.63 -11.06 -28.31
N ALA C 409 -33.26 -12.34 -28.44
CA ALA C 409 -33.20 -12.98 -29.75
C ALA C 409 -34.58 -13.11 -30.41
N LEU C 410 -35.67 -12.88 -29.66
CA LEU C 410 -36.99 -12.91 -30.25
C LEU C 410 -37.37 -11.59 -30.93
N ASN C 411 -36.64 -10.51 -30.63
CA ASN C 411 -37.01 -9.20 -31.15
C ASN C 411 -37.03 -9.11 -32.68
N PRO C 412 -36.05 -9.65 -33.42
CA PRO C 412 -36.14 -9.54 -34.89
C PRO C 412 -37.38 -10.19 -35.48
N HIS C 413 -38.02 -11.11 -34.75
CA HIS C 413 -39.13 -11.88 -35.30
C HIS C 413 -40.48 -11.33 -34.86
N ILE C 414 -40.77 -11.34 -33.56
CA ILE C 414 -42.07 -10.91 -33.06
C ILE C 414 -42.11 -9.45 -32.62
N GLY C 415 -40.96 -8.81 -32.47
CA GLY C 415 -40.90 -7.43 -32.04
C GLY C 415 -40.52 -7.28 -30.58
N TYR C 416 -40.30 -6.03 -30.18
CA TYR C 416 -39.88 -5.76 -28.80
C TYR C 416 -41.04 -5.93 -27.82
N GLU C 417 -42.25 -5.54 -28.23
CA GLU C 417 -43.38 -5.56 -27.31
C GLU C 417 -43.78 -6.98 -26.96
N LYS C 418 -43.92 -7.85 -27.97
CA LYS C 418 -44.34 -9.22 -27.72
C LYS C 418 -43.27 -10.01 -26.99
N ALA C 419 -41.99 -9.72 -27.25
CA ALA C 419 -40.93 -10.38 -26.48
C ALA C 419 -40.94 -9.92 -25.03
N ALA C 420 -41.18 -8.64 -24.79
CA ALA C 420 -41.26 -8.14 -23.42
C ALA C 420 -42.40 -8.80 -22.67
N GLN C 421 -43.55 -8.97 -23.32
CA GLN C 421 -44.65 -9.71 -22.71
C GLN C 421 -44.22 -11.12 -22.31
N ILE C 422 -43.50 -11.81 -23.19
CA ILE C 422 -43.06 -13.17 -22.90
C ILE C 422 -42.12 -13.16 -21.70
N ALA C 423 -41.13 -12.26 -21.70
CA ALA C 423 -40.18 -12.22 -20.59
C ALA C 423 -40.85 -11.83 -19.29
N LYS C 424 -41.80 -10.89 -19.34
CA LYS C 424 -42.53 -10.52 -18.14
C LYS C 424 -43.37 -11.69 -17.62
N LYS C 425 -44.13 -12.32 -18.52
CA LYS C 425 -44.93 -13.48 -18.14
C LYS C 425 -44.07 -14.59 -17.56
N ALA C 426 -42.96 -14.91 -18.23
CA ALA C 426 -42.08 -15.96 -17.71
C ALA C 426 -41.58 -15.61 -16.31
N HIS C 427 -41.20 -14.35 -16.10
CA HIS C 427 -40.73 -13.92 -14.79
C HIS C 427 -41.81 -14.07 -13.74
N LYS C 428 -43.04 -13.65 -14.06
CA LYS C 428 -44.10 -13.64 -13.07
C LYS C 428 -44.58 -15.05 -12.75
N GLU C 429 -44.65 -15.92 -13.76
CA GLU C 429 -45.26 -17.22 -13.61
C GLU C 429 -44.25 -18.34 -13.44
N GLY C 430 -42.98 -17.99 -13.18
CA GLY C 430 -41.95 -19.00 -12.97
C GLY C 430 -41.77 -19.95 -14.14
N LEU C 431 -41.97 -19.47 -15.36
CA LEU C 431 -41.83 -20.28 -16.56
C LEU C 431 -40.47 -20.07 -17.20
N THR C 432 -40.07 -21.03 -18.02
CA THR C 432 -39.03 -20.76 -19.00
C THR C 432 -39.60 -19.83 -20.06
N LEU C 433 -38.71 -19.08 -20.71
CA LEU C 433 -39.18 -18.21 -21.78
C LEU C 433 -39.72 -19.02 -22.96
N LYS C 434 -39.36 -20.31 -23.05
CA LYS C 434 -39.98 -21.19 -24.04
C LYS C 434 -41.43 -21.48 -23.66
N GLU C 435 -41.66 -21.87 -22.39
CA GLU C 435 -43.03 -22.11 -21.93
C GLU C 435 -43.88 -20.85 -22.04
N SER C 436 -43.30 -19.69 -21.70
CA SER C 436 -44.05 -18.44 -21.81
C SER C 436 -44.34 -18.09 -23.26
N ALA C 437 -43.38 -18.32 -24.16
CA ALA C 437 -43.55 -17.92 -25.55
C ALA C 437 -44.62 -18.74 -26.24
N ILE C 438 -44.80 -20.00 -25.84
CA ILE C 438 -45.82 -20.85 -26.45
C ILE C 438 -47.19 -20.59 -25.83
N GLN C 439 -47.24 -20.24 -24.54
CA GLN C 439 -48.51 -19.99 -23.88
C GLN C 439 -49.15 -18.67 -24.27
N THR C 440 -48.38 -17.74 -24.84
CA THR C 440 -48.93 -16.48 -25.35
C THR C 440 -49.41 -16.59 -26.78
N GLY C 441 -49.04 -17.65 -27.49
CA GLY C 441 -49.39 -17.79 -28.90
C GLY C 441 -48.51 -16.99 -29.85
N TYR C 442 -47.45 -16.35 -29.34
CA TYR C 442 -46.62 -15.49 -30.18
C TYR C 442 -45.60 -16.29 -30.98
N VAL C 443 -45.16 -17.43 -30.46
CA VAL C 443 -44.12 -18.24 -31.10
C VAL C 443 -44.54 -19.70 -31.04
N THR C 444 -44.49 -20.38 -32.18
CA THR C 444 -44.62 -21.83 -32.19
C THR C 444 -43.36 -22.47 -31.61
N GLU C 445 -43.50 -23.71 -31.14
CA GLU C 445 -42.32 -24.40 -30.62
C GLU C 445 -41.29 -24.67 -31.72
N GLU C 446 -41.75 -24.95 -32.94
CA GLU C 446 -40.82 -25.05 -34.07
C GLU C 446 -40.12 -23.72 -34.32
N GLN C 447 -40.84 -22.61 -34.13
CA GLN C 447 -40.21 -21.30 -34.29
C GLN C 447 -39.24 -21.01 -33.15
N PHE C 448 -39.62 -21.36 -31.91
CA PHE C 448 -38.74 -21.09 -30.78
C PHE C 448 -37.44 -21.88 -30.90
N GLU C 449 -37.53 -23.15 -31.27
CA GLU C 449 -36.33 -23.95 -31.43
C GLU C 449 -35.49 -23.47 -32.62
N ALA C 450 -36.08 -22.71 -33.54
CA ALA C 450 -35.38 -22.15 -34.68
C ALA C 450 -34.92 -20.71 -34.47
N TRP C 451 -35.67 -19.92 -33.69
CA TRP C 451 -35.31 -18.51 -33.49
C TRP C 451 -34.30 -18.33 -32.37
N ILE C 452 -34.35 -19.17 -31.34
CA ILE C 452 -33.50 -19.03 -30.15
C ILE C 452 -32.42 -20.10 -30.25
N LYS C 453 -31.24 -19.71 -30.72
CA LYS C 453 -30.09 -20.61 -30.80
C LYS C 453 -28.96 -20.00 -29.99
N PRO C 454 -28.72 -20.46 -28.76
CA PRO C 454 -27.66 -19.84 -27.95
C PRO C 454 -26.30 -19.90 -28.61
N GLU C 455 -26.05 -20.88 -29.49
CA GLU C 455 -24.78 -20.94 -30.19
C GLU C 455 -24.59 -19.75 -31.13
N ASP C 456 -25.67 -19.12 -31.57
CA ASP C 456 -25.57 -17.92 -32.38
C ASP C 456 -25.56 -16.65 -31.55
N MET C 457 -25.61 -16.77 -30.21
CA MET C 457 -25.69 -15.63 -29.31
C MET C 457 -24.37 -15.34 -28.61
N VAL C 458 -23.27 -15.93 -29.07
CA VAL C 458 -21.99 -15.78 -28.40
C VAL C 458 -20.92 -15.24 -29.35
N ASP C 459 -21.36 -14.68 -30.47
CA ASP C 459 -20.47 -14.10 -31.47
C ASP C 459 -21.17 -12.92 -32.10
N PRO C 460 -20.42 -11.96 -32.65
CA PRO C 460 -21.06 -10.91 -33.46
C PRO C 460 -21.58 -11.49 -34.75
N HIS C 461 -22.63 -10.86 -35.28
CA HIS C 461 -23.23 -11.31 -36.53
C HIS C 461 -23.79 -10.11 -37.29
N MET D 1 -33.38 30.41 -12.56
CA MET D 1 -33.74 29.34 -11.64
C MET D 1 -34.71 28.35 -12.31
N SER D 2 -34.92 28.54 -13.60
CA SER D 2 -35.92 27.77 -14.33
C SER D 2 -35.44 26.35 -14.60
N VAL D 3 -36.39 25.47 -14.90
CA VAL D 3 -36.12 24.05 -15.07
C VAL D 3 -36.83 23.55 -16.32
N ARG D 4 -36.39 22.38 -16.76
CA ARG D 4 -37.00 21.62 -17.85
C ARG D 4 -37.43 20.28 -17.28
N ILE D 5 -38.63 19.83 -17.60
CA ILE D 5 -39.16 18.59 -17.04
C ILE D 5 -38.85 17.43 -17.97
N GLU D 6 -38.03 16.50 -17.49
CA GLU D 6 -37.76 15.24 -18.17
C GLU D 6 -38.54 14.10 -17.52
N HIS D 7 -38.50 12.93 -18.17
CA HIS D 7 -39.31 11.79 -17.76
C HIS D 7 -38.51 10.49 -17.89
N ASP D 8 -38.77 9.55 -16.98
CA ASP D 8 -38.26 8.19 -17.11
C ASP D 8 -39.29 7.22 -16.51
N THR D 9 -38.83 6.04 -16.11
CA THR D 9 -39.72 5.04 -15.54
C THR D 9 -40.30 5.49 -14.20
N PHE D 10 -39.52 6.25 -13.43
CA PHE D 10 -39.95 6.66 -12.11
C PHE D 10 -40.81 7.92 -12.11
N GLY D 11 -40.96 8.58 -13.26
CA GLY D 11 -41.83 9.74 -13.35
C GLY D 11 -41.20 10.99 -13.93
N GLU D 12 -41.68 12.16 -13.48
CA GLU D 12 -41.16 13.44 -13.92
C GLU D 12 -40.05 13.90 -12.99
N ILE D 13 -39.02 14.52 -13.57
CA ILE D 13 -37.89 15.00 -12.80
C ILE D 13 -37.39 16.30 -13.42
N GLU D 14 -37.07 17.28 -12.58
CA GLU D 14 -36.62 18.58 -13.07
C GLU D 14 -35.13 18.52 -13.40
N VAL D 15 -34.79 19.07 -14.56
CA VAL D 15 -33.41 19.28 -14.98
C VAL D 15 -33.22 20.78 -15.08
N PRO D 16 -32.09 21.35 -14.66
CA PRO D 16 -31.89 22.78 -14.83
C PRO D 16 -32.01 23.16 -16.30
N ALA D 17 -32.69 24.27 -16.56
CA ALA D 17 -33.05 24.64 -17.92
C ALA D 17 -31.82 24.83 -18.80
N ASP D 18 -30.70 25.25 -18.22
CA ASP D 18 -29.49 25.54 -18.97
C ASP D 18 -28.56 24.33 -19.08
N LYS D 19 -28.99 23.17 -18.62
CA LYS D 19 -28.18 21.96 -18.65
C LYS D 19 -28.75 20.97 -19.66
N TYR D 20 -27.86 20.24 -20.30
CA TYR D 20 -28.22 19.45 -21.46
C TYR D 20 -28.40 17.97 -21.17
N TRP D 21 -28.21 17.55 -19.92
CA TRP D 21 -28.42 16.14 -19.61
C TRP D 21 -29.91 15.86 -19.42
N GLY D 22 -30.25 14.56 -19.38
CA GLY D 22 -31.61 14.11 -19.34
C GLY D 22 -32.01 13.51 -18.01
N ALA D 23 -33.14 12.80 -18.02
CA ALA D 23 -33.69 12.22 -16.80
C ALA D 23 -32.77 11.16 -16.19
N GLN D 24 -32.05 10.39 -17.00
CA GLN D 24 -31.15 9.39 -16.44
C GLN D 24 -30.03 10.05 -15.64
N THR D 25 -29.42 11.09 -16.21
CA THR D 25 -28.31 11.72 -15.51
C THR D 25 -28.78 12.40 -14.23
N GLU D 26 -29.98 12.98 -14.25
CA GLU D 26 -30.48 13.69 -13.08
C GLU D 26 -30.82 12.74 -11.94
N ARG D 27 -31.45 11.61 -12.25
CA ARG D 27 -31.71 10.63 -11.20
C ARG D 27 -30.40 10.00 -10.71
N SER D 28 -29.47 9.73 -11.63
CA SER D 28 -28.18 9.18 -11.19
C SER D 28 -27.44 10.18 -10.31
N LYS D 29 -27.45 11.46 -10.68
CA LYS D 29 -26.84 12.49 -9.85
C LYS D 29 -27.44 12.49 -8.44
N ARG D 30 -28.76 12.35 -8.34
CA ARG D 30 -29.41 12.38 -7.04
C ARG D 30 -29.19 11.09 -6.25
N ASN D 31 -28.95 9.98 -6.94
CA ASN D 31 -28.84 8.69 -6.26
C ASN D 31 -27.44 8.39 -5.75
N PHE D 32 -26.43 9.14 -6.17
CA PHE D 32 -25.07 8.96 -5.69
C PHE D 32 -24.48 10.29 -5.25
N PRO D 33 -25.03 10.90 -4.18
CA PRO D 33 -24.45 12.14 -3.65
C PRO D 33 -23.27 11.83 -2.72
N VAL D 34 -22.22 11.28 -3.30
CA VAL D 34 -21.11 10.72 -2.53
C VAL D 34 -19.84 11.47 -2.88
N GLY D 35 -19.23 12.09 -1.88
CA GLY D 35 -17.91 12.64 -2.03
C GLY D 35 -17.89 13.94 -2.82
N LYS D 36 -16.69 14.30 -3.24
CA LYS D 36 -16.42 15.58 -3.84
C LYS D 36 -15.65 15.46 -5.15
N GLU D 37 -15.56 14.26 -5.71
CA GLU D 37 -14.70 13.97 -6.86
C GLU D 37 -15.59 13.75 -8.07
N ARG D 38 -15.77 14.79 -8.88
CA ARG D 38 -16.51 14.64 -10.12
C ARG D 38 -15.79 13.66 -11.03
N MET D 39 -16.57 12.88 -11.78
CA MET D 39 -15.98 12.01 -12.79
C MET D 39 -15.12 12.85 -13.72
N PRO D 40 -13.85 12.48 -13.93
CA PRO D 40 -12.94 13.38 -14.63
C PRO D 40 -13.39 13.72 -16.05
N ILE D 41 -13.33 15.00 -16.39
CA ILE D 41 -13.77 15.44 -17.71
C ILE D 41 -12.94 14.76 -18.80
N GLU D 42 -11.71 14.38 -18.50
CA GLU D 42 -10.90 13.70 -19.50
C GLU D 42 -11.56 12.40 -19.96
N VAL D 43 -12.19 11.65 -19.05
CA VAL D 43 -12.85 10.44 -19.52
C VAL D 43 -14.11 10.79 -20.31
N VAL D 44 -14.75 11.92 -19.98
CA VAL D 44 -15.88 12.40 -20.79
C VAL D 44 -15.44 12.62 -22.23
N TYR D 45 -14.29 13.29 -22.41
CA TYR D 45 -13.73 13.47 -23.76
C TYR D 45 -13.41 12.13 -24.41
N GLY D 46 -12.96 11.15 -23.62
CA GLY D 46 -12.76 9.81 -24.15
C GLY D 46 -14.06 9.22 -24.68
N PHE D 47 -15.15 9.39 -23.92
CA PHE D 47 -16.46 8.97 -24.39
C PHE D 47 -16.86 9.69 -25.67
N ALA D 48 -16.55 10.99 -25.77
CA ALA D 48 -16.90 11.73 -26.97
C ALA D 48 -16.15 11.21 -28.19
N GLN D 49 -14.86 10.90 -28.04
CA GLN D 49 -14.14 10.24 -29.13
C GLN D 49 -14.81 8.95 -29.53
N LEU D 50 -15.24 8.17 -28.55
CA LEU D 50 -15.89 6.89 -28.83
C LEU D 50 -17.23 7.08 -29.53
N LYS D 51 -18.06 8.01 -29.04
CA LYS D 51 -19.37 8.24 -29.66
C LYS D 51 -19.21 8.83 -31.06
N ARG D 52 -18.20 9.68 -31.26
CA ARG D 52 -17.91 10.22 -32.59
C ARG D 52 -17.56 9.09 -33.55
N ALA D 53 -16.61 8.23 -33.15
CA ALA D 53 -16.17 7.13 -34.00
C ALA D 53 -17.29 6.12 -34.23
N ALA D 54 -18.10 5.86 -33.21
CA ALA D 54 -19.22 4.93 -33.35
C ALA D 54 -20.27 5.45 -34.33
N ALA D 55 -20.54 6.75 -34.31
CA ALA D 55 -21.48 7.32 -35.27
C ALA D 55 -21.01 7.07 -36.70
N ILE D 56 -19.72 7.31 -36.96
CA ILE D 56 -19.18 7.10 -38.30
C ILE D 56 -19.19 5.62 -38.67
N ALA D 57 -18.74 4.76 -37.75
CA ALA D 57 -18.71 3.33 -38.05
C ALA D 57 -20.11 2.79 -38.29
N ASN D 58 -21.09 3.19 -37.48
CA ASN D 58 -22.46 2.74 -37.71
C ASN D 58 -22.99 3.27 -39.04
N PHE D 59 -22.64 4.50 -39.40
CA PHE D 59 -22.99 5.02 -40.71
C PHE D 59 -22.39 4.15 -41.82
N ASP D 60 -21.10 3.80 -41.69
CA ASP D 60 -20.44 2.97 -42.69
C ASP D 60 -21.16 1.64 -42.87
N LEU D 61 -21.68 1.09 -41.78
CA LEU D 61 -22.40 -0.18 -41.80
C LEU D 61 -23.84 -0.04 -42.22
N GLY D 62 -24.24 1.15 -42.67
CA GLY D 62 -25.62 1.36 -43.09
C GLY D 62 -26.62 1.28 -41.96
N LYS D 63 -26.19 1.52 -40.73
CA LYS D 63 -27.05 1.42 -39.56
C LYS D 63 -27.47 2.78 -39.02
N LEU D 64 -26.90 3.86 -39.53
CA LEU D 64 -27.18 5.21 -39.06
C LEU D 64 -27.28 6.13 -40.27
N SER D 65 -28.22 7.07 -40.22
CA SER D 65 -28.39 7.96 -41.35
C SER D 65 -27.22 8.95 -41.43
N GLU D 66 -27.07 9.55 -42.61
CA GLU D 66 -26.04 10.57 -42.80
C GLU D 66 -26.30 11.77 -41.89
N ALA D 67 -27.54 12.28 -41.87
CA ALA D 67 -27.85 13.46 -41.07
C ALA D 67 -27.63 13.20 -39.59
N LYS D 68 -28.05 12.02 -39.11
CA LYS D 68 -27.82 11.68 -37.71
C LYS D 68 -26.33 11.57 -37.40
N LYS D 69 -25.58 10.91 -38.27
CA LYS D 69 -24.12 10.80 -38.08
C LYS D 69 -23.48 12.18 -38.04
N ASP D 70 -23.84 13.06 -38.98
CA ASP D 70 -23.28 14.40 -39.01
C ASP D 70 -23.63 15.16 -37.73
N ALA D 71 -24.86 15.00 -37.24
CA ALA D 71 -25.29 15.72 -36.05
C ALA D 71 -24.62 15.17 -34.79
N ILE D 72 -24.39 13.85 -34.74
CA ILE D 72 -23.68 13.29 -33.59
C ILE D 72 -22.21 13.71 -33.61
N VAL D 73 -21.57 13.64 -34.78
CA VAL D 73 -20.18 14.08 -34.86
C VAL D 73 -20.05 15.53 -34.41
N TYR D 74 -20.94 16.40 -34.89
CA TYR D 74 -20.94 17.80 -34.47
C TYR D 74 -21.04 17.93 -32.95
N ALA D 75 -22.05 17.27 -32.35
CA ALA D 75 -22.21 17.32 -30.90
C ALA D 75 -20.97 16.80 -30.19
N CYS D 76 -20.37 15.73 -30.72
CA CYS D 76 -19.15 15.22 -30.12
C CYS D 76 -18.02 16.24 -30.22
N ASP D 77 -17.94 16.95 -31.36
CA ASP D 77 -16.90 17.96 -31.48
C ASP D 77 -17.17 19.16 -30.58
N GLN D 78 -18.44 19.40 -30.25
CA GLN D 78 -18.74 20.42 -29.25
C GLN D 78 -18.15 20.05 -27.89
N ILE D 79 -18.34 18.81 -27.46
CA ILE D 79 -17.73 18.35 -26.21
C ILE D 79 -16.21 18.48 -26.27
N LEU D 80 -15.60 17.93 -27.32
CA LEU D 80 -14.14 17.88 -27.38
C LEU D 80 -13.51 19.26 -27.47
N SER D 81 -14.24 20.27 -27.96
CA SER D 81 -13.67 21.62 -27.97
C SER D 81 -13.84 22.33 -26.62
N GLY D 82 -14.29 21.63 -25.59
CA GLY D 82 -14.42 22.22 -24.27
C GLY D 82 -15.53 23.24 -24.10
N GLU D 83 -16.60 23.13 -24.88
CA GLU D 83 -17.72 24.05 -24.76
C GLU D 83 -18.81 23.55 -23.83
N LEU D 84 -18.77 22.29 -23.41
CA LEU D 84 -19.90 21.70 -22.71
C LEU D 84 -19.47 21.03 -21.41
N ASP D 85 -18.39 21.50 -20.78
CA ASP D 85 -17.86 20.78 -19.62
C ASP D 85 -18.84 20.75 -18.46
N GLU D 86 -19.74 21.74 -18.38
CA GLU D 86 -20.64 21.85 -17.23
C GLU D 86 -21.84 20.91 -17.32
N HIS D 87 -21.98 20.17 -18.41
CA HIS D 87 -23.11 19.27 -18.57
C HIS D 87 -22.79 17.84 -18.14
N PHE D 88 -21.73 17.65 -17.33
CA PHE D 88 -21.32 16.34 -16.85
C PHE D 88 -21.10 16.45 -15.35
N PRO D 89 -22.15 16.18 -14.57
CA PRO D 89 -22.09 16.51 -13.14
C PRO D 89 -21.93 15.29 -12.25
N LEU D 90 -21.75 14.11 -12.83
CA LEU D 90 -21.74 12.88 -12.07
C LEU D 90 -20.39 12.66 -11.39
N VAL D 91 -20.43 11.96 -10.25
CA VAL D 91 -19.22 11.76 -9.45
C VAL D 91 -18.49 10.49 -9.87
N VAL D 92 -17.25 10.34 -9.39
CA VAL D 92 -16.52 9.09 -9.56
C VAL D 92 -17.28 7.94 -8.89
N TRP D 93 -17.89 8.20 -7.74
CA TRP D 93 -18.45 7.16 -6.88
C TRP D 93 -19.86 6.76 -7.34
N GLN D 94 -19.95 6.36 -8.61
CA GLN D 94 -21.19 5.90 -9.21
C GLN D 94 -21.18 4.38 -9.32
N THR D 95 -21.89 3.81 -10.30
CA THR D 95 -21.83 2.37 -10.44
C THR D 95 -20.47 1.96 -11.00
N GLY D 96 -20.08 0.71 -10.72
CA GLY D 96 -18.72 0.27 -11.00
C GLY D 96 -18.41 0.06 -12.48
N SER D 97 -19.43 -0.01 -13.32
CA SER D 97 -19.23 -0.11 -14.77
C SER D 97 -19.08 1.25 -15.43
N GLY D 98 -19.34 2.34 -14.72
CA GLY D 98 -19.33 3.65 -15.34
C GLY D 98 -20.49 3.89 -16.27
N THR D 99 -21.55 3.09 -16.16
CA THR D 99 -22.72 3.20 -17.03
C THR D 99 -23.34 4.59 -16.98
N GLN D 100 -23.43 5.17 -15.78
CA GLN D 100 -24.16 6.42 -15.67
C GLN D 100 -23.44 7.54 -16.42
N SER D 101 -22.11 7.56 -16.37
CA SER D 101 -21.40 8.54 -17.19
C SER D 101 -21.52 8.23 -18.67
N ASN D 102 -21.58 6.95 -19.05
CA ASN D 102 -21.89 6.63 -20.44
C ASN D 102 -23.20 7.27 -20.87
N MET D 103 -24.27 7.07 -20.09
N MET D 103 -24.27 7.06 -20.07
CA MET D 103 -25.56 7.61 -20.48
CA MET D 103 -25.58 7.59 -20.40
C MET D 103 -25.61 9.14 -20.35
C MET D 103 -25.61 9.12 -20.34
N ASN D 104 -24.79 9.70 -19.47
CA ASN D 104 -24.63 11.16 -19.41
C ASN D 104 -24.14 11.70 -20.75
N VAL D 105 -23.13 11.04 -21.34
CA VAL D 105 -22.65 11.44 -22.65
C VAL D 105 -23.71 11.17 -23.71
N ASN D 106 -24.41 10.02 -23.63
CA ASN D 106 -25.46 9.76 -24.60
C ASN D 106 -26.52 10.86 -24.59
N GLU D 107 -26.90 11.33 -23.40
CA GLU D 107 -27.98 12.31 -23.32
C GLU D 107 -27.53 13.68 -23.82
N VAL D 108 -26.36 14.14 -23.37
CA VAL D 108 -25.84 15.43 -23.81
C VAL D 108 -25.60 15.42 -25.31
N VAL D 109 -24.95 14.38 -25.83
CA VAL D 109 -24.73 14.26 -27.27
C VAL D 109 -26.07 14.36 -28.00
N SER D 110 -27.07 13.61 -27.54
CA SER D 110 -28.37 13.62 -28.18
C SER D 110 -29.03 14.98 -28.11
N TYR D 111 -28.92 15.67 -26.97
CA TYR D 111 -29.52 16.99 -26.83
C TYR D 111 -28.92 17.96 -27.83
N VAL D 112 -27.59 18.03 -27.89
CA VAL D 112 -26.90 18.94 -28.81
C VAL D 112 -27.11 18.52 -30.25
N ALA D 113 -27.19 17.21 -30.51
CA ALA D 113 -27.38 16.72 -31.86
C ALA D 113 -28.76 17.09 -32.39
N ASN D 114 -29.79 16.96 -31.56
CA ASN D 114 -31.12 17.36 -32.00
C ASN D 114 -31.22 18.87 -32.23
N MET D 115 -30.46 19.67 -31.48
CA MET D 115 -30.41 21.10 -31.79
C MET D 115 -29.82 21.34 -33.17
N TYR D 116 -28.76 20.59 -33.50
CA TYR D 116 -28.16 20.69 -34.83
C TYR D 116 -29.18 20.34 -35.91
N LEU D 117 -29.90 19.22 -35.73
CA LEU D 117 -30.84 18.79 -36.74
C LEU D 117 -31.93 19.84 -36.96
N LYS D 118 -32.39 20.49 -35.89
CA LYS D 118 -33.43 21.50 -36.03
C LYS D 118 -32.90 22.75 -36.73
N ASP D 119 -31.70 23.21 -36.36
CA ASP D 119 -31.10 24.36 -37.03
C ASP D 119 -30.90 24.10 -38.51
N HIS D 120 -30.71 22.85 -38.90
CA HIS D 120 -30.58 22.46 -40.30
C HIS D 120 -31.90 22.01 -40.92
N GLN D 121 -33.00 22.18 -40.20
CA GLN D 121 -34.33 21.86 -40.73
C GLN D 121 -34.42 20.40 -41.17
N SER D 122 -34.10 19.50 -40.25
CA SER D 122 -34.20 18.07 -40.49
C SER D 122 -35.43 17.53 -39.77
N ASP D 123 -36.12 16.60 -40.42
CA ASP D 123 -37.23 15.88 -39.78
C ASP D 123 -36.75 14.78 -38.82
N GLU D 124 -35.47 14.42 -38.82
CA GLU D 124 -35.00 13.29 -38.04
C GLU D 124 -34.72 13.69 -36.60
N SER D 125 -34.63 12.68 -35.72
CA SER D 125 -34.42 12.92 -34.29
C SER D 125 -33.43 11.92 -33.71
N ILE D 126 -32.54 12.41 -32.86
CA ILE D 126 -31.55 11.59 -32.18
C ILE D 126 -32.13 11.11 -30.86
N HIS D 127 -31.90 9.83 -30.56
CA HIS D 127 -32.25 9.26 -29.27
C HIS D 127 -30.99 8.75 -28.57
N PRO D 128 -30.90 8.90 -27.25
CA PRO D 128 -29.63 8.57 -26.57
C PRO D 128 -29.21 7.11 -26.73
N ASN D 129 -30.12 6.17 -26.51
CA ASN D 129 -29.75 4.77 -26.59
C ASN D 129 -29.81 4.23 -28.02
N ASP D 130 -30.94 4.43 -28.69
CA ASP D 130 -31.11 3.85 -30.02
C ASP D 130 -30.09 4.40 -31.01
N ASP D 131 -29.63 5.64 -30.83
CA ASP D 131 -28.72 6.25 -31.79
C ASP D 131 -27.32 6.48 -31.23
N VAL D 132 -27.17 7.27 -30.17
CA VAL D 132 -25.84 7.62 -29.71
C VAL D 132 -25.11 6.39 -29.16
N ASN D 133 -25.84 5.45 -28.56
CA ASN D 133 -25.26 4.25 -27.98
C ASN D 133 -25.42 3.03 -28.88
N LYS D 134 -25.75 3.24 -30.15
CA LYS D 134 -25.98 2.13 -31.07
C LYS D 134 -24.75 1.22 -31.17
N SER D 135 -25.00 -0.09 -31.23
CA SER D 135 -23.96 -1.11 -31.37
C SER D 135 -23.05 -1.21 -30.14
N GLN D 136 -23.32 -0.38 -29.14
CA GLN D 136 -22.53 -0.32 -27.92
C GLN D 136 -23.28 -0.98 -26.78
N SER D 137 -22.59 -1.07 -25.64
CA SER D 137 -23.21 -1.52 -24.41
C SER D 137 -22.69 -0.65 -23.27
N SER D 138 -23.40 -0.70 -22.15
CA SER D 138 -22.93 0.01 -20.97
C SER D 138 -21.58 -0.49 -20.47
N ASN D 139 -21.13 -1.66 -20.92
CA ASN D 139 -19.98 -2.31 -20.29
C ASN D 139 -18.69 -2.17 -21.07
N ASP D 140 -18.73 -2.09 -22.40
CA ASP D 140 -17.50 -1.97 -23.17
C ASP D 140 -17.16 -0.52 -23.51
N THR D 141 -18.03 0.44 -23.17
CA THR D 141 -17.76 1.83 -23.51
C THR D 141 -16.85 2.51 -22.50
N PHE D 142 -17.16 2.40 -21.21
CA PHE D 142 -16.30 3.06 -20.22
C PHE D 142 -14.86 2.57 -20.24
N PRO D 143 -14.55 1.27 -20.38
CA PRO D 143 -13.14 0.89 -20.50
C PRO D 143 -12.49 1.45 -21.74
N THR D 144 -13.24 1.58 -22.84
CA THR D 144 -12.71 2.22 -24.04
C THR D 144 -12.38 3.69 -23.78
N ALA D 145 -13.34 4.43 -23.19
CA ALA D 145 -13.10 5.83 -22.88
C ALA D 145 -11.93 5.98 -21.91
N MET D 146 -11.83 5.09 -20.93
CA MET D 146 -10.74 5.13 -19.97
C MET D 146 -9.38 5.00 -20.66
N HIS D 147 -9.21 3.97 -21.50
CA HIS D 147 -7.94 3.79 -22.18
C HIS D 147 -7.64 4.93 -23.13
N VAL D 148 -8.65 5.39 -23.87
CA VAL D 148 -8.44 6.54 -24.75
C VAL D 148 -7.94 7.73 -23.95
N ALA D 149 -8.60 8.02 -22.82
CA ALA D 149 -8.24 9.20 -22.04
C ALA D 149 -6.89 9.03 -21.36
N LEU D 150 -6.61 7.84 -20.79
CA LEU D 150 -5.32 7.63 -20.11
C LEU D 150 -4.15 7.74 -21.07
N TYR D 151 -4.26 7.12 -22.24
CA TYR D 151 -3.18 7.22 -23.22
C TYR D 151 -2.97 8.66 -23.67
N GLN D 152 -4.07 9.38 -23.95
CA GLN D 152 -3.91 10.78 -24.35
C GLN D 152 -3.25 11.60 -23.25
N GLU D 153 -3.61 11.32 -21.99
CA GLU D 153 -3.03 12.06 -20.87
C GLU D 153 -1.52 11.82 -20.78
N VAL D 154 -1.09 10.58 -21.05
CA VAL D 154 0.33 10.30 -21.11
C VAL D 154 0.98 11.09 -22.24
N GLU D 155 0.34 11.12 -23.40
CA GLU D 155 0.96 11.75 -24.57
C GLU D 155 1.04 13.27 -24.42
N THR D 156 -0.04 13.90 -23.94
CA THR D 156 -0.12 15.36 -23.96
C THR D 156 0.41 16.03 -22.70
N LYS D 157 0.37 15.35 -21.56
CA LYS D 157 0.80 15.94 -20.29
C LYS D 157 2.09 15.31 -19.77
N LEU D 158 2.10 13.99 -19.59
CA LEU D 158 3.22 13.34 -18.91
C LEU D 158 4.49 13.34 -19.76
N GLU D 159 4.38 12.93 -21.02
CA GLU D 159 5.58 12.90 -21.88
C GLU D 159 6.24 14.26 -22.00
N PRO D 160 5.54 15.36 -22.37
CA PRO D 160 6.26 16.64 -22.50
C PRO D 160 6.88 17.11 -21.21
N ALA D 161 6.23 16.87 -20.07
CA ALA D 161 6.80 17.28 -18.80
C ALA D 161 8.03 16.45 -18.44
N LEU D 162 7.98 15.13 -18.62
CA LEU D 162 9.14 14.29 -18.38
C LEU D 162 10.33 14.77 -19.21
N LYS D 163 10.10 15.04 -20.50
CA LYS D 163 11.17 15.50 -21.37
C LYS D 163 11.68 16.87 -20.96
N LEU D 164 10.79 17.75 -20.49
CA LEU D 164 11.21 19.08 -20.03
C LEU D 164 12.18 18.97 -18.85
N LEU D 165 11.77 18.26 -17.80
CA LEU D 165 12.64 18.09 -16.64
C LEU D 165 13.92 17.36 -17.00
N ARG D 166 13.80 16.26 -17.77
CA ARG D 166 14.99 15.50 -18.16
C ARG D 166 15.98 16.38 -18.92
N ASN D 167 15.51 17.16 -19.88
CA ASN D 167 16.45 17.99 -20.64
C ASN D 167 17.12 19.02 -19.74
N THR D 168 16.41 19.55 -18.74
CA THR D 168 17.07 20.48 -17.82
C THR D 168 18.16 19.78 -17.01
N LEU D 169 17.85 18.62 -16.44
CA LEU D 169 18.86 17.91 -15.67
C LEU D 169 20.06 17.53 -16.54
N LYS D 170 19.81 17.10 -17.77
CA LYS D 170 20.92 16.82 -18.69
C LYS D 170 21.78 18.05 -18.89
N GLU D 171 21.17 19.23 -19.03
CA GLU D 171 21.95 20.45 -19.26
C GLU D 171 22.77 20.81 -18.03
N LYS D 172 22.18 20.70 -16.84
CA LYS D 172 22.92 20.92 -15.60
C LYS D 172 24.05 19.89 -15.46
N GLU D 173 23.80 18.65 -15.87
CA GLU D 173 24.83 17.62 -15.84
C GLU D 173 26.03 18.01 -16.70
N ASP D 174 25.78 18.56 -17.89
CA ASP D 174 26.88 18.92 -18.78
C ASP D 174 27.62 20.16 -18.27
N LYS D 175 26.88 21.13 -17.71
CA LYS D 175 27.52 22.37 -17.27
C LYS D 175 28.35 22.16 -16.01
N PHE D 176 27.88 21.31 -15.11
CA PHE D 176 28.54 21.08 -13.83
C PHE D 176 29.44 19.85 -13.86
N ASP D 177 29.80 19.39 -15.05
CA ASP D 177 30.61 18.19 -15.14
C ASP D 177 32.02 18.41 -14.60
N SER D 178 32.56 19.61 -14.73
CA SER D 178 33.91 19.91 -14.28
C SER D 178 33.97 20.22 -12.78
N ILE D 179 32.85 20.23 -12.08
CA ILE D 179 32.81 20.55 -10.65
C ILE D 179 32.95 19.26 -9.85
N ILE D 180 34.06 19.14 -9.10
CA ILE D 180 34.34 17.95 -8.30
C ILE D 180 33.87 18.17 -6.87
N LYS D 181 32.95 17.34 -6.41
CA LYS D 181 32.48 17.38 -5.03
C LYS D 181 32.83 16.06 -4.33
N ILE D 182 32.38 15.92 -3.07
CA ILE D 182 32.64 14.74 -2.26
C ILE D 182 31.37 13.89 -2.23
N GLY D 183 31.47 12.65 -2.69
CA GLY D 183 30.34 11.75 -2.61
C GLY D 183 29.99 11.40 -1.18
N ARG D 184 28.77 10.87 -1.02
CA ARG D 184 28.26 10.44 0.27
C ARG D 184 27.50 9.15 0.07
N THR D 185 27.87 8.13 0.85
CA THR D 185 27.21 6.83 0.92
C THR D 185 26.91 6.57 2.39
N HIS D 186 25.68 6.12 2.68
CA HIS D 186 25.20 5.98 4.07
C HIS D 186 25.14 7.33 4.79
N LEU D 187 25.17 8.44 4.06
CA LEU D 187 25.27 9.82 4.57
C LEU D 187 26.67 10.16 5.06
N GLN D 188 27.63 9.25 4.86
CA GLN D 188 29.01 9.41 5.30
C GLN D 188 29.87 9.87 4.14
N ASP D 189 30.91 10.64 4.44
CA ASP D 189 31.88 11.08 3.43
C ASP D 189 32.41 9.91 2.63
N ALA D 190 32.53 10.11 1.31
CA ALA D 190 33.05 9.08 0.42
C ALA D 190 34.03 9.73 -0.56
N THR D 191 34.45 8.96 -1.57
CA THR D 191 35.42 9.44 -2.56
C THR D 191 34.80 10.55 -3.43
N PRO D 192 35.63 11.28 -4.19
CA PRO D 192 35.09 12.38 -5.00
C PRO D 192 34.14 11.88 -6.09
N ILE D 193 33.29 12.80 -6.52
CA ILE D 193 32.37 12.59 -7.64
C ILE D 193 32.11 13.94 -8.27
N LYS D 194 32.02 13.97 -9.60
CA LYS D 194 31.64 15.19 -10.28
C LYS D 194 30.21 15.55 -9.92
N LEU D 195 29.95 16.85 -9.71
CA LEU D 195 28.57 17.26 -9.50
C LEU D 195 27.70 16.84 -10.67
N GLY D 196 28.25 16.96 -11.90
CA GLY D 196 27.50 16.53 -13.06
C GLY D 196 27.22 15.04 -13.09
N GLN D 197 28.15 14.24 -12.54
CA GLN D 197 27.93 12.80 -12.42
C GLN D 197 26.78 12.49 -11.47
N GLU D 198 26.75 13.15 -10.31
CA GLU D 198 25.62 13.00 -9.40
C GLU D 198 24.31 13.37 -10.08
N ILE D 199 24.30 14.49 -10.79
CA ILE D 199 23.09 14.91 -11.51
C ILE D 199 22.75 13.89 -12.59
N SER D 200 23.78 13.31 -13.24
CA SER D 200 23.56 12.32 -14.28
C SER D 200 22.75 11.13 -13.77
N GLY D 201 22.86 10.81 -12.48
CA GLY D 201 22.03 9.75 -11.90
C GLY D 201 20.55 10.11 -11.91
N TRP D 202 20.21 11.34 -11.50
CA TRP D 202 18.83 11.81 -11.63
C TRP D 202 18.37 11.77 -13.08
N ARG D 203 19.22 12.25 -13.99
CA ARG D 203 18.85 12.32 -15.39
C ARG D 203 18.59 10.93 -15.95
N TYR D 204 19.42 9.96 -15.61
CA TYR D 204 19.23 8.62 -16.17
C TYR D 204 18.01 7.93 -15.55
N MET D 205 17.72 8.23 -14.28
CA MET D 205 16.43 7.85 -13.71
C MET D 205 15.28 8.24 -14.62
N LEU D 206 15.30 9.47 -15.14
CA LEU D 206 14.20 9.92 -15.99
C LEU D 206 14.25 9.26 -17.36
N ASP D 207 15.46 9.03 -17.90
CA ASP D 207 15.60 8.22 -19.10
C ASP D 207 15.05 6.81 -18.89
N ARG D 208 15.34 6.20 -17.74
CA ARG D 208 14.85 4.84 -17.48
C ARG D 208 13.32 4.80 -17.43
N CYS D 209 12.72 5.73 -16.70
CA CYS D 209 11.26 5.81 -16.67
C CYS D 209 10.67 6.09 -18.05
N GLU D 210 11.38 6.83 -18.89
CA GLU D 210 10.88 7.07 -20.25
C GLU D 210 10.88 5.79 -21.06
N THR D 211 11.98 5.04 -21.01
CA THR D 211 12.03 3.73 -21.65
C THR D 211 10.90 2.84 -21.15
N MET D 212 10.70 2.79 -19.84
CA MET D 212 9.70 1.89 -19.27
C MET D 212 8.29 2.38 -19.56
N LEU D 213 8.08 3.71 -19.59
CA LEU D 213 6.77 4.24 -19.94
C LEU D 213 6.41 3.94 -21.39
N SER D 214 7.40 3.89 -22.29
CA SER D 214 7.08 3.56 -23.67
C SER D 214 6.62 2.12 -23.80
N GLU D 215 7.14 1.23 -22.96
CA GLU D 215 6.71 -0.16 -22.98
C GLU D 215 5.29 -0.30 -22.43
N SER D 216 5.03 0.27 -21.25
CA SER D 216 3.76 0.03 -20.59
C SER D 216 2.62 0.83 -21.21
N LYS D 217 2.89 2.02 -21.75
CA LYS D 217 1.80 2.82 -22.31
C LYS D 217 1.24 2.19 -23.58
N LYS D 218 2.05 1.40 -24.28
CA LYS D 218 1.60 0.78 -25.52
C LYS D 218 0.42 -0.15 -25.29
N HIS D 219 0.34 -0.80 -24.11
CA HIS D 219 -0.74 -1.75 -23.87
C HIS D 219 -2.07 -1.07 -23.58
N ILE D 220 -2.03 0.22 -23.24
CA ILE D 220 -3.24 1.03 -23.09
C ILE D 220 -3.90 1.33 -24.42
N LEU D 221 -3.23 1.07 -25.55
CA LEU D 221 -3.84 1.25 -26.86
C LEU D 221 -4.88 0.20 -27.19
N ASN D 222 -4.98 -0.87 -26.39
CA ASN D 222 -5.94 -1.95 -26.64
C ASN D 222 -7.29 -1.60 -26.04
N LEU D 223 -8.32 -1.54 -26.87
CA LEU D 223 -9.64 -1.05 -26.48
C LEU D 223 -10.64 -2.20 -26.40
N ALA D 224 -11.56 -2.08 -25.44
CA ALA D 224 -12.63 -3.05 -25.27
C ALA D 224 -13.74 -2.92 -26.29
N ILE D 225 -13.88 -1.77 -26.97
CA ILE D 225 -15.07 -1.53 -27.79
C ILE D 225 -15.27 -2.68 -28.75
N GLY D 226 -16.51 -3.16 -28.85
CA GLY D 226 -16.86 -4.31 -29.66
C GLY D 226 -17.20 -5.55 -28.85
N GLY D 227 -16.80 -5.62 -27.59
CA GLY D 227 -17.20 -6.75 -26.77
C GLY D 227 -18.65 -6.72 -26.32
N THR D 228 -19.30 -5.55 -26.42
CA THR D 228 -20.62 -5.28 -25.89
C THR D 228 -20.75 -5.81 -24.47
N ALA D 229 -21.86 -6.48 -24.15
CA ALA D 229 -22.24 -6.61 -22.74
C ALA D 229 -21.32 -7.57 -21.98
N VAL D 230 -21.04 -8.75 -22.52
CA VAL D 230 -20.25 -9.74 -21.79
C VAL D 230 -18.96 -10.11 -22.50
N GLY D 231 -18.62 -9.43 -23.59
CA GLY D 231 -17.43 -9.75 -24.35
C GLY D 231 -17.67 -10.54 -25.62
N THR D 232 -18.87 -11.12 -25.77
CA THR D 232 -19.17 -11.95 -26.93
C THR D 232 -19.40 -11.13 -28.19
N GLY D 233 -19.70 -9.83 -28.06
CA GLY D 233 -19.98 -9.02 -29.21
C GLY D 233 -21.39 -9.09 -29.74
N ILE D 234 -22.30 -9.76 -29.03
CA ILE D 234 -23.68 -9.83 -29.47
C ILE D 234 -24.24 -8.41 -29.55
N ASN D 235 -25.18 -8.21 -30.48
CA ASN D 235 -25.81 -6.90 -30.74
C ASN D 235 -24.82 -5.89 -31.32
N ALA D 236 -23.75 -6.39 -31.95
CA ALA D 236 -22.81 -5.53 -32.65
C ALA D 236 -22.37 -6.21 -33.94
N HIS D 237 -22.08 -5.41 -34.95
CA HIS D 237 -21.58 -5.95 -36.21
C HIS D 237 -20.15 -6.44 -36.01
N PRO D 238 -19.76 -7.54 -36.67
CA PRO D 238 -18.41 -8.09 -36.46
C PRO D 238 -17.29 -7.12 -36.79
N GLU D 239 -17.55 -6.08 -37.58
CA GLU D 239 -16.53 -5.09 -37.91
C GLU D 239 -16.63 -3.82 -37.07
N PHE D 240 -17.64 -3.71 -36.21
CA PHE D 240 -17.90 -2.45 -35.52
C PHE D 240 -16.73 -2.04 -34.64
N GLY D 241 -16.26 -2.95 -33.79
CA GLY D 241 -15.21 -2.60 -32.86
C GLY D 241 -13.94 -2.12 -33.54
N ASP D 242 -13.51 -2.85 -34.58
CA ASP D 242 -12.31 -2.45 -35.31
C ASP D 242 -12.51 -1.11 -36.00
N LYS D 243 -13.71 -0.87 -36.52
CA LYS D 243 -14.01 0.40 -37.16
C LYS D 243 -13.90 1.56 -36.17
N VAL D 244 -14.49 1.40 -34.98
CA VAL D 244 -14.42 2.45 -33.96
C VAL D 244 -12.97 2.74 -33.60
N ALA D 245 -12.20 1.69 -33.27
CA ALA D 245 -10.80 1.89 -32.91
C ALA D 245 -10.06 2.63 -34.02
N HIS D 246 -10.38 2.31 -35.28
CA HIS D 246 -9.76 2.99 -36.41
C HIS D 246 -10.08 4.48 -36.40
N TYR D 247 -11.35 4.84 -36.19
CA TYR D 247 -11.73 6.25 -36.26
C TYR D 247 -11.23 7.05 -35.07
N ILE D 248 -11.19 6.45 -33.88
CA ILE D 248 -10.56 7.11 -32.74
C ILE D 248 -9.09 7.38 -33.02
N SER D 249 -8.40 6.43 -33.67
CA SER D 249 -7.03 6.65 -34.09
C SER D 249 -6.94 7.80 -35.08
N GLU D 250 -7.82 7.80 -36.08
CA GLU D 250 -7.85 8.90 -37.04
C GLU D 250 -8.01 10.24 -36.33
N ASN D 251 -8.95 10.32 -35.40
CA ASN D 251 -9.23 11.61 -34.78
C ASN D 251 -8.18 12.02 -33.76
N THR D 252 -7.47 11.08 -33.15
CA THR D 252 -6.51 11.42 -32.10
C THR D 252 -5.07 11.40 -32.54
N GLY D 253 -4.73 10.67 -33.61
CA GLY D 253 -3.34 10.49 -33.97
C GLY D 253 -2.60 9.42 -33.19
N TYR D 254 -3.30 8.63 -32.36
CA TYR D 254 -2.71 7.55 -31.57
C TYR D 254 -3.14 6.20 -32.12
N PRO D 255 -2.25 5.20 -32.16
CA PRO D 255 -2.63 3.96 -32.87
C PRO D 255 -3.42 2.99 -32.00
N PHE D 256 -4.69 3.34 -31.75
CA PHE D 256 -5.56 2.46 -30.98
C PHE D 256 -5.93 1.24 -31.81
N VAL D 257 -6.18 0.13 -31.11
CA VAL D 257 -6.66 -1.10 -31.74
C VAL D 257 -7.74 -1.69 -30.84
N SER D 258 -8.59 -2.51 -31.44
CA SER D 258 -9.57 -3.27 -30.69
C SER D 258 -8.87 -4.48 -30.08
N SER D 259 -9.21 -4.79 -28.83
CA SER D 259 -8.47 -5.80 -28.10
C SER D 259 -8.59 -7.16 -28.77
N GLU D 260 -7.51 -7.94 -28.67
CA GLU D 260 -7.51 -9.31 -29.20
C GLU D 260 -8.44 -10.23 -28.42
N ASN D 261 -8.82 -9.88 -27.18
CA ASN D 261 -9.67 -10.72 -26.36
C ASN D 261 -10.60 -9.82 -25.54
N LYS D 262 -11.85 -9.71 -25.97
CA LYS D 262 -12.78 -8.81 -25.30
C LYS D 262 -13.16 -9.29 -23.91
N PHE D 263 -13.01 -10.57 -23.61
CA PHE D 263 -13.30 -11.03 -22.26
C PHE D 263 -12.28 -10.50 -21.26
N HIS D 264 -11.00 -10.56 -21.63
CA HIS D 264 -9.97 -9.85 -20.88
C HIS D 264 -10.27 -8.35 -20.80
N ALA D 265 -10.74 -7.78 -21.91
CA ALA D 265 -10.94 -6.33 -21.98
C ALA D 265 -11.99 -5.83 -20.99
N LEU D 266 -12.96 -6.67 -20.66
CA LEU D 266 -13.98 -6.30 -19.68
C LEU D 266 -13.62 -6.68 -18.25
N THR D 267 -12.81 -7.73 -18.06
CA THR D 267 -12.61 -8.32 -16.75
C THR D 267 -11.27 -7.97 -16.11
N ALA D 268 -10.34 -7.37 -16.84
CA ALA D 268 -8.98 -7.21 -16.35
C ALA D 268 -8.55 -5.75 -16.39
N HIS D 269 -7.61 -5.38 -15.51
CA HIS D 269 -6.96 -4.09 -15.69
C HIS D 269 -5.45 -4.19 -15.48
N ASP D 270 -4.89 -5.36 -15.81
CA ASP D 270 -3.46 -5.59 -15.64
C ASP D 270 -2.61 -4.66 -16.49
N GLU D 271 -3.14 -4.22 -17.64
CA GLU D 271 -2.42 -3.24 -18.45
C GLU D 271 -2.35 -1.89 -17.73
N VAL D 272 -3.43 -1.48 -17.06
CA VAL D 272 -3.37 -0.24 -16.26
C VAL D 272 -2.52 -0.44 -15.00
N VAL D 273 -2.58 -1.63 -14.37
CA VAL D 273 -1.72 -1.89 -13.22
C VAL D 273 -0.25 -1.80 -13.62
N GLN D 274 0.13 -2.37 -14.78
CA GLN D 274 1.50 -2.24 -15.26
C GLN D 274 1.87 -0.78 -15.50
N LEU D 275 1.00 -0.02 -16.18
CA LEU D 275 1.28 1.39 -16.40
C LEU D 275 1.47 2.11 -15.07
N HIS D 276 0.58 1.85 -14.10
CA HIS D 276 0.71 2.55 -12.84
C HIS D 276 1.98 2.14 -12.11
N GLY D 277 2.50 0.94 -12.38
CA GLY D 277 3.80 0.57 -11.87
C GLY D 277 4.91 1.47 -12.39
N THR D 278 4.85 1.81 -13.68
CA THR D 278 5.79 2.81 -14.21
C THR D 278 5.65 4.14 -13.48
N LEU D 279 4.40 4.59 -13.26
CA LEU D 279 4.16 5.86 -12.58
C LEU D 279 4.73 5.84 -11.17
N LYS D 280 4.57 4.73 -10.45
N LYS D 280 4.57 4.72 -10.46
CA LYS D 280 5.15 4.64 -9.11
CA LYS D 280 5.12 4.55 -9.11
C LYS D 280 6.67 4.62 -9.16
C LYS D 280 6.65 4.54 -9.14
N ALA D 281 7.24 3.97 -10.18
CA ALA D 281 8.70 4.00 -10.34
C ALA D 281 9.21 5.41 -10.52
N LEU D 282 8.53 6.19 -11.38
CA LEU D 282 8.86 7.60 -11.59
C LEU D 282 8.64 8.41 -10.32
N ALA D 283 7.53 8.17 -9.62
CA ALA D 283 7.28 8.89 -8.37
C ALA D 283 8.42 8.68 -7.38
N GLY D 284 8.88 7.45 -7.22
CA GLY D 284 9.96 7.22 -6.28
C GLY D 284 11.26 7.86 -6.72
N ASP D 285 11.54 7.82 -8.02
CA ASP D 285 12.70 8.53 -8.56
C ASP D 285 12.61 10.03 -8.29
N LEU D 286 11.43 10.62 -8.51
CA LEU D 286 11.28 12.06 -8.30
C LEU D 286 11.42 12.41 -6.83
N MET D 287 10.95 11.54 -5.94
CA MET D 287 11.15 11.79 -4.52
C MET D 287 12.62 11.82 -4.17
N LYS D 288 13.39 10.85 -4.68
CA LYS D 288 14.84 10.80 -4.43
C LYS D 288 15.54 12.04 -4.97
N ILE D 289 15.26 12.39 -6.23
CA ILE D 289 15.83 13.60 -6.82
C ILE D 289 15.52 14.82 -5.95
N ALA D 290 14.25 14.99 -5.59
CA ALA D 290 13.82 16.17 -4.86
C ALA D 290 14.47 16.23 -3.49
N ASN D 291 14.65 15.07 -2.84
CA ASN D 291 15.35 15.02 -1.56
C ASN D 291 16.83 15.38 -1.72
N ASP D 292 17.49 14.88 -2.77
CA ASP D 292 18.87 15.30 -3.02
C ASP D 292 18.95 16.81 -3.18
N VAL D 293 18.03 17.39 -3.96
CA VAL D 293 18.07 18.83 -4.19
C VAL D 293 17.92 19.59 -2.89
N ARG D 294 16.90 19.26 -2.09
CA ARG D 294 16.70 20.07 -0.89
C ARG D 294 17.81 19.84 0.13
N TRP D 295 18.35 18.62 0.21
CA TRP D 295 19.50 18.42 1.09
C TRP D 295 20.71 19.20 0.61
N LEU D 296 20.95 19.18 -0.71
CA LEU D 296 22.09 19.94 -1.24
C LEU D 296 21.89 21.44 -1.06
N ALA D 297 20.65 21.89 -1.04
CA ALA D 297 20.36 23.31 -0.86
C ALA D 297 20.23 23.69 0.61
N SER D 298 20.32 22.72 1.52
CA SER D 298 20.09 23.01 2.94
C SER D 298 21.11 23.99 3.47
N GLY D 299 20.66 24.83 4.40
CA GLY D 299 21.50 25.84 5.00
C GLY D 299 20.69 26.99 5.54
N PRO D 300 21.25 28.20 5.50
CA PRO D 300 22.51 28.59 4.85
C PRO D 300 23.78 28.21 5.61
N ARG D 301 23.74 28.12 6.94
CA ARG D 301 24.97 27.87 7.69
C ARG D 301 25.01 26.54 8.43
N ALA D 302 23.88 25.88 8.66
CA ALA D 302 23.87 24.65 9.43
C ALA D 302 23.51 23.42 8.59
N GLY D 303 23.61 23.52 7.27
CA GLY D 303 23.30 22.41 6.39
C GLY D 303 24.44 22.08 5.45
N LEU D 304 24.12 21.59 4.24
CA LEU D 304 25.18 21.21 3.31
C LEU D 304 25.57 22.34 2.36
N ALA D 305 24.60 23.08 1.83
CA ALA D 305 24.86 24.30 1.08
C ALA D 305 25.82 24.09 -0.07
N GLU D 306 25.60 23.02 -0.84
CA GLU D 306 26.37 22.81 -2.06
C GLU D 306 25.77 23.50 -3.27
N ILE D 307 24.46 23.81 -3.24
CA ILE D 307 23.77 24.48 -4.34
C ILE D 307 22.84 25.57 -3.80
N SER D 308 22.47 26.47 -4.70
CA SER D 308 21.37 27.40 -4.48
C SER D 308 20.20 27.06 -5.40
N ILE D 309 19.00 27.37 -4.94
CA ILE D 309 17.79 27.18 -5.74
C ILE D 309 17.06 28.52 -5.75
N PRO D 310 16.20 28.76 -6.75
CA PRO D 310 15.49 30.04 -6.81
C PRO D 310 14.55 30.24 -5.63
N GLU D 311 14.48 31.48 -5.17
CA GLU D 311 13.51 31.87 -4.14
C GLU D 311 12.26 32.42 -4.83
N ASN D 312 11.15 31.71 -4.66
CA ASN D 312 9.88 32.06 -5.30
C ASN D 312 8.90 32.75 -4.35
N GLU D 313 9.05 32.55 -3.05
CA GLU D 313 8.19 33.21 -2.09
C GLU D 313 8.97 34.30 -1.36
N PRO D 314 8.31 35.40 -0.99
CA PRO D 314 9.03 36.48 -0.30
C PRO D 314 9.59 36.01 1.03
N GLY D 315 10.85 36.33 1.28
CA GLY D 315 11.49 35.95 2.53
C GLY D 315 11.37 37.03 3.59
N SER D 316 12.42 37.23 4.37
CA SER D 316 12.46 38.26 5.40
C SER D 316 13.77 39.02 5.31
N SER D 317 13.69 40.35 5.43
CA SER D 317 14.91 41.15 5.48
C SER D 317 15.74 40.82 6.71
N ILE D 318 15.09 40.33 7.78
CA ILE D 318 15.78 39.95 8.99
C ILE D 318 16.20 38.48 8.98
N MET D 319 15.85 37.72 7.94
CA MET D 319 16.33 36.35 7.77
C MET D 319 16.93 36.18 6.37
N PRO D 320 18.06 36.84 6.10
CA PRO D 320 18.69 36.69 4.78
C PRO D 320 19.39 35.35 4.65
N GLY D 321 19.27 34.76 3.45
CA GLY D 321 19.86 33.47 3.15
C GLY D 321 18.91 32.30 3.30
N LYS D 322 17.76 32.48 3.96
CA LYS D 322 16.80 31.39 4.14
C LYS D 322 15.97 31.23 2.88
N VAL D 323 16.09 30.07 2.23
CA VAL D 323 15.25 29.74 1.07
C VAL D 323 14.68 28.37 1.34
N ASN D 324 13.37 28.30 1.62
CA ASN D 324 12.73 27.02 1.81
C ASN D 324 12.58 26.31 0.47
N PRO D 325 12.99 25.05 0.35
CA PRO D 325 12.83 24.33 -0.91
C PRO D 325 11.39 23.91 -1.14
N THR D 326 10.51 24.88 -1.38
CA THR D 326 9.08 24.55 -1.38
C THR D 326 8.67 23.73 -2.60
N GLN D 327 9.40 23.86 -3.72
CA GLN D 327 9.08 23.05 -4.89
C GLN D 327 9.43 21.58 -4.65
N CYS D 328 10.50 21.32 -3.91
CA CYS D 328 10.80 19.95 -3.50
C CYS D 328 9.67 19.37 -2.67
N GLU D 329 9.10 20.17 -1.77
CA GLU D 329 8.04 19.68 -0.91
C GLU D 329 6.80 19.32 -1.72
N MET D 330 6.42 20.18 -2.68
CA MET D 330 5.31 19.85 -3.57
C MET D 330 5.56 18.53 -4.29
N LEU D 331 6.76 18.35 -4.84
CA LEU D 331 7.02 17.17 -5.67
C LEU D 331 7.01 15.89 -4.83
N THR D 332 7.49 15.95 -3.59
CA THR D 332 7.46 14.74 -2.78
C THR D 332 6.07 14.41 -2.28
N MET D 333 5.23 15.42 -2.03
CA MET D 333 3.84 15.13 -1.69
C MET D 333 3.10 14.51 -2.86
N VAL D 334 3.34 15.01 -4.07
CA VAL D 334 2.84 14.35 -5.27
C VAL D 334 3.34 12.91 -5.32
N ALA D 335 4.62 12.68 -5.00
CA ALA D 335 5.19 11.34 -5.08
C ALA D 335 4.46 10.35 -4.17
N VAL D 336 4.20 10.73 -2.92
CA VAL D 336 3.52 9.78 -2.02
C VAL D 336 2.06 9.58 -2.42
N GLN D 337 1.42 10.61 -2.99
CA GLN D 337 0.07 10.42 -3.52
C GLN D 337 0.05 9.34 -4.58
N VAL D 338 1.00 9.38 -5.51
CA VAL D 338 1.06 8.37 -6.56
C VAL D 338 1.22 6.98 -5.95
N MET D 339 1.96 6.88 -4.85
CA MET D 339 2.20 5.57 -4.25
C MET D 339 0.92 5.03 -3.62
N GLY D 340 0.14 5.90 -2.98
CA GLY D 340 -1.16 5.48 -2.48
C GLY D 340 -2.13 5.16 -3.61
N ASN D 341 -2.17 6.00 -4.63
CA ASN D 341 -2.98 5.69 -5.81
C ASN D 341 -2.62 4.33 -6.38
N ASP D 342 -1.34 3.94 -6.30
CA ASP D 342 -0.92 2.63 -6.81
C ASP D 342 -1.56 1.49 -6.04
N THR D 343 -1.69 1.64 -4.72
CA THR D 343 -2.40 0.66 -3.91
C THR D 343 -3.82 0.43 -4.41
N VAL D 344 -4.56 1.52 -4.67
CA VAL D 344 -5.95 1.42 -5.09
C VAL D 344 -6.06 0.64 -6.38
N VAL D 345 -5.24 1.02 -7.36
CA VAL D 345 -5.33 0.45 -8.70
C VAL D 345 -5.01 -1.03 -8.66
N GLY D 346 -3.97 -1.41 -7.91
CA GLY D 346 -3.60 -2.81 -7.82
C GLY D 346 -4.65 -3.66 -7.13
N PHE D 347 -5.28 -3.12 -6.08
N PHE D 347 -5.35 -3.10 -6.15
CA PHE D 347 -6.38 -3.81 -5.40
CA PHE D 347 -6.35 -3.91 -5.46
C PHE D 347 -7.57 -3.94 -6.33
C PHE D 347 -7.68 -3.93 -6.22
N ALA D 348 -8.06 -2.81 -6.85
CA ALA D 348 -9.28 -2.79 -7.65
C ALA D 348 -9.18 -3.73 -8.85
N SER D 349 -8.00 -3.85 -9.46
CA SER D 349 -7.86 -4.73 -10.61
C SER D 349 -7.99 -6.21 -10.24
N SER D 350 -7.84 -6.56 -8.96
CA SER D 350 -7.96 -7.95 -8.54
C SER D 350 -9.39 -8.37 -8.25
N GLN D 351 -10.34 -7.43 -8.26
CA GLN D 351 -11.65 -7.65 -7.63
C GLN D 351 -12.75 -7.96 -8.65
N GLY D 352 -12.38 -8.34 -9.87
CA GLY D 352 -13.37 -8.64 -10.88
C GLY D 352 -14.11 -9.95 -10.60
N ASN D 353 -15.31 -10.05 -11.17
CA ASN D 353 -16.13 -11.24 -11.04
C ASN D 353 -16.66 -11.60 -12.41
N PHE D 354 -16.41 -12.85 -12.83
CA PHE D 354 -16.99 -13.37 -14.06
C PHE D 354 -16.76 -12.45 -15.25
N GLU D 355 -17.82 -11.94 -15.85
CA GLU D 355 -17.71 -11.26 -17.14
C GLU D 355 -17.42 -9.77 -17.04
N LEU D 356 -17.27 -9.21 -15.84
CA LEU D 356 -17.00 -7.78 -15.80
C LEU D 356 -16.32 -7.42 -14.48
N ASN D 357 -15.33 -6.52 -14.57
CA ASN D 357 -14.77 -5.88 -13.40
C ASN D 357 -15.49 -4.55 -13.20
N VAL D 358 -16.17 -4.39 -12.07
CA VAL D 358 -16.96 -3.19 -11.83
C VAL D 358 -16.25 -2.32 -10.78
N TYR D 359 -14.98 -2.00 -11.03
CA TYR D 359 -14.24 -1.03 -10.25
C TYR D 359 -13.66 0.06 -11.16
N LYS D 360 -14.27 0.29 -12.32
CA LYS D 360 -13.60 1.06 -13.36
C LYS D 360 -13.48 2.56 -13.04
N PRO D 361 -14.49 3.22 -12.46
CA PRO D 361 -14.31 4.64 -12.14
C PRO D 361 -13.17 4.91 -11.16
N VAL D 362 -13.09 4.14 -10.07
CA VAL D 362 -12.04 4.42 -9.09
C VAL D 362 -10.66 4.17 -9.72
N ILE D 363 -10.56 3.21 -10.63
CA ILE D 363 -9.29 2.95 -11.33
C ILE D 363 -8.95 4.13 -12.24
N MET D 364 -9.92 4.57 -13.04
CA MET D 364 -9.72 5.74 -13.90
C MET D 364 -9.31 6.96 -13.08
N HIS D 365 -10.04 7.22 -11.99
CA HIS D 365 -9.78 8.39 -11.16
C HIS D 365 -8.34 8.41 -10.65
N ASN D 366 -7.87 7.28 -10.14
CA ASN D 366 -6.55 7.23 -9.52
C ASN D 366 -5.44 7.28 -10.54
N THR D 367 -5.60 6.54 -11.65
CA THR D 367 -4.55 6.50 -12.66
C THR D 367 -4.40 7.87 -13.33
N LEU D 368 -5.50 8.47 -13.76
CA LEU D 368 -5.46 9.80 -14.34
C LEU D 368 -4.80 10.79 -13.39
N GLN D 369 -5.22 10.79 -12.13
CA GLN D 369 -4.65 11.74 -11.16
C GLN D 369 -3.15 11.58 -11.05
N SER D 370 -2.68 10.33 -10.94
CA SER D 370 -1.25 10.08 -10.89
C SER D 370 -0.55 10.66 -12.12
N ILE D 371 -1.14 10.52 -13.30
CA ILE D 371 -0.52 11.03 -14.52
C ILE D 371 -0.36 12.56 -14.45
N TYR D 372 -1.47 13.29 -14.20
CA TYR D 372 -1.36 14.74 -14.25
C TYR D 372 -0.65 15.31 -13.03
N LEU D 373 -0.67 14.63 -11.88
CA LEU D 373 0.13 15.11 -10.76
C LEU D 373 1.62 15.00 -11.06
N LEU D 374 2.05 13.87 -11.62
CA LEU D 374 3.45 13.76 -12.04
C LEU D 374 3.78 14.78 -13.14
N ALA D 375 2.88 14.92 -14.12
CA ALA D 375 3.10 15.87 -15.21
C ALA D 375 3.22 17.30 -14.67
N ASP D 376 2.19 17.76 -13.94
CA ASP D 376 2.24 19.14 -13.43
C ASP D 376 3.37 19.30 -12.44
N GLY D 377 3.63 18.25 -11.64
CA GLY D 377 4.70 18.32 -10.66
C GLY D 377 6.06 18.52 -11.29
N MET D 378 6.37 17.70 -12.30
CA MET D 378 7.66 17.83 -12.99
C MET D 378 7.78 19.17 -13.70
N GLU D 379 6.73 19.60 -14.42
CA GLU D 379 6.77 20.86 -15.14
C GLU D 379 7.03 22.01 -14.19
N THR D 380 6.28 22.06 -13.10
CA THR D 380 6.41 23.15 -12.14
C THR D 380 7.75 23.11 -11.43
N PHE D 381 8.16 21.90 -11.00
CA PHE D 381 9.47 21.75 -10.36
C PHE D 381 10.59 22.15 -11.30
N ASN D 382 10.49 21.76 -12.57
CA ASN D 382 11.44 22.24 -13.59
C ASN D 382 11.46 23.76 -13.65
N ASN D 383 10.31 24.37 -13.91
CA ASN D 383 10.27 25.80 -14.19
C ASN D 383 10.67 26.62 -12.96
N ASN D 384 10.26 26.17 -11.78
CA ASN D 384 10.34 27.01 -10.58
C ASN D 384 11.49 26.61 -9.67
N CYS D 385 12.28 25.60 -10.04
CA CYS D 385 13.39 25.14 -9.20
C CYS D 385 14.54 24.61 -10.05
N ALA D 386 14.30 23.52 -10.80
CA ALA D 386 15.39 22.79 -11.45
C ALA D 386 16.22 23.68 -12.37
N VAL D 387 15.58 24.53 -13.19
CA VAL D 387 16.36 25.37 -14.09
C VAL D 387 17.27 26.33 -13.33
N GLY D 388 16.96 26.61 -12.07
CA GLY D 388 17.75 27.53 -11.27
C GLY D 388 18.75 26.88 -10.33
N ILE D 389 18.94 25.57 -10.42
CA ILE D 389 19.94 24.89 -9.59
C ILE D 389 21.32 25.38 -9.97
N GLU D 390 22.00 26.01 -9.01
CA GLU D 390 23.35 26.50 -9.25
C GLU D 390 24.28 26.04 -8.15
N PRO D 391 25.52 25.70 -8.47
CA PRO D 391 26.47 25.31 -7.43
C PRO D 391 26.95 26.51 -6.63
N ILE D 392 27.33 26.25 -5.38
CA ILE D 392 28.03 27.22 -4.56
C ILE D 392 29.47 26.73 -4.49
N GLU D 393 30.32 27.21 -5.41
N GLU D 393 30.32 27.22 -5.41
CA GLU D 393 31.60 26.55 -5.60
CA GLU D 393 31.62 26.60 -5.62
C GLU D 393 32.55 26.73 -4.43
C GLU D 393 32.50 26.70 -4.39
N GLU D 394 32.39 27.77 -3.62
CA GLU D 394 33.23 27.91 -2.43
C GLU D 394 32.97 26.81 -1.43
N ASN D 395 31.70 26.45 -1.21
CA ASN D 395 31.36 25.39 -0.27
C ASN D 395 31.75 24.03 -0.82
N ILE D 396 31.54 23.81 -2.12
CA ILE D 396 31.96 22.56 -2.74
C ILE D 396 33.48 22.40 -2.69
N ASP D 397 34.22 23.47 -2.99
CA ASP D 397 35.67 23.40 -2.93
C ASP D 397 36.15 23.10 -1.51
N ASN D 398 35.54 23.72 -0.50
CA ASN D 398 35.93 23.43 0.87
C ASN D 398 35.71 21.97 1.22
N TYR D 399 34.58 21.39 0.78
CA TYR D 399 34.37 19.96 1.05
C TYR D 399 35.48 19.11 0.44
N LEU D 400 35.88 19.44 -0.79
CA LEU D 400 36.92 18.65 -1.47
C LEU D 400 38.26 18.81 -0.75
N ASN D 401 38.63 20.06 -0.44
CA ASN D 401 39.95 20.31 0.15
C ASN D 401 40.04 19.82 1.59
N GLN D 402 38.92 19.78 2.31
CA GLN D 402 38.90 19.34 3.70
C GLN D 402 38.68 17.84 3.84
N SER D 403 38.48 17.11 2.76
CA SER D 403 38.08 15.72 2.87
C SER D 403 39.27 14.83 3.16
N LEU D 404 39.05 13.83 4.02
CA LEU D 404 40.03 12.80 4.29
C LEU D 404 39.93 11.64 3.31
N MET D 405 38.85 11.57 2.52
CA MET D 405 38.63 10.42 1.67
C MET D 405 39.52 10.40 0.43
N LEU D 406 40.32 11.44 0.22
CA LEU D 406 41.26 11.47 -0.90
C LEU D 406 42.55 10.71 -0.60
N VAL D 407 42.78 10.29 0.64
CA VAL D 407 44.11 9.83 1.05
C VAL D 407 44.53 8.59 0.28
N THR D 408 43.57 7.77 -0.18
CA THR D 408 43.90 6.52 -0.86
C THR D 408 44.71 6.73 -2.13
N ALA D 409 44.70 7.94 -2.70
CA ALA D 409 45.52 8.24 -3.86
C ALA D 409 47.00 8.32 -3.52
N LEU D 410 47.36 8.38 -2.24
CA LEU D 410 48.75 8.33 -1.83
C LEU D 410 49.31 6.91 -1.81
N ASN D 411 48.43 5.89 -1.82
CA ASN D 411 48.87 4.51 -1.64
C ASN D 411 49.88 4.06 -2.69
N PRO D 412 49.72 4.31 -3.99
CA PRO D 412 50.74 3.87 -4.95
C PRO D 412 52.08 4.55 -4.77
N HIS D 413 52.13 5.67 -4.07
CA HIS D 413 53.36 6.46 -3.97
C HIS D 413 54.14 6.22 -2.69
N ILE D 414 53.49 6.23 -1.53
CA ILE D 414 54.17 6.07 -0.26
C ILE D 414 53.77 4.81 0.50
N GLY D 415 52.78 4.06 0.02
CA GLY D 415 52.35 2.85 0.68
C GLY D 415 51.11 3.07 1.54
N TYR D 416 50.47 1.95 1.90
CA TYR D 416 49.27 2.02 2.73
C TYR D 416 49.57 2.56 4.11
N GLU D 417 50.73 2.21 4.66
CA GLU D 417 51.02 2.53 6.04
C GLU D 417 51.28 4.02 6.23
N LYS D 418 52.11 4.61 5.35
CA LYS D 418 52.40 6.04 5.45
C LYS D 418 51.14 6.87 5.22
N ALA D 419 50.29 6.46 4.28
CA ALA D 419 49.04 7.19 4.05
C ALA D 419 48.14 7.12 5.27
N ALA D 420 48.07 5.95 5.91
CA ALA D 420 47.24 5.79 7.09
C ALA D 420 47.65 6.77 8.20
N GLN D 421 48.96 6.87 8.47
CA GLN D 421 49.41 7.84 9.46
C GLN D 421 48.97 9.24 9.10
N ILE D 422 49.10 9.61 7.82
CA ILE D 422 48.70 10.94 7.39
C ILE D 422 47.21 11.17 7.62
N ALA D 423 46.38 10.17 7.29
CA ALA D 423 44.94 10.32 7.48
C ALA D 423 44.58 10.37 8.95
N LYS D 424 45.21 9.54 9.77
CA LYS D 424 44.96 9.58 11.21
C LYS D 424 45.46 10.88 11.83
N LYS D 425 46.66 11.32 11.44
CA LYS D 425 47.16 12.61 11.90
C LYS D 425 46.22 13.74 11.53
N ALA D 426 45.74 13.75 10.29
CA ALA D 426 44.83 14.83 9.87
C ALA D 426 43.52 14.77 10.64
N HIS D 427 43.06 13.55 10.95
CA HIS D 427 41.82 13.40 11.70
C HIS D 427 41.98 13.89 13.13
N LYS D 428 43.06 13.47 13.78
CA LYS D 428 43.24 13.82 15.19
C LYS D 428 43.56 15.30 15.36
N GLU D 429 44.37 15.86 14.47
CA GLU D 429 44.87 17.23 14.62
C GLU D 429 44.07 18.24 13.80
N GLY D 430 42.94 17.84 13.23
CA GLY D 430 42.12 18.77 12.48
C GLY D 430 42.82 19.40 11.28
N LEU D 431 43.75 18.67 10.67
CA LEU D 431 44.46 19.17 9.50
C LEU D 431 43.77 18.69 8.22
N THR D 432 44.14 19.32 7.11
CA THR D 432 43.86 18.75 5.81
C THR D 432 44.87 17.64 5.51
N LEU D 433 44.55 16.82 4.51
CA LEU D 433 45.50 15.81 4.06
C LEU D 433 46.80 16.44 3.59
N LYS D 434 46.71 17.61 2.94
CA LYS D 434 47.91 18.31 2.50
C LYS D 434 48.74 18.78 3.69
N GLU D 435 48.08 19.36 4.71
CA GLU D 435 48.82 19.80 5.88
C GLU D 435 49.44 18.62 6.62
N SER D 436 48.69 17.52 6.76
CA SER D 436 49.23 16.35 7.43
C SER D 436 50.38 15.73 6.65
N ALA D 437 50.19 15.54 5.33
CA ALA D 437 51.16 14.79 4.54
C ALA D 437 52.51 15.50 4.47
N ILE D 438 52.51 16.82 4.63
CA ILE D 438 53.75 17.59 4.61
C ILE D 438 54.41 17.61 6.00
N GLN D 439 53.60 17.65 7.06
CA GLN D 439 54.16 17.68 8.41
C GLN D 439 54.70 16.32 8.86
N THR D 440 54.29 15.23 8.20
CA THR D 440 54.89 13.92 8.47
C THR D 440 56.22 13.74 7.78
N GLY D 441 56.48 14.51 6.72
CA GLY D 441 57.67 14.35 5.93
C GLY D 441 57.58 13.33 4.83
N TYR D 442 56.44 12.64 4.69
CA TYR D 442 56.30 11.58 3.70
C TYR D 442 56.08 12.13 2.29
N VAL D 443 55.45 13.30 2.16
CA VAL D 443 55.15 13.90 0.87
C VAL D 443 55.54 15.38 0.94
N THR D 444 56.11 15.91 -0.15
CA THR D 444 56.41 17.32 -0.25
C THR D 444 55.20 18.08 -0.81
N GLU D 445 55.37 19.39 -0.97
CA GLU D 445 54.31 20.21 -1.57
C GLU D 445 54.11 19.83 -3.04
N GLU D 446 55.19 19.77 -3.81
CA GLU D 446 55.09 19.44 -5.24
C GLU D 446 54.56 18.03 -5.44
N GLN D 447 55.00 17.07 -4.61
CA GLN D 447 54.50 15.71 -4.74
C GLN D 447 53.01 15.63 -4.45
N PHE D 448 52.55 16.35 -3.43
CA PHE D 448 51.13 16.26 -3.09
C PHE D 448 50.27 16.84 -4.20
N GLU D 449 50.68 17.96 -4.78
CA GLU D 449 49.93 18.53 -5.90
C GLU D 449 49.96 17.61 -7.11
N ALA D 450 51.03 16.83 -7.27
CA ALA D 450 51.13 15.90 -8.39
C ALA D 450 50.43 14.57 -8.15
N TRP D 451 50.43 14.09 -6.91
CA TRP D 451 49.88 12.76 -6.61
C TRP D 451 48.38 12.78 -6.33
N ILE D 452 47.85 13.89 -5.82
CA ILE D 452 46.43 14.00 -5.47
C ILE D 452 45.74 14.92 -6.46
N LYS D 453 45.15 14.33 -7.50
CA LYS D 453 44.38 15.08 -8.50
C LYS D 453 42.95 14.58 -8.47
N PRO D 454 42.02 15.32 -7.83
CA PRO D 454 40.64 14.83 -7.76
C PRO D 454 40.04 14.58 -9.13
N GLU D 455 40.51 15.26 -10.17
CA GLU D 455 39.99 15.02 -11.51
C GLU D 455 40.40 13.66 -12.05
N ASP D 456 41.37 12.99 -11.43
CA ASP D 456 41.71 11.62 -11.79
C ASP D 456 41.05 10.60 -10.88
N MET D 457 40.19 11.03 -9.96
CA MET D 457 39.58 10.15 -8.97
C MET D 457 38.09 9.93 -9.21
N VAL D 458 37.59 10.26 -10.40
CA VAL D 458 36.17 10.17 -10.67
C VAL D 458 35.92 9.35 -11.93
N ASP D 459 36.90 8.51 -12.29
CA ASP D 459 36.80 7.65 -13.47
C ASP D 459 37.64 6.42 -13.22
N PRO D 460 37.32 5.31 -13.87
CA PRO D 460 38.21 4.13 -13.82
C PRO D 460 39.53 4.44 -14.52
N HIS D 461 40.58 3.75 -14.07
CA HIS D 461 41.89 3.91 -14.69
C HIS D 461 42.63 2.58 -14.69
#